data_1QQ3
# 
_entry.id   1QQ3 
# 
_audit_conform.dict_name       mmcif_pdbx.dic 
_audit_conform.dict_version    5.397 
_audit_conform.dict_location   http://mmcif.pdb.org/dictionaries/ascii/mmcif_pdbx.dic 
# 
loop_
_database_2.database_id 
_database_2.database_code 
_database_2.pdbx_database_accession 
_database_2.pdbx_DOI 
PDB   1QQ3         pdb_00001qq3 10.2210/pdb1qq3/pdb 
RCSB  RCSB009166   ?            ?                   
WWPDB D_1000009166 ?            ?                   
# 
loop_
_pdbx_audit_revision_history.ordinal 
_pdbx_audit_revision_history.data_content_type 
_pdbx_audit_revision_history.major_revision 
_pdbx_audit_revision_history.minor_revision 
_pdbx_audit_revision_history.revision_date 
1 'Structure model' 1 0 2000-05-24 
2 'Structure model' 1 1 2008-04-27 
3 'Structure model' 1 2 2011-07-13 
4 'Structure model' 1 3 2021-11-03 
5 'Structure model' 1 4 2024-10-09 
# 
_pdbx_audit_revision_details.ordinal             1 
_pdbx_audit_revision_details.revision_ordinal    1 
_pdbx_audit_revision_details.data_content_type   'Structure model' 
_pdbx_audit_revision_details.provider            repository 
_pdbx_audit_revision_details.type                'Initial release' 
_pdbx_audit_revision_details.description         ? 
_pdbx_audit_revision_details.details             ? 
# 
loop_
_pdbx_audit_revision_group.ordinal 
_pdbx_audit_revision_group.revision_ordinal 
_pdbx_audit_revision_group.data_content_type 
_pdbx_audit_revision_group.group 
1 2 'Structure model' 'Version format compliance' 
2 3 'Structure model' 'Version format compliance' 
3 4 'Structure model' 'Data collection'           
4 4 'Structure model' 'Database references'       
5 4 'Structure model' 'Derived calculations'      
6 5 'Structure model' 'Data collection'           
7 5 'Structure model' 'Structure summary'         
# 
loop_
_pdbx_audit_revision_category.ordinal 
_pdbx_audit_revision_category.revision_ordinal 
_pdbx_audit_revision_category.data_content_type 
_pdbx_audit_revision_category.category 
1  4 'Structure model' database_2                
2  4 'Structure model' pdbx_nmr_software         
3  4 'Structure model' pdbx_nmr_spectrometer     
4  4 'Structure model' pdbx_struct_assembly      
5  4 'Structure model' pdbx_struct_conn_angle    
6  4 'Structure model' pdbx_struct_oper_list     
7  4 'Structure model' struct_conn               
8  4 'Structure model' struct_ref_seq_dif        
9  4 'Structure model' struct_site               
10 5 'Structure model' chem_comp_atom            
11 5 'Structure model' chem_comp_bond            
12 5 'Structure model' pdbx_entry_details        
13 5 'Structure model' pdbx_modification_feature 
14 5 'Structure model' pdbx_validate_chiral      
# 
loop_
_pdbx_audit_revision_item.ordinal 
_pdbx_audit_revision_item.revision_ordinal 
_pdbx_audit_revision_item.data_content_type 
_pdbx_audit_revision_item.item 
1  4 'Structure model' '_database_2.pdbx_DOI'                        
2  4 'Structure model' '_database_2.pdbx_database_accession'         
3  4 'Structure model' '_pdbx_nmr_software.name'                     
4  4 'Structure model' '_pdbx_nmr_spectrometer.model'                
5  4 'Structure model' '_pdbx_struct_conn_angle.ptnr1_auth_comp_id'  
6  4 'Structure model' '_pdbx_struct_conn_angle.ptnr1_auth_seq_id'   
7  4 'Structure model' '_pdbx_struct_conn_angle.ptnr1_label_atom_id' 
8  4 'Structure model' '_pdbx_struct_conn_angle.ptnr1_label_comp_id' 
9  4 'Structure model' '_pdbx_struct_conn_angle.ptnr1_label_seq_id'  
10 4 'Structure model' '_pdbx_struct_conn_angle.ptnr3_auth_comp_id'  
11 4 'Structure model' '_pdbx_struct_conn_angle.ptnr3_auth_seq_id'   
12 4 'Structure model' '_pdbx_struct_conn_angle.ptnr3_label_atom_id' 
13 4 'Structure model' '_pdbx_struct_conn_angle.ptnr3_label_comp_id' 
14 4 'Structure model' '_pdbx_struct_conn_angle.ptnr3_label_seq_id'  
15 4 'Structure model' '_pdbx_struct_conn_angle.value'               
16 4 'Structure model' '_struct_conn.pdbx_dist_value'                
17 4 'Structure model' '_struct_conn.pdbx_leaving_atom_flag'         
18 4 'Structure model' '_struct_conn.ptnr1_auth_comp_id'             
19 4 'Structure model' '_struct_conn.ptnr1_auth_seq_id'              
20 4 'Structure model' '_struct_conn.ptnr1_label_asym_id'            
21 4 'Structure model' '_struct_conn.ptnr1_label_atom_id'            
22 4 'Structure model' '_struct_conn.ptnr1_label_comp_id'            
23 4 'Structure model' '_struct_conn.ptnr1_label_seq_id'             
24 4 'Structure model' '_struct_conn.ptnr2_auth_comp_id'             
25 4 'Structure model' '_struct_conn.ptnr2_auth_seq_id'              
26 4 'Structure model' '_struct_conn.ptnr2_label_asym_id'            
27 4 'Structure model' '_struct_conn.ptnr2_label_atom_id'            
28 4 'Structure model' '_struct_conn.ptnr2_label_comp_id'            
29 4 'Structure model' '_struct_conn.ptnr2_label_seq_id'             
30 4 'Structure model' '_struct_ref_seq_dif.details'                 
31 4 'Structure model' '_struct_site.pdbx_auth_asym_id'              
32 4 'Structure model' '_struct_site.pdbx_auth_comp_id'              
33 4 'Structure model' '_struct_site.pdbx_auth_seq_id'               
# 
_pdbx_database_status.status_code                     REL 
_pdbx_database_status.entry_id                        1QQ3 
_pdbx_database_status.recvd_initial_deposition_date   1999-06-10 
_pdbx_database_status.deposit_site                    RCSB 
_pdbx_database_status.process_site                    RCSB 
_pdbx_database_status.status_code_mr                  REL 
_pdbx_database_status.SG_entry                        . 
_pdbx_database_status.pdb_format_compatible           Y 
_pdbx_database_status.status_code_sf                  ? 
_pdbx_database_status.status_code_cs                  ? 
_pdbx_database_status.status_code_nmr_data            ? 
_pdbx_database_status.methods_development_category    ? 
# 
_pdbx_database_related.db_name        PDB 
_pdbx_database_related.db_id          1QPU 
_pdbx_database_related.details        '1QPU CONTAINS THE SOLUTION STRUCTURE OF WILD-TYPE OXIDIZED ESCHERICHIA COLI CYTOCHROME B562' 
_pdbx_database_related.content_type   unspecified 
# 
loop_
_audit_author.name 
_audit_author.pdbx_ordinal 
'Arnesano, F.'      1 
'Banci, L.'         2 
'Bertini, I.'       3 
'Ciofi-Baffoni, S.' 4 
'Barker, P.D.'      5 
'Woodyear, T.'      6 
# 
_citation.id                        primary 
_citation.title                     
'Structural consequences of b- to c-type heme conversion in oxidized Escherichia coli cytochrome b562.' 
_citation.journal_abbrev            Biochemistry 
_citation.journal_volume            39 
_citation.page_first                1499 
_citation.page_last                 1514 
_citation.year                      2000 
_citation.journal_id_ASTM           BICHAW 
_citation.country                   US 
_citation.journal_id_ISSN           0006-2960 
_citation.journal_id_CSD            0033 
_citation.book_publisher            ? 
_citation.pdbx_database_id_PubMed   10684632 
_citation.pdbx_database_id_DOI      10.1021/bi991831o 
# 
loop_
_citation_author.citation_id 
_citation_author.name 
_citation_author.ordinal 
_citation_author.identifier_ORCID 
primary 'Arnesano, F.'      1 ? 
primary 'Banci, L.'         2 ? 
primary 'Bertini, I.'       3 ? 
primary 'Ciofi-Baffoni, S.' 4 ? 
primary 'Woodyear, T.L.'    5 ? 
primary 'Johnson, C.M.'     6 ? 
primary 'Barker, P.D.'      7 ? 
# 
loop_
_entity.id 
_entity.type 
_entity.src_method 
_entity.pdbx_description 
_entity.formula_weight 
_entity.pdbx_number_of_molecules 
_entity.pdbx_ec 
_entity.pdbx_mutation 
_entity.pdbx_fragment 
_entity.details 
1 polymer     man 'CYTOCHROME B562' 11745.190 1 ? R98C ? ? 
2 non-polymer syn 'HEME B/C'        618.503   1 ? ?    ? ? 
# 
_entity_poly.entity_id                      1 
_entity_poly.type                           'polypeptide(L)' 
_entity_poly.nstd_linkage                   no 
_entity_poly.nstd_monomer                   no 
_entity_poly.pdbx_seq_one_letter_code       
;ADLEDNMETLNDNLKVIEKADNAAQVKDALTKMRAAALDAQKATPPKLEDKSPDSPEMKDFRHGFDILVGQIDDALKLAN
EGKVKEAQAAAEQLKTTCNAYHQKYR
;
_entity_poly.pdbx_seq_one_letter_code_can   
;ADLEDNMETLNDNLKVIEKADNAAQVKDALTKMRAAALDAQKATPPKLEDKSPDSPEMKDFRHGFDILVGQIDDALKLAN
EGKVKEAQAAAEQLKTTCNAYHQKYR
;
_entity_poly.pdbx_strand_id                 A 
_entity_poly.pdbx_target_identifier         ? 
# 
_pdbx_entity_nonpoly.entity_id   2 
_pdbx_entity_nonpoly.name        'HEME B/C' 
_pdbx_entity_nonpoly.comp_id     HEB 
# 
loop_
_entity_poly_seq.entity_id 
_entity_poly_seq.num 
_entity_poly_seq.mon_id 
_entity_poly_seq.hetero 
1 1   ALA n 
1 2   ASP n 
1 3   LEU n 
1 4   GLU n 
1 5   ASP n 
1 6   ASN n 
1 7   MET n 
1 8   GLU n 
1 9   THR n 
1 10  LEU n 
1 11  ASN n 
1 12  ASP n 
1 13  ASN n 
1 14  LEU n 
1 15  LYS n 
1 16  VAL n 
1 17  ILE n 
1 18  GLU n 
1 19  LYS n 
1 20  ALA n 
1 21  ASP n 
1 22  ASN n 
1 23  ALA n 
1 24  ALA n 
1 25  GLN n 
1 26  VAL n 
1 27  LYS n 
1 28  ASP n 
1 29  ALA n 
1 30  LEU n 
1 31  THR n 
1 32  LYS n 
1 33  MET n 
1 34  ARG n 
1 35  ALA n 
1 36  ALA n 
1 37  ALA n 
1 38  LEU n 
1 39  ASP n 
1 40  ALA n 
1 41  GLN n 
1 42  LYS n 
1 43  ALA n 
1 44  THR n 
1 45  PRO n 
1 46  PRO n 
1 47  LYS n 
1 48  LEU n 
1 49  GLU n 
1 50  ASP n 
1 51  LYS n 
1 52  SER n 
1 53  PRO n 
1 54  ASP n 
1 55  SER n 
1 56  PRO n 
1 57  GLU n 
1 58  MET n 
1 59  LYS n 
1 60  ASP n 
1 61  PHE n 
1 62  ARG n 
1 63  HIS n 
1 64  GLY n 
1 65  PHE n 
1 66  ASP n 
1 67  ILE n 
1 68  LEU n 
1 69  VAL n 
1 70  GLY n 
1 71  GLN n 
1 72  ILE n 
1 73  ASP n 
1 74  ASP n 
1 75  ALA n 
1 76  LEU n 
1 77  LYS n 
1 78  LEU n 
1 79  ALA n 
1 80  ASN n 
1 81  GLU n 
1 82  GLY n 
1 83  LYS n 
1 84  VAL n 
1 85  LYS n 
1 86  GLU n 
1 87  ALA n 
1 88  GLN n 
1 89  ALA n 
1 90  ALA n 
1 91  ALA n 
1 92  GLU n 
1 93  GLN n 
1 94  LEU n 
1 95  LYS n 
1 96  THR n 
1 97  THR n 
1 98  CYS n 
1 99  ASN n 
1 100 ALA n 
1 101 TYR n 
1 102 HIS n 
1 103 GLN n 
1 104 LYS n 
1 105 TYR n 
1 106 ARG n 
# 
_entity_src_gen.entity_id                          1 
_entity_src_gen.pdbx_src_id                        1 
_entity_src_gen.pdbx_alt_source_flag               sample 
_entity_src_gen.pdbx_seq_type                      ? 
_entity_src_gen.pdbx_beg_seq_num                   ? 
_entity_src_gen.pdbx_end_seq_num                   ? 
_entity_src_gen.gene_src_common_name               ? 
_entity_src_gen.gene_src_genus                     Escherichia 
_entity_src_gen.pdbx_gene_src_gene                 ? 
_entity_src_gen.gene_src_species                   ? 
_entity_src_gen.gene_src_strain                    ? 
_entity_src_gen.gene_src_tissue                    ? 
_entity_src_gen.gene_src_tissue_fraction           ? 
_entity_src_gen.gene_src_details                   ? 
_entity_src_gen.pdbx_gene_src_fragment             ? 
_entity_src_gen.pdbx_gene_src_scientific_name      'Escherichia coli' 
_entity_src_gen.pdbx_gene_src_ncbi_taxonomy_id     562 
_entity_src_gen.pdbx_gene_src_variant              ? 
_entity_src_gen.pdbx_gene_src_cell_line            ? 
_entity_src_gen.pdbx_gene_src_atcc                 ? 
_entity_src_gen.pdbx_gene_src_organ                ? 
_entity_src_gen.pdbx_gene_src_organelle            ? 
_entity_src_gen.pdbx_gene_src_cell                 ? 
_entity_src_gen.pdbx_gene_src_cellular_location    ? 
_entity_src_gen.host_org_common_name               ? 
_entity_src_gen.pdbx_host_org_scientific_name      'Escherichia coli' 
_entity_src_gen.pdbx_host_org_ncbi_taxonomy_id     562 
_entity_src_gen.host_org_genus                     Escherichia 
_entity_src_gen.pdbx_host_org_gene                 ? 
_entity_src_gen.pdbx_host_org_organ                ? 
_entity_src_gen.host_org_species                   ? 
_entity_src_gen.pdbx_host_org_tissue               ? 
_entity_src_gen.pdbx_host_org_tissue_fraction      ? 
_entity_src_gen.pdbx_host_org_strain               ? 
_entity_src_gen.pdbx_host_org_variant              ? 
_entity_src_gen.pdbx_host_org_cell_line            ? 
_entity_src_gen.pdbx_host_org_atcc                 ? 
_entity_src_gen.pdbx_host_org_culture_collection   ? 
_entity_src_gen.pdbx_host_org_cell                 ? 
_entity_src_gen.pdbx_host_org_organelle            ? 
_entity_src_gen.pdbx_host_org_cellular_location    ? 
_entity_src_gen.pdbx_host_org_vector_type          PLASMID 
_entity_src_gen.pdbx_host_org_vector               ? 
_entity_src_gen.host_org_details                   ? 
_entity_src_gen.expression_system_id               ? 
_entity_src_gen.plasmid_name                       PCEB562 
_entity_src_gen.plasmid_details                    ? 
_entity_src_gen.pdbx_description                   ? 
# 
loop_
_chem_comp.id 
_chem_comp.type 
_chem_comp.mon_nstd_flag 
_chem_comp.name 
_chem_comp.pdbx_synonyms 
_chem_comp.formula 
_chem_comp.formula_weight 
ALA 'L-peptide linking' y ALANINE         ?                                                                     'C3 H7 N O2'       
89.093  
ARG 'L-peptide linking' y ARGININE        ?                                                                     'C6 H15 N4 O2 1'   
175.209 
ASN 'L-peptide linking' y ASPARAGINE      ?                                                                     'C4 H8 N2 O3'      
132.118 
ASP 'L-peptide linking' y 'ASPARTIC ACID' ?                                                                     'C4 H7 N O4'       
133.103 
CYS 'L-peptide linking' y CYSTEINE        ?                                                                     'C3 H7 N O2 S'     
121.158 
GLN 'L-peptide linking' y GLUTAMINE       ?                                                                     'C5 H10 N2 O3'     
146.144 
GLU 'L-peptide linking' y 'GLUTAMIC ACID' ?                                                                     'C5 H9 N O4'       
147.129 
GLY 'peptide linking'   y GLYCINE         ?                                                                     'C2 H5 N O2'       
75.067  
HEB non-polymer         . 'HEME B/C'      'HYBRID BETWEEN B AND C TYPE HEMES (PROTOPORPHYRIN IX CONTAINING FE)' 'C34 H34 Fe N4 O4' 
618.503 
HIS 'L-peptide linking' y HISTIDINE       ?                                                                     'C6 H10 N3 O2 1'   
156.162 
ILE 'L-peptide linking' y ISOLEUCINE      ?                                                                     'C6 H13 N O2'      
131.173 
LEU 'L-peptide linking' y LEUCINE         ?                                                                     'C6 H13 N O2'      
131.173 
LYS 'L-peptide linking' y LYSINE          ?                                                                     'C6 H15 N2 O2 1'   
147.195 
MET 'L-peptide linking' y METHIONINE      ?                                                                     'C5 H11 N O2 S'    
149.211 
PHE 'L-peptide linking' y PHENYLALANINE   ?                                                                     'C9 H11 N O2'      
165.189 
PRO 'L-peptide linking' y PROLINE         ?                                                                     'C5 H9 N O2'       
115.130 
SER 'L-peptide linking' y SERINE          ?                                                                     'C3 H7 N O3'       
105.093 
THR 'L-peptide linking' y THREONINE       ?                                                                     'C4 H9 N O3'       
119.119 
TYR 'L-peptide linking' y TYROSINE        ?                                                                     'C9 H11 N O3'      
181.189 
VAL 'L-peptide linking' y VALINE          ?                                                                     'C5 H11 N O2'      
117.146 
# 
loop_
_pdbx_poly_seq_scheme.asym_id 
_pdbx_poly_seq_scheme.entity_id 
_pdbx_poly_seq_scheme.seq_id 
_pdbx_poly_seq_scheme.mon_id 
_pdbx_poly_seq_scheme.ndb_seq_num 
_pdbx_poly_seq_scheme.pdb_seq_num 
_pdbx_poly_seq_scheme.auth_seq_num 
_pdbx_poly_seq_scheme.pdb_mon_id 
_pdbx_poly_seq_scheme.auth_mon_id 
_pdbx_poly_seq_scheme.pdb_strand_id 
_pdbx_poly_seq_scheme.pdb_ins_code 
_pdbx_poly_seq_scheme.hetero 
A 1 1   ALA 1   1   1   ALA ALA A . n 
A 1 2   ASP 2   2   2   ASP ASP A . n 
A 1 3   LEU 3   3   3   LEU LEU A . n 
A 1 4   GLU 4   4   4   GLU GLU A . n 
A 1 5   ASP 5   5   5   ASP ASP A . n 
A 1 6   ASN 6   6   6   ASN ASN A . n 
A 1 7   MET 7   7   7   MET MET A . n 
A 1 8   GLU 8   8   8   GLU GLU A . n 
A 1 9   THR 9   9   9   THR THR A . n 
A 1 10  LEU 10  10  10  LEU LEU A . n 
A 1 11  ASN 11  11  11  ASN ASN A . n 
A 1 12  ASP 12  12  12  ASP ASP A . n 
A 1 13  ASN 13  13  13  ASN ASN A . n 
A 1 14  LEU 14  14  14  LEU LEU A . n 
A 1 15  LYS 15  15  15  LYS LYS A . n 
A 1 16  VAL 16  16  16  VAL VAL A . n 
A 1 17  ILE 17  17  17  ILE ILE A . n 
A 1 18  GLU 18  18  18  GLU GLU A . n 
A 1 19  LYS 19  19  19  LYS LYS A . n 
A 1 20  ALA 20  20  20  ALA ALA A . n 
A 1 21  ASP 21  21  21  ASP ASP A . n 
A 1 22  ASN 22  22  22  ASN ASN A . n 
A 1 23  ALA 23  23  23  ALA ALA A . n 
A 1 24  ALA 24  24  24  ALA ALA A . n 
A 1 25  GLN 25  25  25  GLN GLN A . n 
A 1 26  VAL 26  26  26  VAL VAL A . n 
A 1 27  LYS 27  27  27  LYS LYS A . n 
A 1 28  ASP 28  28  28  ASP ASP A . n 
A 1 29  ALA 29  29  29  ALA ALA A . n 
A 1 30  LEU 30  30  30  LEU LEU A . n 
A 1 31  THR 31  31  31  THR THR A . n 
A 1 32  LYS 32  32  32  LYS LYS A . n 
A 1 33  MET 33  33  33  MET MET A . n 
A 1 34  ARG 34  34  34  ARG ARG A . n 
A 1 35  ALA 35  35  35  ALA ALA A . n 
A 1 36  ALA 36  36  36  ALA ALA A . n 
A 1 37  ALA 37  37  37  ALA ALA A . n 
A 1 38  LEU 38  38  38  LEU LEU A . n 
A 1 39  ASP 39  39  39  ASP ASP A . n 
A 1 40  ALA 40  40  40  ALA ALA A . n 
A 1 41  GLN 41  41  41  GLN GLN A . n 
A 1 42  LYS 42  42  42  LYS LYS A . n 
A 1 43  ALA 43  43  43  ALA ALA A . n 
A 1 44  THR 44  44  44  THR THR A . n 
A 1 45  PRO 45  45  45  PRO PRO A . n 
A 1 46  PRO 46  46  46  PRO PRO A . n 
A 1 47  LYS 47  47  47  LYS LYS A . n 
A 1 48  LEU 48  48  48  LEU LEU A . n 
A 1 49  GLU 49  49  49  GLU GLU A . n 
A 1 50  ASP 50  50  50  ASP ASP A . n 
A 1 51  LYS 51  51  51  LYS LYS A . n 
A 1 52  SER 52  52  52  SER SER A . n 
A 1 53  PRO 53  53  53  PRO PRO A . n 
A 1 54  ASP 54  54  54  ASP ASP A . n 
A 1 55  SER 55  55  55  SER SER A . n 
A 1 56  PRO 56  56  56  PRO PRO A . n 
A 1 57  GLU 57  57  57  GLU GLU A . n 
A 1 58  MET 58  58  58  MET MET A . n 
A 1 59  LYS 59  59  59  LYS LYS A . n 
A 1 60  ASP 60  60  60  ASP ASP A . n 
A 1 61  PHE 61  61  61  PHE PHE A . n 
A 1 62  ARG 62  62  62  ARG ARG A . n 
A 1 63  HIS 63  63  63  HIS HIS A . n 
A 1 64  GLY 64  64  64  GLY GLY A . n 
A 1 65  PHE 65  65  65  PHE PHE A . n 
A 1 66  ASP 66  66  66  ASP ASP A . n 
A 1 67  ILE 67  67  67  ILE ILE A . n 
A 1 68  LEU 68  68  68  LEU LEU A . n 
A 1 69  VAL 69  69  69  VAL VAL A . n 
A 1 70  GLY 70  70  70  GLY GLY A . n 
A 1 71  GLN 71  71  71  GLN GLN A . n 
A 1 72  ILE 72  72  72  ILE ILE A . n 
A 1 73  ASP 73  73  73  ASP ASP A . n 
A 1 74  ASP 74  74  74  ASP ASP A . n 
A 1 75  ALA 75  75  75  ALA ALA A . n 
A 1 76  LEU 76  76  76  LEU LEU A . n 
A 1 77  LYS 77  77  77  LYS LYS A . n 
A 1 78  LEU 78  78  78  LEU LEU A . n 
A 1 79  ALA 79  79  79  ALA ALA A . n 
A 1 80  ASN 80  80  80  ASN ASN A . n 
A 1 81  GLU 81  81  81  GLU GLU A . n 
A 1 82  GLY 82  82  82  GLY GLY A . n 
A 1 83  LYS 83  83  83  LYS LYS A . n 
A 1 84  VAL 84  84  84  VAL VAL A . n 
A 1 85  LYS 85  85  85  LYS LYS A . n 
A 1 86  GLU 86  86  86  GLU GLU A . n 
A 1 87  ALA 87  87  87  ALA ALA A . n 
A 1 88  GLN 88  88  88  GLN GLN A . n 
A 1 89  ALA 89  89  89  ALA ALA A . n 
A 1 90  ALA 90  90  90  ALA ALA A . n 
A 1 91  ALA 91  91  91  ALA ALA A . n 
A 1 92  GLU 92  92  92  GLU GLU A . n 
A 1 93  GLN 93  93  93  GLN GLN A . n 
A 1 94  LEU 94  94  94  LEU LEU A . n 
A 1 95  LYS 95  95  95  LYS LYS A . n 
A 1 96  THR 96  96  96  THR THR A . n 
A 1 97  THR 97  97  97  THR THR A . n 
A 1 98  CYS 98  98  98  CYS CYS A . n 
A 1 99  ASN 99  99  99  ASN ASN A . n 
A 1 100 ALA 100 100 100 ALA ALA A . n 
A 1 101 TYR 101 101 101 TYR TYR A . n 
A 1 102 HIS 102 102 102 HIS HIS A . n 
A 1 103 GLN 103 103 103 GLN GLN A . n 
A 1 104 LYS 104 104 104 LYS LYS A . n 
A 1 105 TYR 105 105 105 TYR TYR A . n 
A 1 106 ARG 106 106 106 ARG ARG A . n 
# 
_pdbx_nonpoly_scheme.asym_id         B 
_pdbx_nonpoly_scheme.entity_id       2 
_pdbx_nonpoly_scheme.mon_id          HEB 
_pdbx_nonpoly_scheme.ndb_seq_num     1 
_pdbx_nonpoly_scheme.pdb_seq_num     107 
_pdbx_nonpoly_scheme.auth_seq_num    107 
_pdbx_nonpoly_scheme.pdb_mon_id      HEB 
_pdbx_nonpoly_scheme.auth_mon_id     HEM 
_pdbx_nonpoly_scheme.pdb_strand_id   A 
_pdbx_nonpoly_scheme.pdb_ins_code    . 
# 
_cell.entry_id           1QQ3 
_cell.length_a           1.000 
_cell.length_b           1.000 
_cell.length_c           1.000 
_cell.angle_alpha        90.00 
_cell.angle_beta         90.00 
_cell.angle_gamma        90.00 
_cell.Z_PDB              1 
_cell.pdbx_unique_axis   ? 
# 
_symmetry.entry_id                         1QQ3 
_symmetry.space_group_name_H-M             'P 1' 
_symmetry.pdbx_full_space_group_name_H-M   ? 
_symmetry.cell_setting                     ? 
_symmetry.Int_Tables_number                1 
# 
_exptl.entry_id          1QQ3 
_exptl.method            'SOLUTION NMR' 
_exptl.crystals_number   ? 
# 
_struct.entry_id                  1QQ3 
_struct.title                     
'THE SOLUTION STRUCTURE OF THE HEME BINDING VARIANT ARG98CYS OF OXIDIZED ESCHERICHIA COLI CYTOCHROME B562' 
_struct.pdbx_model_details        ? 
_struct.pdbx_CASP_flag            ? 
_struct.pdbx_model_type_details   'minimized average' 
# 
_struct_keywords.entry_id        1QQ3 
_struct_keywords.pdbx_keywords   'ELECTRON TRANSPORT' 
_struct_keywords.text            'FOUR HELIX BUNDLE, HEMOPROTEIN, ELECTRON TRANSPORT' 
# 
loop_
_struct_asym.id 
_struct_asym.pdbx_blank_PDB_chainid_flag 
_struct_asym.pdbx_modified 
_struct_asym.entity_id 
_struct_asym.details 
A N N 1 ? 
B N N 2 ? 
# 
_struct_ref.id                         1 
_struct_ref.db_name                    UNP 
_struct_ref.db_code                    C562_ECOLI 
_struct_ref.entity_id                  1 
_struct_ref.pdbx_db_accession          P0ABE7 
_struct_ref.pdbx_align_begin           ? 
_struct_ref.pdbx_seq_one_letter_code   ? 
_struct_ref.pdbx_db_isoform            ? 
# 
_struct_ref_seq.align_id                      1 
_struct_ref_seq.ref_id                        1 
_struct_ref_seq.pdbx_PDB_id_code              1QQ3 
_struct_ref_seq.pdbx_strand_id                A 
_struct_ref_seq.seq_align_beg                 1 
_struct_ref_seq.pdbx_seq_align_beg_ins_code   ? 
_struct_ref_seq.seq_align_end                 106 
_struct_ref_seq.pdbx_seq_align_end_ins_code   ? 
_struct_ref_seq.pdbx_db_accession             P0ABE7 
_struct_ref_seq.db_align_beg                  23 
_struct_ref_seq.pdbx_db_align_beg_ins_code    ? 
_struct_ref_seq.db_align_end                  128 
_struct_ref_seq.pdbx_db_align_end_ins_code    ? 
_struct_ref_seq.pdbx_auth_seq_align_beg       1 
_struct_ref_seq.pdbx_auth_seq_align_end       106 
# 
_struct_ref_seq_dif.align_id                     1 
_struct_ref_seq_dif.pdbx_pdb_id_code             1QQ3 
_struct_ref_seq_dif.mon_id                       CYS 
_struct_ref_seq_dif.pdbx_pdb_strand_id           A 
_struct_ref_seq_dif.seq_num                      98 
_struct_ref_seq_dif.pdbx_pdb_ins_code            ? 
_struct_ref_seq_dif.pdbx_seq_db_name             UNP 
_struct_ref_seq_dif.pdbx_seq_db_accession_code   P0ABE7 
_struct_ref_seq_dif.db_mon_id                    ARG 
_struct_ref_seq_dif.pdbx_seq_db_seq_num          120 
_struct_ref_seq_dif.details                      'engineered mutation' 
_struct_ref_seq_dif.pdbx_auth_seq_num            98 
_struct_ref_seq_dif.pdbx_ordinal                 1 
# 
_pdbx_struct_assembly.id                   1 
_pdbx_struct_assembly.details              author_defined_assembly 
_pdbx_struct_assembly.method_details       ? 
_pdbx_struct_assembly.oligomeric_details   monomeric 
_pdbx_struct_assembly.oligomeric_count     1 
# 
_pdbx_struct_assembly_gen.assembly_id       1 
_pdbx_struct_assembly_gen.oper_expression   1 
_pdbx_struct_assembly_gen.asym_id_list      A,B 
# 
_pdbx_struct_oper_list.id                   1 
_pdbx_struct_oper_list.type                 'identity operation' 
_pdbx_struct_oper_list.name                 1_555 
_pdbx_struct_oper_list.symmetry_operation   ? 
_pdbx_struct_oper_list.matrix[1][1]         1.0000000000 
_pdbx_struct_oper_list.matrix[1][2]         0.0000000000 
_pdbx_struct_oper_list.matrix[1][3]         0.0000000000 
_pdbx_struct_oper_list.vector[1]            0.0000000000 
_pdbx_struct_oper_list.matrix[2][1]         0.0000000000 
_pdbx_struct_oper_list.matrix[2][2]         1.0000000000 
_pdbx_struct_oper_list.matrix[2][3]         0.0000000000 
_pdbx_struct_oper_list.vector[2]            0.0000000000 
_pdbx_struct_oper_list.matrix[3][1]         0.0000000000 
_pdbx_struct_oper_list.matrix[3][2]         0.0000000000 
_pdbx_struct_oper_list.matrix[3][3]         1.0000000000 
_pdbx_struct_oper_list.vector[3]            0.0000000000 
# 
_struct_biol.id   1 
# 
loop_
_struct_conf.conf_type_id 
_struct_conf.id 
_struct_conf.pdbx_PDB_helix_id 
_struct_conf.beg_label_comp_id 
_struct_conf.beg_label_asym_id 
_struct_conf.beg_label_seq_id 
_struct_conf.pdbx_beg_PDB_ins_code 
_struct_conf.end_label_comp_id 
_struct_conf.end_label_asym_id 
_struct_conf.end_label_seq_id 
_struct_conf.pdbx_end_PDB_ins_code 
_struct_conf.beg_auth_comp_id 
_struct_conf.beg_auth_asym_id 
_struct_conf.beg_auth_seq_id 
_struct_conf.end_auth_comp_id 
_struct_conf.end_auth_asym_id 
_struct_conf.end_auth_seq_id 
_struct_conf.pdbx_PDB_helix_class 
_struct_conf.details 
_struct_conf.pdbx_PDB_helix_length 
HELX_P HELX_P1 1 ASP A 2  ? LYS A 19  ? ASP A 2  LYS A 19  1 ? 18 
HELX_P HELX_P2 2 ASN A 22 ? GLN A 41  ? ASN A 22 GLN A 41  1 ? 20 
HELX_P HELX_P3 3 PRO A 45 ? GLU A 49  ? PRO A 45 GLU A 49  5 ? 5  
HELX_P HELX_P4 4 GLU A 57 ? GLU A 81  ? GLU A 57 GLU A 81  1 ? 25 
HELX_P HELX_P5 5 LYS A 83 ? GLN A 103 ? LYS A 83 GLN A 103 1 ? 21 
# 
_struct_conf_type.id          HELX_P 
_struct_conf_type.criteria    ? 
_struct_conf_type.reference   ? 
# 
loop_
_struct_conn.id 
_struct_conn.conn_type_id 
_struct_conn.pdbx_leaving_atom_flag 
_struct_conn.pdbx_PDB_id 
_struct_conn.ptnr1_label_asym_id 
_struct_conn.ptnr1_label_comp_id 
_struct_conn.ptnr1_label_seq_id 
_struct_conn.ptnr1_label_atom_id 
_struct_conn.pdbx_ptnr1_label_alt_id 
_struct_conn.pdbx_ptnr1_PDB_ins_code 
_struct_conn.pdbx_ptnr1_standard_comp_id 
_struct_conn.ptnr1_symmetry 
_struct_conn.ptnr2_label_asym_id 
_struct_conn.ptnr2_label_comp_id 
_struct_conn.ptnr2_label_seq_id 
_struct_conn.ptnr2_label_atom_id 
_struct_conn.pdbx_ptnr2_label_alt_id 
_struct_conn.pdbx_ptnr2_PDB_ins_code 
_struct_conn.ptnr1_auth_asym_id 
_struct_conn.ptnr1_auth_comp_id 
_struct_conn.ptnr1_auth_seq_id 
_struct_conn.ptnr2_auth_asym_id 
_struct_conn.ptnr2_auth_comp_id 
_struct_conn.ptnr2_auth_seq_id 
_struct_conn.ptnr2_symmetry 
_struct_conn.pdbx_ptnr3_label_atom_id 
_struct_conn.pdbx_ptnr3_label_seq_id 
_struct_conn.pdbx_ptnr3_label_comp_id 
_struct_conn.pdbx_ptnr3_label_asym_id 
_struct_conn.pdbx_ptnr3_label_alt_id 
_struct_conn.pdbx_ptnr3_PDB_ins_code 
_struct_conn.details 
_struct_conn.pdbx_dist_value 
_struct_conn.pdbx_value_order 
_struct_conn.pdbx_role 
covale1 covale none ? A CYS 98  SG  ? ? ? 1_555 B HEB . CAB ? ? A CYS 98  A HEB 107 1_555 ? ? ? ? ? ? ? 1.776 ? ? 
metalc1 metalc ?    ? A MET 7   SD  ? ? ? 1_555 B HEB . FE  ? ? A MET 7   A HEB 107 1_555 ? ? ? ? ? ? ? 2.321 ? ? 
metalc2 metalc ?    ? A HIS 102 NE2 ? ? ? 1_555 B HEB . FE  ? ? A HIS 102 A HEB 107 1_555 ? ? ? ? ? ? ? 2.002 ? ? 
# 
loop_
_struct_conn_type.id 
_struct_conn_type.criteria 
_struct_conn_type.reference 
covale ? ? 
metalc ? ? 
# 
loop_
_pdbx_struct_conn_angle.id 
_pdbx_struct_conn_angle.ptnr1_label_atom_id 
_pdbx_struct_conn_angle.ptnr1_label_alt_id 
_pdbx_struct_conn_angle.ptnr1_label_asym_id 
_pdbx_struct_conn_angle.ptnr1_label_comp_id 
_pdbx_struct_conn_angle.ptnr1_label_seq_id 
_pdbx_struct_conn_angle.ptnr1_auth_atom_id 
_pdbx_struct_conn_angle.ptnr1_auth_asym_id 
_pdbx_struct_conn_angle.ptnr1_auth_comp_id 
_pdbx_struct_conn_angle.ptnr1_auth_seq_id 
_pdbx_struct_conn_angle.ptnr1_PDB_ins_code 
_pdbx_struct_conn_angle.ptnr1_symmetry 
_pdbx_struct_conn_angle.ptnr2_label_atom_id 
_pdbx_struct_conn_angle.ptnr2_label_alt_id 
_pdbx_struct_conn_angle.ptnr2_label_asym_id 
_pdbx_struct_conn_angle.ptnr2_label_comp_id 
_pdbx_struct_conn_angle.ptnr2_label_seq_id 
_pdbx_struct_conn_angle.ptnr2_auth_atom_id 
_pdbx_struct_conn_angle.ptnr2_auth_asym_id 
_pdbx_struct_conn_angle.ptnr2_auth_comp_id 
_pdbx_struct_conn_angle.ptnr2_auth_seq_id 
_pdbx_struct_conn_angle.ptnr2_PDB_ins_code 
_pdbx_struct_conn_angle.ptnr2_symmetry 
_pdbx_struct_conn_angle.ptnr3_label_atom_id 
_pdbx_struct_conn_angle.ptnr3_label_alt_id 
_pdbx_struct_conn_angle.ptnr3_label_asym_id 
_pdbx_struct_conn_angle.ptnr3_label_comp_id 
_pdbx_struct_conn_angle.ptnr3_label_seq_id 
_pdbx_struct_conn_angle.ptnr3_auth_atom_id 
_pdbx_struct_conn_angle.ptnr3_auth_asym_id 
_pdbx_struct_conn_angle.ptnr3_auth_comp_id 
_pdbx_struct_conn_angle.ptnr3_auth_seq_id 
_pdbx_struct_conn_angle.ptnr3_PDB_ins_code 
_pdbx_struct_conn_angle.ptnr3_symmetry 
_pdbx_struct_conn_angle.value 
_pdbx_struct_conn_angle.value_esd 
1  SD ? A MET 7 ? A MET 7   ? 1_555 FE ? B HEB . ? A HEB 107 ? 1_555 NA  ? B HEB .   ? A HEB 107 ? 1_555 84.0  ? 
2  SD ? A MET 7 ? A MET 7   ? 1_555 FE ? B HEB . ? A HEB 107 ? 1_555 NB  ? B HEB .   ? A HEB 107 ? 1_555 98.6  ? 
3  NA ? B HEB . ? A HEB 107 ? 1_555 FE ? B HEB . ? A HEB 107 ? 1_555 NB  ? B HEB .   ? A HEB 107 ? 1_555 90.1  ? 
4  SD ? A MET 7 ? A MET 7   ? 1_555 FE ? B HEB . ? A HEB 107 ? 1_555 NC  ? B HEB .   ? A HEB 107 ? 1_555 95.4  ? 
5  NA ? B HEB . ? A HEB 107 ? 1_555 FE ? B HEB . ? A HEB 107 ? 1_555 NC  ? B HEB .   ? A HEB 107 ? 1_555 177.6 ? 
6  NB ? B HEB . ? A HEB 107 ? 1_555 FE ? B HEB . ? A HEB 107 ? 1_555 NC  ? B HEB .   ? A HEB 107 ? 1_555 92.3  ? 
7  SD ? A MET 7 ? A MET 7   ? 1_555 FE ? B HEB . ? A HEB 107 ? 1_555 ND  ? B HEB .   ? A HEB 107 ? 1_555 81.2  ? 
8  NA ? B HEB . ? A HEB 107 ? 1_555 FE ? B HEB . ? A HEB 107 ? 1_555 ND  ? B HEB .   ? A HEB 107 ? 1_555 90.6  ? 
9  NB ? B HEB . ? A HEB 107 ? 1_555 FE ? B HEB . ? A HEB 107 ? 1_555 ND  ? B HEB .   ? A HEB 107 ? 1_555 179.2 ? 
10 NC ? B HEB . ? A HEB 107 ? 1_555 FE ? B HEB . ? A HEB 107 ? 1_555 ND  ? B HEB .   ? A HEB 107 ? 1_555 87.0  ? 
11 SD ? A MET 7 ? A MET 7   ? 1_555 FE ? B HEB . ? A HEB 107 ? 1_555 NE2 ? A HIS 102 ? A HIS 102 ? 1_555 171.3 ? 
12 NA ? B HEB . ? A HEB 107 ? 1_555 FE ? B HEB . ? A HEB 107 ? 1_555 NE2 ? A HIS 102 ? A HIS 102 ? 1_555 87.5  ? 
13 NB ? B HEB . ? A HEB 107 ? 1_555 FE ? B HEB . ? A HEB 107 ? 1_555 NE2 ? A HIS 102 ? A HIS 102 ? 1_555 82.9  ? 
14 NC ? B HEB . ? A HEB 107 ? 1_555 FE ? B HEB . ? A HEB 107 ? 1_555 NE2 ? A HIS 102 ? A HIS 102 ? 1_555 93.1  ? 
15 ND ? B HEB . ? A HEB 107 ? 1_555 FE ? B HEB . ? A HEB 107 ? 1_555 NE2 ? A HIS 102 ? A HIS 102 ? 1_555 97.4  ? 
# 
_pdbx_modification_feature.ordinal                            1 
_pdbx_modification_feature.label_comp_id                      HEB 
_pdbx_modification_feature.label_asym_id                      B 
_pdbx_modification_feature.label_seq_id                       . 
_pdbx_modification_feature.label_alt_id                       ? 
_pdbx_modification_feature.modified_residue_label_comp_id     CYS 
_pdbx_modification_feature.modified_residue_label_asym_id     A 
_pdbx_modification_feature.modified_residue_label_seq_id      98 
_pdbx_modification_feature.modified_residue_label_alt_id      ? 
_pdbx_modification_feature.auth_comp_id                       HEB 
_pdbx_modification_feature.auth_asym_id                       A 
_pdbx_modification_feature.auth_seq_id                        107 
_pdbx_modification_feature.PDB_ins_code                       ? 
_pdbx_modification_feature.symmetry                           1_555 
_pdbx_modification_feature.modified_residue_auth_comp_id      CYS 
_pdbx_modification_feature.modified_residue_auth_asym_id      A 
_pdbx_modification_feature.modified_residue_auth_seq_id       98 
_pdbx_modification_feature.modified_residue_PDB_ins_code      ? 
_pdbx_modification_feature.modified_residue_symmetry          1_555 
_pdbx_modification_feature.comp_id_linking_atom               CAB 
_pdbx_modification_feature.modified_residue_id_linking_atom   SG 
_pdbx_modification_feature.modified_residue_id                CYS 
_pdbx_modification_feature.ref_pcm_id                         2 
_pdbx_modification_feature.ref_comp_id                        HEB 
_pdbx_modification_feature.type                               None 
_pdbx_modification_feature.category                           Heme/heme-like 
# 
_struct_site.id                   AC1 
_struct_site.pdbx_evidence_code   Software 
_struct_site.pdbx_auth_asym_id    A 
_struct_site.pdbx_auth_comp_id    HEB 
_struct_site.pdbx_auth_seq_id     107 
_struct_site.pdbx_auth_ins_code   ? 
_struct_site.pdbx_num_residues    12 
_struct_site.details              'BINDING SITE FOR RESIDUE HEB A 107' 
# 
loop_
_struct_site_gen.id 
_struct_site_gen.site_id 
_struct_site_gen.pdbx_num_res 
_struct_site_gen.label_comp_id 
_struct_site_gen.label_asym_id 
_struct_site_gen.label_seq_id 
_struct_site_gen.pdbx_auth_ins_code 
_struct_site_gen.auth_comp_id 
_struct_site_gen.auth_asym_id 
_struct_site_gen.auth_seq_id 
_struct_site_gen.label_atom_id 
_struct_site_gen.label_alt_id 
_struct_site_gen.symmetry 
_struct_site_gen.details 
1  AC1 12 MET A 7   ? MET A 7   . ? 1_555 ? 
2  AC1 12 LEU A 14  ? LEU A 14  . ? 1_555 ? 
3  AC1 12 PRO A 45  ? PRO A 45  . ? 1_555 ? 
4  AC1 12 PRO A 46  ? PRO A 46  . ? 1_555 ? 
5  AC1 12 PHE A 61  ? PHE A 61  . ? 1_555 ? 
6  AC1 12 GLY A 64  ? GLY A 64  . ? 1_555 ? 
7  AC1 12 PHE A 65  ? PHE A 65  . ? 1_555 ? 
8  AC1 12 LEU A 68  ? LEU A 68  . ? 1_555 ? 
9  AC1 12 CYS A 98  ? CYS A 98  . ? 1_555 ? 
10 AC1 12 HIS A 102 ? HIS A 102 . ? 1_555 ? 
11 AC1 12 TYR A 105 ? TYR A 105 . ? 1_555 ? 
12 AC1 12 ARG A 106 ? ARG A 106 . ? 1_555 ? 
# 
_pdbx_entry_details.entry_id                   1QQ3 
_pdbx_entry_details.compound_details           ? 
_pdbx_entry_details.source_details             ? 
_pdbx_entry_details.nonpolymer_details         ? 
_pdbx_entry_details.sequence_details           ? 
_pdbx_entry_details.has_ligand_of_interest     ? 
_pdbx_entry_details.has_protein_modification   Y 
# 
loop_
_pdbx_validate_close_contact.id 
_pdbx_validate_close_contact.PDB_model_num 
_pdbx_validate_close_contact.auth_atom_id_1 
_pdbx_validate_close_contact.auth_asym_id_1 
_pdbx_validate_close_contact.auth_comp_id_1 
_pdbx_validate_close_contact.auth_seq_id_1 
_pdbx_validate_close_contact.PDB_ins_code_1 
_pdbx_validate_close_contact.label_alt_id_1 
_pdbx_validate_close_contact.auth_atom_id_2 
_pdbx_validate_close_contact.auth_asym_id_2 
_pdbx_validate_close_contact.auth_comp_id_2 
_pdbx_validate_close_contact.auth_seq_id_2 
_pdbx_validate_close_contact.PDB_ins_code_2 
_pdbx_validate_close_contact.label_alt_id_2 
_pdbx_validate_close_contact.dist 
1 1 HB1 A ALA 1 ? ? OD2 A ASP 39 ? ? 1.57 
2 1 CB  A ALA 1 ? ? OD2 A ASP 39 ? ? 1.99 
# 
_pdbx_validate_rmsd_bond.id                        1 
_pdbx_validate_rmsd_bond.PDB_model_num             1 
_pdbx_validate_rmsd_bond.auth_atom_id_1            CA 
_pdbx_validate_rmsd_bond.auth_asym_id_1            A 
_pdbx_validate_rmsd_bond.auth_comp_id_1            ALA 
_pdbx_validate_rmsd_bond.auth_seq_id_1             1 
_pdbx_validate_rmsd_bond.PDB_ins_code_1            ? 
_pdbx_validate_rmsd_bond.label_alt_id_1            ? 
_pdbx_validate_rmsd_bond.auth_atom_id_2            CB 
_pdbx_validate_rmsd_bond.auth_asym_id_2            A 
_pdbx_validate_rmsd_bond.auth_comp_id_2            ALA 
_pdbx_validate_rmsd_bond.auth_seq_id_2             1 
_pdbx_validate_rmsd_bond.PDB_ins_code_2            ? 
_pdbx_validate_rmsd_bond.label_alt_id_2            ? 
_pdbx_validate_rmsd_bond.bond_value                1.084 
_pdbx_validate_rmsd_bond.bond_target_value         1.520 
_pdbx_validate_rmsd_bond.bond_deviation            -0.436 
_pdbx_validate_rmsd_bond.bond_standard_deviation   0.021 
_pdbx_validate_rmsd_bond.linker_flag               N 
# 
loop_
_pdbx_validate_torsion.id 
_pdbx_validate_torsion.PDB_model_num 
_pdbx_validate_torsion.auth_comp_id 
_pdbx_validate_torsion.auth_asym_id 
_pdbx_validate_torsion.auth_seq_id 
_pdbx_validate_torsion.PDB_ins_code 
_pdbx_validate_torsion.label_alt_id 
_pdbx_validate_torsion.phi 
_pdbx_validate_torsion.psi 
1 1 ASP A 21 ? ? -132.59 -39.58 
2 1 PRO A 56 ? ? -75.18  20.71  
# 
_pdbx_validate_chiral.id              1 
_pdbx_validate_chiral.PDB_model_num   1 
_pdbx_validate_chiral.auth_atom_id    NA 
_pdbx_validate_chiral.label_alt_id    ? 
_pdbx_validate_chiral.auth_asym_id    A 
_pdbx_validate_chiral.auth_comp_id    HEB 
_pdbx_validate_chiral.auth_seq_id     107 
_pdbx_validate_chiral.PDB_ins_code    ? 
_pdbx_validate_chiral.details         PLANAR 
_pdbx_validate_chiral.omega           . 
# 
_pdbx_nmr_ensemble.entry_id                                      1QQ3 
_pdbx_nmr_ensemble.conformers_calculated_total_number            ? 
_pdbx_nmr_ensemble.conformers_submitted_total_number             1 
_pdbx_nmr_ensemble.conformer_selection_criteria                  'ENERGY MINIMIZED AVERAGE STRUCTURE' 
_pdbx_nmr_ensemble.average_constraints_per_residue               ? 
_pdbx_nmr_ensemble.average_constraint_violations_per_residue     ? 
_pdbx_nmr_ensemble.maximum_distance_constraint_violation         ? 
_pdbx_nmr_ensemble.average_distance_constraint_violation         ? 
_pdbx_nmr_ensemble.maximum_upper_distance_constraint_violation   ? 
_pdbx_nmr_ensemble.maximum_lower_distance_constraint_violation   ? 
_pdbx_nmr_ensemble.distance_constraint_violation_method          ? 
_pdbx_nmr_ensemble.maximum_torsion_angle_constraint_violation    ? 
_pdbx_nmr_ensemble.average_torsion_angle_constraint_violation    ? 
_pdbx_nmr_ensemble.torsion_angle_constraint_violation_method     ? 
# 
_pdbx_nmr_representative.entry_id             1QQ3 
_pdbx_nmr_representative.conformer_id         ? 
_pdbx_nmr_representative.selection_criteria   'minimized average structure' 
# 
loop_
_pdbx_nmr_sample_details.solution_id 
_pdbx_nmr_sample_details.contents 
_pdbx_nmr_sample_details.solvent_system 
1 '3MM R98C CYTOCHROME B562; 500MM PHOSPHATE BUFFER; 90% H2O, 10% D2O'   ? 
2 '2.5MM R98C CYTOCHROME B562; 500MM PHOSPHATE BUFFER; 90% H2O, 10% D2O' ? 
# 
loop_
_pdbx_nmr_exptl_sample_conditions.conditions_id 
_pdbx_nmr_exptl_sample_conditions.temperature 
_pdbx_nmr_exptl_sample_conditions.pressure 
_pdbx_nmr_exptl_sample_conditions.pH 
_pdbx_nmr_exptl_sample_conditions.ionic_strength 
_pdbx_nmr_exptl_sample_conditions.pressure_units 
_pdbx_nmr_exptl_sample_conditions.temperature_units 
1 298 AMBIENT 4.8 '500mM PHOSPHATE' ? K 
2 298 AMBIENT 4.8 '500mM PHOSPHATE' ? K 
# 
loop_
_pdbx_nmr_exptl.experiment_id 
_pdbx_nmr_exptl.conditions_id 
_pdbx_nmr_exptl.type 
_pdbx_nmr_exptl.solution_id 
1 1 '2D NOESY'             1 
2 2 3D_15N-SEPARATED_NOESY 2 
3 2 HNHA                   2 
4 1 '1D NOE'               1 
# 
_pdbx_nmr_refine.entry_id           1QQ3 
_pdbx_nmr_refine.method             'TORSION ANGLE DYNAMICS FOLLOWED BY ENERGY MINIMIZATION' 
_pdbx_nmr_refine.details            
;A TOTAL OF 4325 NOESY CROSS-PEAKS WAS ASSIGNED, INTEGRATED AND TRANSFORMED IN UPPER DISTANCE LIMITS; 23 DISTANCE CONSTRAINTS WERE DERIVED FROM 1D NOE EXPERIMENTS INVOLVING FAST RELAXING PARAMAGNETIC SHIFTED SIGNALS. TOTALLY, THEY CORRESPONDED TO 2595 UPPER DISTANCE LIMITS, OF WHICH 2145 WERE FOUND TO BE MEANINGFUL. IN ADDITION, 45 3JHNHA COUPLINGS OBTAINED FROM THE HNHA 3D SPECTRUM AND 397 PCS WERE USED FOR THE STRUCTURE CALCULATIONS.
;
_pdbx_nmr_refine.software_ordinal   1 
# 
loop_
_pdbx_nmr_software.classification 
_pdbx_nmr_software.name 
_pdbx_nmr_software.version 
_pdbx_nmr_software.authors 
_pdbx_nmr_software.ordinal 
processing           XwinNMR     ?   ? 1 
'structure solution' DYANA       1.5 'GUENTERT P., MUMENTHALER, C., & WUTHRICH, K.' 2 
'data analysis'      XEASY       ?   'ECCLES, C., GUENTERT P., BILLETER, M., & WUTHRICH, K.' 3 
'structure solution' PSEUDODYANA ?   
'BANCI, L., BERTINI, I., CREMONINI, M.A., GORI SAVELLINI, G., LUCHINAT, C., WUTHRICH, K. & GUENTERT, P.' 4 
refinement           Amber       5.0 
;PEARLMAN, D.A., CASE, D.A., CALDWELL, J.W., ROSS, W.S., CHEATHAM, T.E., FERGUSON, D.M., SEIBEL, G.L., SINGH, U.C., WEINER, P.K., & KOLLMAN, P.A.
;
5 
# 
loop_
_chem_comp_atom.comp_id 
_chem_comp_atom.atom_id 
_chem_comp_atom.type_symbol 
_chem_comp_atom.pdbx_aromatic_flag 
_chem_comp_atom.pdbx_stereo_config 
_chem_comp_atom.pdbx_ordinal 
ALA N    N  N N 1   
ALA CA   C  N S 2   
ALA C    C  N N 3   
ALA O    O  N N 4   
ALA CB   C  N N 5   
ALA OXT  O  N N 6   
ALA H    H  N N 7   
ALA H2   H  N N 8   
ALA HA   H  N N 9   
ALA HB1  H  N N 10  
ALA HB2  H  N N 11  
ALA HB3  H  N N 12  
ALA HXT  H  N N 13  
ARG N    N  N N 14  
ARG CA   C  N S 15  
ARG C    C  N N 16  
ARG O    O  N N 17  
ARG CB   C  N N 18  
ARG CG   C  N N 19  
ARG CD   C  N N 20  
ARG NE   N  N N 21  
ARG CZ   C  N N 22  
ARG NH1  N  N N 23  
ARG NH2  N  N N 24  
ARG OXT  O  N N 25  
ARG H    H  N N 26  
ARG H2   H  N N 27  
ARG HA   H  N N 28  
ARG HB2  H  N N 29  
ARG HB3  H  N N 30  
ARG HG2  H  N N 31  
ARG HG3  H  N N 32  
ARG HD2  H  N N 33  
ARG HD3  H  N N 34  
ARG HE   H  N N 35  
ARG HH11 H  N N 36  
ARG HH12 H  N N 37  
ARG HH21 H  N N 38  
ARG HH22 H  N N 39  
ARG HXT  H  N N 40  
ASN N    N  N N 41  
ASN CA   C  N S 42  
ASN C    C  N N 43  
ASN O    O  N N 44  
ASN CB   C  N N 45  
ASN CG   C  N N 46  
ASN OD1  O  N N 47  
ASN ND2  N  N N 48  
ASN OXT  O  N N 49  
ASN H    H  N N 50  
ASN H2   H  N N 51  
ASN HA   H  N N 52  
ASN HB2  H  N N 53  
ASN HB3  H  N N 54  
ASN HD21 H  N N 55  
ASN HD22 H  N N 56  
ASN HXT  H  N N 57  
ASP N    N  N N 58  
ASP CA   C  N S 59  
ASP C    C  N N 60  
ASP O    O  N N 61  
ASP CB   C  N N 62  
ASP CG   C  N N 63  
ASP OD1  O  N N 64  
ASP OD2  O  N N 65  
ASP OXT  O  N N 66  
ASP H    H  N N 67  
ASP H2   H  N N 68  
ASP HA   H  N N 69  
ASP HB2  H  N N 70  
ASP HB3  H  N N 71  
ASP HD2  H  N N 72  
ASP HXT  H  N N 73  
CYS N    N  N N 74  
CYS CA   C  N R 75  
CYS C    C  N N 76  
CYS O    O  N N 77  
CYS CB   C  N N 78  
CYS SG   S  N N 79  
CYS OXT  O  N N 80  
CYS H    H  N N 81  
CYS H2   H  N N 82  
CYS HA   H  N N 83  
CYS HB2  H  N N 84  
CYS HB3  H  N N 85  
CYS HG   H  N N 86  
CYS HXT  H  N N 87  
GLN N    N  N N 88  
GLN CA   C  N S 89  
GLN C    C  N N 90  
GLN O    O  N N 91  
GLN CB   C  N N 92  
GLN CG   C  N N 93  
GLN CD   C  N N 94  
GLN OE1  O  N N 95  
GLN NE2  N  N N 96  
GLN OXT  O  N N 97  
GLN H    H  N N 98  
GLN H2   H  N N 99  
GLN HA   H  N N 100 
GLN HB2  H  N N 101 
GLN HB3  H  N N 102 
GLN HG2  H  N N 103 
GLN HG3  H  N N 104 
GLN HE21 H  N N 105 
GLN HE22 H  N N 106 
GLN HXT  H  N N 107 
GLU N    N  N N 108 
GLU CA   C  N S 109 
GLU C    C  N N 110 
GLU O    O  N N 111 
GLU CB   C  N N 112 
GLU CG   C  N N 113 
GLU CD   C  N N 114 
GLU OE1  O  N N 115 
GLU OE2  O  N N 116 
GLU OXT  O  N N 117 
GLU H    H  N N 118 
GLU H2   H  N N 119 
GLU HA   H  N N 120 
GLU HB2  H  N N 121 
GLU HB3  H  N N 122 
GLU HG2  H  N N 123 
GLU HG3  H  N N 124 
GLU HE2  H  N N 125 
GLU HXT  H  N N 126 
GLY N    N  N N 127 
GLY CA   C  N N 128 
GLY C    C  N N 129 
GLY O    O  N N 130 
GLY OXT  O  N N 131 
GLY H    H  N N 132 
GLY H2   H  N N 133 
GLY HA2  H  N N 134 
GLY HA3  H  N N 135 
GLY HXT  H  N N 136 
HEB FE   FE N N 137 
HEB CHA  C  N N 138 
HEB CHB  C  N N 139 
HEB CHC  C  N N 140 
HEB CHD  C  N N 141 
HEB NA   N  N R 142 
HEB C1A  C  N N 143 
HEB C2A  C  N N 144 
HEB C3A  C  N N 145 
HEB C4A  C  N N 146 
HEB CMA  C  N N 147 
HEB CAA  C  N N 148 
HEB CBA  C  N N 149 
HEB CGA  C  N N 150 
HEB O1A  O  N N 151 
HEB O2A  O  N N 152 
HEB NB   N  N N 153 
HEB C1B  C  N N 154 
HEB C2B  C  N N 155 
HEB C3B  C  N N 156 
HEB C4B  C  N N 157 
HEB CMB  C  N N 158 
HEB CAB  C  N N 159 
HEB CBB  C  N N 160 
HEB NC   N  Y N 161 
HEB C1C  C  Y N 162 
HEB C2C  C  Y N 163 
HEB C3C  C  Y N 164 
HEB C4C  C  Y N 165 
HEB CMC  C  N N 166 
HEB CAC  C  N N 167 
HEB CBC  C  N N 168 
HEB ND   N  N N 169 
HEB C1D  C  N N 170 
HEB C2D  C  N N 171 
HEB C3D  C  N N 172 
HEB C4D  C  N N 173 
HEB CMD  C  N N 174 
HEB CAD  C  N N 175 
HEB CBD  C  N N 176 
HEB CGD  C  N N 177 
HEB O1D  O  N N 178 
HEB O2D  O  N N 179 
HEB HHA  H  N N 180 
HEB HHB  H  N N 181 
HEB HHC  H  N N 182 
HEB HHD  H  N N 183 
HEB HMA1 H  N N 184 
HEB HMA2 H  N N 185 
HEB HMA3 H  N N 186 
HEB HAA1 H  N N 187 
HEB HAA2 H  N N 188 
HEB HBA1 H  N N 189 
HEB HBA2 H  N N 190 
HEB H2A  H  N N 191 
HEB HMB1 H  N N 192 
HEB HMB2 H  N N 193 
HEB HMB3 H  N N 194 
HEB HAB  H  N N 195 
HEB HAB2 H  N N 196 
HEB HBB1 H  N N 197 
HEB HBB2 H  N N 198 
HEB HBB3 H  N N 199 
HEB HMC1 H  N N 200 
HEB HMC2 H  N N 201 
HEB HMC3 H  N N 202 
HEB HAC  H  N N 203 
HEB HBC1 H  N N 204 
HEB HBC2 H  N N 205 
HEB HMD1 H  N N 206 
HEB HMD2 H  N N 207 
HEB HMD3 H  N N 208 
HEB HAD1 H  N N 209 
HEB HAD2 H  N N 210 
HEB HBD1 H  N N 211 
HEB HBD2 H  N N 212 
HEB H2D  H  N N 213 
HIS N    N  N N 214 
HIS CA   C  N S 215 
HIS C    C  N N 216 
HIS O    O  N N 217 
HIS CB   C  N N 218 
HIS CG   C  Y N 219 
HIS ND1  N  Y N 220 
HIS CD2  C  Y N 221 
HIS CE1  C  Y N 222 
HIS NE2  N  Y N 223 
HIS OXT  O  N N 224 
HIS H    H  N N 225 
HIS H2   H  N N 226 
HIS HA   H  N N 227 
HIS HB2  H  N N 228 
HIS HB3  H  N N 229 
HIS HD1  H  N N 230 
HIS HD2  H  N N 231 
HIS HE1  H  N N 232 
HIS HE2  H  N N 233 
HIS HXT  H  N N 234 
ILE N    N  N N 235 
ILE CA   C  N S 236 
ILE C    C  N N 237 
ILE O    O  N N 238 
ILE CB   C  N S 239 
ILE CG1  C  N N 240 
ILE CG2  C  N N 241 
ILE CD1  C  N N 242 
ILE OXT  O  N N 243 
ILE H    H  N N 244 
ILE H2   H  N N 245 
ILE HA   H  N N 246 
ILE HB   H  N N 247 
ILE HG12 H  N N 248 
ILE HG13 H  N N 249 
ILE HG21 H  N N 250 
ILE HG22 H  N N 251 
ILE HG23 H  N N 252 
ILE HD11 H  N N 253 
ILE HD12 H  N N 254 
ILE HD13 H  N N 255 
ILE HXT  H  N N 256 
LEU N    N  N N 257 
LEU CA   C  N S 258 
LEU C    C  N N 259 
LEU O    O  N N 260 
LEU CB   C  N N 261 
LEU CG   C  N N 262 
LEU CD1  C  N N 263 
LEU CD2  C  N N 264 
LEU OXT  O  N N 265 
LEU H    H  N N 266 
LEU H2   H  N N 267 
LEU HA   H  N N 268 
LEU HB2  H  N N 269 
LEU HB3  H  N N 270 
LEU HG   H  N N 271 
LEU HD11 H  N N 272 
LEU HD12 H  N N 273 
LEU HD13 H  N N 274 
LEU HD21 H  N N 275 
LEU HD22 H  N N 276 
LEU HD23 H  N N 277 
LEU HXT  H  N N 278 
LYS N    N  N N 279 
LYS CA   C  N S 280 
LYS C    C  N N 281 
LYS O    O  N N 282 
LYS CB   C  N N 283 
LYS CG   C  N N 284 
LYS CD   C  N N 285 
LYS CE   C  N N 286 
LYS NZ   N  N N 287 
LYS OXT  O  N N 288 
LYS H    H  N N 289 
LYS H2   H  N N 290 
LYS HA   H  N N 291 
LYS HB2  H  N N 292 
LYS HB3  H  N N 293 
LYS HG2  H  N N 294 
LYS HG3  H  N N 295 
LYS HD2  H  N N 296 
LYS HD3  H  N N 297 
LYS HE2  H  N N 298 
LYS HE3  H  N N 299 
LYS HZ1  H  N N 300 
LYS HZ2  H  N N 301 
LYS HZ3  H  N N 302 
LYS HXT  H  N N 303 
MET N    N  N N 304 
MET CA   C  N S 305 
MET C    C  N N 306 
MET O    O  N N 307 
MET CB   C  N N 308 
MET CG   C  N N 309 
MET SD   S  N N 310 
MET CE   C  N N 311 
MET OXT  O  N N 312 
MET H    H  N N 313 
MET H2   H  N N 314 
MET HA   H  N N 315 
MET HB2  H  N N 316 
MET HB3  H  N N 317 
MET HG2  H  N N 318 
MET HG3  H  N N 319 
MET HE1  H  N N 320 
MET HE2  H  N N 321 
MET HE3  H  N N 322 
MET HXT  H  N N 323 
PHE N    N  N N 324 
PHE CA   C  N S 325 
PHE C    C  N N 326 
PHE O    O  N N 327 
PHE CB   C  N N 328 
PHE CG   C  Y N 329 
PHE CD1  C  Y N 330 
PHE CD2  C  Y N 331 
PHE CE1  C  Y N 332 
PHE CE2  C  Y N 333 
PHE CZ   C  Y N 334 
PHE OXT  O  N N 335 
PHE H    H  N N 336 
PHE H2   H  N N 337 
PHE HA   H  N N 338 
PHE HB2  H  N N 339 
PHE HB3  H  N N 340 
PHE HD1  H  N N 341 
PHE HD2  H  N N 342 
PHE HE1  H  N N 343 
PHE HE2  H  N N 344 
PHE HZ   H  N N 345 
PHE HXT  H  N N 346 
PRO N    N  N N 347 
PRO CA   C  N S 348 
PRO C    C  N N 349 
PRO O    O  N N 350 
PRO CB   C  N N 351 
PRO CG   C  N N 352 
PRO CD   C  N N 353 
PRO OXT  O  N N 354 
PRO H    H  N N 355 
PRO HA   H  N N 356 
PRO HB2  H  N N 357 
PRO HB3  H  N N 358 
PRO HG2  H  N N 359 
PRO HG3  H  N N 360 
PRO HD2  H  N N 361 
PRO HD3  H  N N 362 
PRO HXT  H  N N 363 
SER N    N  N N 364 
SER CA   C  N S 365 
SER C    C  N N 366 
SER O    O  N N 367 
SER CB   C  N N 368 
SER OG   O  N N 369 
SER OXT  O  N N 370 
SER H    H  N N 371 
SER H2   H  N N 372 
SER HA   H  N N 373 
SER HB2  H  N N 374 
SER HB3  H  N N 375 
SER HG   H  N N 376 
SER HXT  H  N N 377 
THR N    N  N N 378 
THR CA   C  N S 379 
THR C    C  N N 380 
THR O    O  N N 381 
THR CB   C  N R 382 
THR OG1  O  N N 383 
THR CG2  C  N N 384 
THR OXT  O  N N 385 
THR H    H  N N 386 
THR H2   H  N N 387 
THR HA   H  N N 388 
THR HB   H  N N 389 
THR HG1  H  N N 390 
THR HG21 H  N N 391 
THR HG22 H  N N 392 
THR HG23 H  N N 393 
THR HXT  H  N N 394 
TYR N    N  N N 395 
TYR CA   C  N S 396 
TYR C    C  N N 397 
TYR O    O  N N 398 
TYR CB   C  N N 399 
TYR CG   C  Y N 400 
TYR CD1  C  Y N 401 
TYR CD2  C  Y N 402 
TYR CE1  C  Y N 403 
TYR CE2  C  Y N 404 
TYR CZ   C  Y N 405 
TYR OH   O  N N 406 
TYR OXT  O  N N 407 
TYR H    H  N N 408 
TYR H2   H  N N 409 
TYR HA   H  N N 410 
TYR HB2  H  N N 411 
TYR HB3  H  N N 412 
TYR HD1  H  N N 413 
TYR HD2  H  N N 414 
TYR HE1  H  N N 415 
TYR HE2  H  N N 416 
TYR HH   H  N N 417 
TYR HXT  H  N N 418 
VAL N    N  N N 419 
VAL CA   C  N S 420 
VAL C    C  N N 421 
VAL O    O  N N 422 
VAL CB   C  N N 423 
VAL CG1  C  N N 424 
VAL CG2  C  N N 425 
VAL OXT  O  N N 426 
VAL H    H  N N 427 
VAL H2   H  N N 428 
VAL HA   H  N N 429 
VAL HB   H  N N 430 
VAL HG11 H  N N 431 
VAL HG12 H  N N 432 
VAL HG13 H  N N 433 
VAL HG21 H  N N 434 
VAL HG22 H  N N 435 
VAL HG23 H  N N 436 
VAL HXT  H  N N 437 
# 
loop_
_chem_comp_bond.comp_id 
_chem_comp_bond.atom_id_1 
_chem_comp_bond.atom_id_2 
_chem_comp_bond.value_order 
_chem_comp_bond.pdbx_aromatic_flag 
_chem_comp_bond.pdbx_stereo_config 
_chem_comp_bond.pdbx_ordinal 
ALA N   CA   sing N N 1   
ALA N   H    sing N N 2   
ALA N   H2   sing N N 3   
ALA CA  C    sing N N 4   
ALA CA  CB   sing N N 5   
ALA CA  HA   sing N N 6   
ALA C   O    doub N N 7   
ALA C   OXT  sing N N 8   
ALA CB  HB1  sing N N 9   
ALA CB  HB2  sing N N 10  
ALA CB  HB3  sing N N 11  
ALA OXT HXT  sing N N 12  
ARG N   CA   sing N N 13  
ARG N   H    sing N N 14  
ARG N   H2   sing N N 15  
ARG CA  C    sing N N 16  
ARG CA  CB   sing N N 17  
ARG CA  HA   sing N N 18  
ARG C   O    doub N N 19  
ARG C   OXT  sing N N 20  
ARG CB  CG   sing N N 21  
ARG CB  HB2  sing N N 22  
ARG CB  HB3  sing N N 23  
ARG CG  CD   sing N N 24  
ARG CG  HG2  sing N N 25  
ARG CG  HG3  sing N N 26  
ARG CD  NE   sing N N 27  
ARG CD  HD2  sing N N 28  
ARG CD  HD3  sing N N 29  
ARG NE  CZ   sing N N 30  
ARG NE  HE   sing N N 31  
ARG CZ  NH1  sing N N 32  
ARG CZ  NH2  doub N N 33  
ARG NH1 HH11 sing N N 34  
ARG NH1 HH12 sing N N 35  
ARG NH2 HH21 sing N N 36  
ARG NH2 HH22 sing N N 37  
ARG OXT HXT  sing N N 38  
ASN N   CA   sing N N 39  
ASN N   H    sing N N 40  
ASN N   H2   sing N N 41  
ASN CA  C    sing N N 42  
ASN CA  CB   sing N N 43  
ASN CA  HA   sing N N 44  
ASN C   O    doub N N 45  
ASN C   OXT  sing N N 46  
ASN CB  CG   sing N N 47  
ASN CB  HB2  sing N N 48  
ASN CB  HB3  sing N N 49  
ASN CG  OD1  doub N N 50  
ASN CG  ND2  sing N N 51  
ASN ND2 HD21 sing N N 52  
ASN ND2 HD22 sing N N 53  
ASN OXT HXT  sing N N 54  
ASP N   CA   sing N N 55  
ASP N   H    sing N N 56  
ASP N   H2   sing N N 57  
ASP CA  C    sing N N 58  
ASP CA  CB   sing N N 59  
ASP CA  HA   sing N N 60  
ASP C   O    doub N N 61  
ASP C   OXT  sing N N 62  
ASP CB  CG   sing N N 63  
ASP CB  HB2  sing N N 64  
ASP CB  HB3  sing N N 65  
ASP CG  OD1  doub N N 66  
ASP CG  OD2  sing N N 67  
ASP OD2 HD2  sing N N 68  
ASP OXT HXT  sing N N 69  
CYS N   CA   sing N N 70  
CYS N   H    sing N N 71  
CYS N   H2   sing N N 72  
CYS CA  C    sing N N 73  
CYS CA  CB   sing N N 74  
CYS CA  HA   sing N N 75  
CYS C   O    doub N N 76  
CYS C   OXT  sing N N 77  
CYS CB  SG   sing N N 78  
CYS CB  HB2  sing N N 79  
CYS CB  HB3  sing N N 80  
CYS SG  HG   sing N N 81  
CYS OXT HXT  sing N N 82  
GLN N   CA   sing N N 83  
GLN N   H    sing N N 84  
GLN N   H2   sing N N 85  
GLN CA  C    sing N N 86  
GLN CA  CB   sing N N 87  
GLN CA  HA   sing N N 88  
GLN C   O    doub N N 89  
GLN C   OXT  sing N N 90  
GLN CB  CG   sing N N 91  
GLN CB  HB2  sing N N 92  
GLN CB  HB3  sing N N 93  
GLN CG  CD   sing N N 94  
GLN CG  HG2  sing N N 95  
GLN CG  HG3  sing N N 96  
GLN CD  OE1  doub N N 97  
GLN CD  NE2  sing N N 98  
GLN NE2 HE21 sing N N 99  
GLN NE2 HE22 sing N N 100 
GLN OXT HXT  sing N N 101 
GLU N   CA   sing N N 102 
GLU N   H    sing N N 103 
GLU N   H2   sing N N 104 
GLU CA  C    sing N N 105 
GLU CA  CB   sing N N 106 
GLU CA  HA   sing N N 107 
GLU C   O    doub N N 108 
GLU C   OXT  sing N N 109 
GLU CB  CG   sing N N 110 
GLU CB  HB2  sing N N 111 
GLU CB  HB3  sing N N 112 
GLU CG  CD   sing N N 113 
GLU CG  HG2  sing N N 114 
GLU CG  HG3  sing N N 115 
GLU CD  OE1  doub N N 116 
GLU CD  OE2  sing N N 117 
GLU OE2 HE2  sing N N 118 
GLU OXT HXT  sing N N 119 
GLY N   CA   sing N N 120 
GLY N   H    sing N N 121 
GLY N   H2   sing N N 122 
GLY CA  C    sing N N 123 
GLY CA  HA2  sing N N 124 
GLY CA  HA3  sing N N 125 
GLY C   O    doub N N 126 
GLY C   OXT  sing N N 127 
GLY OXT HXT  sing N N 128 
HEB FE  NA   sing N N 129 
HEB FE  NB   sing N N 130 
HEB FE  NC   sing N N 131 
HEB FE  ND   sing N N 132 
HEB CHA C1A  doub N N 133 
HEB CHA C4D  sing N N 134 
HEB CHA HHA  sing N N 135 
HEB CHB C4A  doub N N 136 
HEB CHB C1B  sing N N 137 
HEB CHB HHB  sing N N 138 
HEB CHC C4B  doub N N 139 
HEB CHC C1C  sing N N 140 
HEB CHC HHC  sing N N 141 
HEB CHD C4C  sing N N 142 
HEB CHD C1D  doub N N 143 
HEB CHD HHD  sing N N 144 
HEB NA  C1A  sing N N 145 
HEB NA  C4A  sing N N 146 
HEB C1A C2A  sing N N 147 
HEB C2A C3A  doub N N 148 
HEB C2A CAA  sing N N 149 
HEB C3A C4A  sing N N 150 
HEB C3A CMA  sing N N 151 
HEB CMA HMA1 sing N N 152 
HEB CMA HMA2 sing N N 153 
HEB CMA HMA3 sing N N 154 
HEB CAA CBA  sing N N 155 
HEB CAA HAA1 sing N N 156 
HEB CAA HAA2 sing N N 157 
HEB CBA CGA  sing N N 158 
HEB CBA HBA1 sing N N 159 
HEB CBA HBA2 sing N N 160 
HEB CGA O1A  doub N N 161 
HEB CGA O2A  sing N N 162 
HEB O2A H2A  sing N N 163 
HEB NB  C1B  doub N N 164 
HEB NB  C4B  sing N N 165 
HEB C1B C2B  sing N N 166 
HEB C2B C3B  doub N N 167 
HEB C2B CMB  sing N N 168 
HEB C3B C4B  sing N N 169 
HEB C3B CAB  sing N N 170 
HEB CMB HMB1 sing N N 171 
HEB CMB HMB2 sing N N 172 
HEB CMB HMB3 sing N N 173 
HEB CAB CBB  sing N N 174 
HEB CAB HAB  sing N N 175 
HEB CAB HAB2 sing N N 176 
HEB CBB HBB1 sing N N 177 
HEB CBB HBB2 sing N N 178 
HEB CBB HBB3 sing N N 179 
HEB NC  C1C  sing Y N 180 
HEB NC  C4C  sing Y N 181 
HEB C1C C2C  doub Y N 182 
HEB C2C C3C  sing Y N 183 
HEB C2C CMC  sing N N 184 
HEB C3C C4C  doub Y N 185 
HEB C3C CAC  sing N N 186 
HEB CMC HMC1 sing N N 187 
HEB CMC HMC2 sing N N 188 
HEB CMC HMC3 sing N N 189 
HEB CAC CBC  doub N N 190 
HEB CAC HAC  sing N N 191 
HEB CBC HBC1 sing N N 192 
HEB CBC HBC2 sing N N 193 
HEB ND  C1D  sing N N 194 
HEB ND  C4D  doub N N 195 
HEB C1D C2D  sing N N 196 
HEB C2D C3D  doub N N 197 
HEB C2D CMD  sing N N 198 
HEB C3D C4D  sing N N 199 
HEB C3D CAD  sing N N 200 
HEB CMD HMD1 sing N N 201 
HEB CMD HMD2 sing N N 202 
HEB CMD HMD3 sing N N 203 
HEB CAD CBD  sing N N 204 
HEB CAD HAD1 sing N N 205 
HEB CAD HAD2 sing N N 206 
HEB CBD CGD  sing N N 207 
HEB CBD HBD1 sing N N 208 
HEB CBD HBD2 sing N N 209 
HEB CGD O1D  doub N N 210 
HEB CGD O2D  sing N N 211 
HEB O2D H2D  sing N N 212 
HIS N   CA   sing N N 213 
HIS N   H    sing N N 214 
HIS N   H2   sing N N 215 
HIS CA  C    sing N N 216 
HIS CA  CB   sing N N 217 
HIS CA  HA   sing N N 218 
HIS C   O    doub N N 219 
HIS C   OXT  sing N N 220 
HIS CB  CG   sing N N 221 
HIS CB  HB2  sing N N 222 
HIS CB  HB3  sing N N 223 
HIS CG  ND1  sing Y N 224 
HIS CG  CD2  doub Y N 225 
HIS ND1 CE1  doub Y N 226 
HIS ND1 HD1  sing N N 227 
HIS CD2 NE2  sing Y N 228 
HIS CD2 HD2  sing N N 229 
HIS CE1 NE2  sing Y N 230 
HIS CE1 HE1  sing N N 231 
HIS NE2 HE2  sing N N 232 
HIS OXT HXT  sing N N 233 
ILE N   CA   sing N N 234 
ILE N   H    sing N N 235 
ILE N   H2   sing N N 236 
ILE CA  C    sing N N 237 
ILE CA  CB   sing N N 238 
ILE CA  HA   sing N N 239 
ILE C   O    doub N N 240 
ILE C   OXT  sing N N 241 
ILE CB  CG1  sing N N 242 
ILE CB  CG2  sing N N 243 
ILE CB  HB   sing N N 244 
ILE CG1 CD1  sing N N 245 
ILE CG1 HG12 sing N N 246 
ILE CG1 HG13 sing N N 247 
ILE CG2 HG21 sing N N 248 
ILE CG2 HG22 sing N N 249 
ILE CG2 HG23 sing N N 250 
ILE CD1 HD11 sing N N 251 
ILE CD1 HD12 sing N N 252 
ILE CD1 HD13 sing N N 253 
ILE OXT HXT  sing N N 254 
LEU N   CA   sing N N 255 
LEU N   H    sing N N 256 
LEU N   H2   sing N N 257 
LEU CA  C    sing N N 258 
LEU CA  CB   sing N N 259 
LEU CA  HA   sing N N 260 
LEU C   O    doub N N 261 
LEU C   OXT  sing N N 262 
LEU CB  CG   sing N N 263 
LEU CB  HB2  sing N N 264 
LEU CB  HB3  sing N N 265 
LEU CG  CD1  sing N N 266 
LEU CG  CD2  sing N N 267 
LEU CG  HG   sing N N 268 
LEU CD1 HD11 sing N N 269 
LEU CD1 HD12 sing N N 270 
LEU CD1 HD13 sing N N 271 
LEU CD2 HD21 sing N N 272 
LEU CD2 HD22 sing N N 273 
LEU CD2 HD23 sing N N 274 
LEU OXT HXT  sing N N 275 
LYS N   CA   sing N N 276 
LYS N   H    sing N N 277 
LYS N   H2   sing N N 278 
LYS CA  C    sing N N 279 
LYS CA  CB   sing N N 280 
LYS CA  HA   sing N N 281 
LYS C   O    doub N N 282 
LYS C   OXT  sing N N 283 
LYS CB  CG   sing N N 284 
LYS CB  HB2  sing N N 285 
LYS CB  HB3  sing N N 286 
LYS CG  CD   sing N N 287 
LYS CG  HG2  sing N N 288 
LYS CG  HG3  sing N N 289 
LYS CD  CE   sing N N 290 
LYS CD  HD2  sing N N 291 
LYS CD  HD3  sing N N 292 
LYS CE  NZ   sing N N 293 
LYS CE  HE2  sing N N 294 
LYS CE  HE3  sing N N 295 
LYS NZ  HZ1  sing N N 296 
LYS NZ  HZ2  sing N N 297 
LYS NZ  HZ3  sing N N 298 
LYS OXT HXT  sing N N 299 
MET N   CA   sing N N 300 
MET N   H    sing N N 301 
MET N   H2   sing N N 302 
MET CA  C    sing N N 303 
MET CA  CB   sing N N 304 
MET CA  HA   sing N N 305 
MET C   O    doub N N 306 
MET C   OXT  sing N N 307 
MET CB  CG   sing N N 308 
MET CB  HB2  sing N N 309 
MET CB  HB3  sing N N 310 
MET CG  SD   sing N N 311 
MET CG  HG2  sing N N 312 
MET CG  HG3  sing N N 313 
MET SD  CE   sing N N 314 
MET CE  HE1  sing N N 315 
MET CE  HE2  sing N N 316 
MET CE  HE3  sing N N 317 
MET OXT HXT  sing N N 318 
PHE N   CA   sing N N 319 
PHE N   H    sing N N 320 
PHE N   H2   sing N N 321 
PHE CA  C    sing N N 322 
PHE CA  CB   sing N N 323 
PHE CA  HA   sing N N 324 
PHE C   O    doub N N 325 
PHE C   OXT  sing N N 326 
PHE CB  CG   sing N N 327 
PHE CB  HB2  sing N N 328 
PHE CB  HB3  sing N N 329 
PHE CG  CD1  doub Y N 330 
PHE CG  CD2  sing Y N 331 
PHE CD1 CE1  sing Y N 332 
PHE CD1 HD1  sing N N 333 
PHE CD2 CE2  doub Y N 334 
PHE CD2 HD2  sing N N 335 
PHE CE1 CZ   doub Y N 336 
PHE CE1 HE1  sing N N 337 
PHE CE2 CZ   sing Y N 338 
PHE CE2 HE2  sing N N 339 
PHE CZ  HZ   sing N N 340 
PHE OXT HXT  sing N N 341 
PRO N   CA   sing N N 342 
PRO N   CD   sing N N 343 
PRO N   H    sing N N 344 
PRO CA  C    sing N N 345 
PRO CA  CB   sing N N 346 
PRO CA  HA   sing N N 347 
PRO C   O    doub N N 348 
PRO C   OXT  sing N N 349 
PRO CB  CG   sing N N 350 
PRO CB  HB2  sing N N 351 
PRO CB  HB3  sing N N 352 
PRO CG  CD   sing N N 353 
PRO CG  HG2  sing N N 354 
PRO CG  HG3  sing N N 355 
PRO CD  HD2  sing N N 356 
PRO CD  HD3  sing N N 357 
PRO OXT HXT  sing N N 358 
SER N   CA   sing N N 359 
SER N   H    sing N N 360 
SER N   H2   sing N N 361 
SER CA  C    sing N N 362 
SER CA  CB   sing N N 363 
SER CA  HA   sing N N 364 
SER C   O    doub N N 365 
SER C   OXT  sing N N 366 
SER CB  OG   sing N N 367 
SER CB  HB2  sing N N 368 
SER CB  HB3  sing N N 369 
SER OG  HG   sing N N 370 
SER OXT HXT  sing N N 371 
THR N   CA   sing N N 372 
THR N   H    sing N N 373 
THR N   H2   sing N N 374 
THR CA  C    sing N N 375 
THR CA  CB   sing N N 376 
THR CA  HA   sing N N 377 
THR C   O    doub N N 378 
THR C   OXT  sing N N 379 
THR CB  OG1  sing N N 380 
THR CB  CG2  sing N N 381 
THR CB  HB   sing N N 382 
THR OG1 HG1  sing N N 383 
THR CG2 HG21 sing N N 384 
THR CG2 HG22 sing N N 385 
THR CG2 HG23 sing N N 386 
THR OXT HXT  sing N N 387 
TYR N   CA   sing N N 388 
TYR N   H    sing N N 389 
TYR N   H2   sing N N 390 
TYR CA  C    sing N N 391 
TYR CA  CB   sing N N 392 
TYR CA  HA   sing N N 393 
TYR C   O    doub N N 394 
TYR C   OXT  sing N N 395 
TYR CB  CG   sing N N 396 
TYR CB  HB2  sing N N 397 
TYR CB  HB3  sing N N 398 
TYR CG  CD1  doub Y N 399 
TYR CG  CD2  sing Y N 400 
TYR CD1 CE1  sing Y N 401 
TYR CD1 HD1  sing N N 402 
TYR CD2 CE2  doub Y N 403 
TYR CD2 HD2  sing N N 404 
TYR CE1 CZ   doub Y N 405 
TYR CE1 HE1  sing N N 406 
TYR CE2 CZ   sing Y N 407 
TYR CE2 HE2  sing N N 408 
TYR CZ  OH   sing N N 409 
TYR OH  HH   sing N N 410 
TYR OXT HXT  sing N N 411 
VAL N   CA   sing N N 412 
VAL N   H    sing N N 413 
VAL N   H2   sing N N 414 
VAL CA  C    sing N N 415 
VAL CA  CB   sing N N 416 
VAL CA  HA   sing N N 417 
VAL C   O    doub N N 418 
VAL C   OXT  sing N N 419 
VAL CB  CG1  sing N N 420 
VAL CB  CG2  sing N N 421 
VAL CB  HB   sing N N 422 
VAL CG1 HG11 sing N N 423 
VAL CG1 HG12 sing N N 424 
VAL CG1 HG13 sing N N 425 
VAL CG2 HG21 sing N N 426 
VAL CG2 HG22 sing N N 427 
VAL CG2 HG23 sing N N 428 
VAL OXT HXT  sing N N 429 
# 
loop_
_pdbx_nmr_spectrometer.spectrometer_id 
_pdbx_nmr_spectrometer.model 
_pdbx_nmr_spectrometer.manufacturer 
_pdbx_nmr_spectrometer.field_strength 
_pdbx_nmr_spectrometer.type 
1 AVANCE Bruker 800 ? 
2 AVANCE Bruker 600 ? 
# 
_atom_sites.entry_id                    1QQ3 
_atom_sites.fract_transf_matrix[1][1]   1.000000 
_atom_sites.fract_transf_matrix[1][2]   0.000000 
_atom_sites.fract_transf_matrix[1][3]   0.000000 
_atom_sites.fract_transf_matrix[2][1]   0.000000 
_atom_sites.fract_transf_matrix[2][2]   1.000000 
_atom_sites.fract_transf_matrix[2][3]   0.000000 
_atom_sites.fract_transf_matrix[3][1]   0.000000 
_atom_sites.fract_transf_matrix[3][2]   0.000000 
_atom_sites.fract_transf_matrix[3][3]   1.000000 
_atom_sites.fract_transf_vector[1]      0.00000 
_atom_sites.fract_transf_vector[2]      0.00000 
_atom_sites.fract_transf_vector[3]      0.00000 
# 
loop_
_atom_type.symbol 
C  
FE 
H  
N  
O  
S  
# 
loop_
_atom_site.group_PDB 
_atom_site.id 
_atom_site.type_symbol 
_atom_site.label_atom_id 
_atom_site.label_alt_id 
_atom_site.label_comp_id 
_atom_site.label_asym_id 
_atom_site.label_entity_id 
_atom_site.label_seq_id 
_atom_site.pdbx_PDB_ins_code 
_atom_site.Cartn_x 
_atom_site.Cartn_y 
_atom_site.Cartn_z 
_atom_site.occupancy 
_atom_site.B_iso_or_equiv 
_atom_site.pdbx_formal_charge 
_atom_site.auth_seq_id 
_atom_site.auth_comp_id 
_atom_site.auth_asym_id 
_atom_site.auth_atom_id 
_atom_site.pdbx_PDB_model_num 
ATOM   1    N  N    . ALA A 1 1   ? 1.189   -1.199  16.283  1.00 0.00 ? 1   ALA A N    1 
ATOM   2    C  CA   . ALA A 1 1   ? 1.449   -1.203  14.840  1.00 0.00 ? 1   ALA A CA   1 
ATOM   3    C  C    . ALA A 1 1   ? 2.944   -1.331  14.648  1.00 0.00 ? 1   ALA A C    1 
ATOM   4    O  O    . ALA A 1 1   ? 3.655   -0.639  15.372  1.00 0.00 ? 1   ALA A O    1 
ATOM   5    C  CB   . ALA A 1 1   ? 1.209   -0.214  14.467  1.00 0.00 ? 1   ALA A CB   1 
ATOM   6    H  H1   . ALA A 1 1   ? 1.526   -2.064  16.690  1.00 0.00 ? 1   ALA A H1   1 
ATOM   7    H  H2   . ALA A 1 1   ? 1.669   -0.415  16.710  1.00 0.00 ? 1   ALA A H2   1 
ATOM   8    H  H3   . ALA A 1 1   ? 0.192   -1.115  16.446  1.00 0.00 ? 1   ALA A H3   1 
ATOM   9    H  HA   . ALA A 1 1   ? 0.907   -1.973  14.332  1.00 0.00 ? 1   ALA A HA   1 
ATOM   10   H  HB1  . ALA A 1 1   ? 0.149   0.005   14.668  1.00 0.00 ? 1   ALA A HB1  1 
ATOM   11   H  HB2  . ALA A 1 1   ? 1.841   0.533   14.972  1.00 0.00 ? 1   ALA A HB2  1 
ATOM   12   H  HB3  . ALA A 1 1   ? 1.392   -0.178  13.382  1.00 0.00 ? 1   ALA A HB3  1 
ATOM   13   N  N    . ASP A 1 2   ? 3.435   -2.128  13.704  1.00 0.00 ? 2   ASP A N    1 
ATOM   14   C  CA   . ASP A 1 2   ? 4.857   -2.195  13.454  1.00 0.00 ? 2   ASP A CA   1 
ATOM   15   C  C    . ASP A 1 2   ? 5.003   -2.216  11.945  1.00 0.00 ? 2   ASP A C    1 
ATOM   16   O  O    . ASP A 1 2   ? 4.309   -2.951  11.255  1.00 0.00 ? 2   ASP A O    1 
ATOM   17   C  CB   . ASP A 1 2   ? 5.499   -3.404  14.142  1.00 0.00 ? 2   ASP A CB   1 
ATOM   18   C  CG   . ASP A 1 2   ? 5.416   -3.274  15.665  1.00 0.00 ? 2   ASP A CG   1 
ATOM   19   O  OD1  . ASP A 1 2   ? 4.343   -3.612  16.219  1.00 0.00 ? 2   ASP A OD1  1 
ATOM   20   O  OD2  . ASP A 1 2   ? 6.406   -2.781  16.249  1.00 0.00 ? 2   ASP A OD2  1 
ATOM   21   H  H    . ASP A 1 2   ? 2.883   -2.671  13.059  1.00 0.00 ? 2   ASP A H    1 
ATOM   22   H  HA   . ASP A 1 2   ? 5.341   -1.301  13.848  1.00 0.00 ? 2   ASP A HA   1 
ATOM   23   H  HB2  . ASP A 1 2   ? 5.008   -4.325  13.843  1.00 0.00 ? 2   ASP A HB2  1 
ATOM   24   H  HB3  . ASP A 1 2   ? 6.544   -3.455  13.828  1.00 0.00 ? 2   ASP A HB3  1 
ATOM   25   N  N    . LEU A 1 3   ? 5.867   -1.349  11.441  1.00 0.00 ? 3   LEU A N    1 
ATOM   26   C  CA   . LEU A 1 3   ? 6.200   -1.162  10.032  1.00 0.00 ? 3   LEU A CA   1 
ATOM   27   C  C    . LEU A 1 3   ? 6.745   -2.427  9.422   1.00 0.00 ? 3   LEU A C    1 
ATOM   28   O  O    . LEU A 1 3   ? 6.377   -2.716  8.294   1.00 0.00 ? 3   LEU A O    1 
ATOM   29   C  CB   . LEU A 1 3   ? 7.200   -0.007  9.980   1.00 0.00 ? 3   LEU A CB   1 
ATOM   30   C  CG   . LEU A 1 3   ? 8.273   0.018   8.888   1.00 0.00 ? 3   LEU A CG   1 
ATOM   31   C  CD1  . LEU A 1 3   ? 7.830   0.602   7.545   1.00 0.00 ? 3   LEU A CD1  1 
ATOM   32   C  CD2  . LEU A 1 3   ? 9.304   0.985   9.424   1.00 0.00 ? 3   LEU A CD2  1 
ATOM   33   H  H    . LEU A 1 3   ? 6.320   -0.768  12.125  1.00 0.00 ? 3   LEU A H    1 
ATOM   34   H  HA   . LEU A 1 3   ? 5.323   -0.925  9.429   1.00 0.00 ? 3   LEU A HA   1 
ATOM   35   H  HB2  . LEU A 1 3   ? 6.639   0.914   9.909   1.00 0.00 ? 3   LEU A HB2  1 
ATOM   36   H  HB3  . LEU A 1 3   ? 7.727   -0.003  10.934  1.00 0.00 ? 3   LEU A HB3  1 
ATOM   37   H  HG   . LEU A 1 3   ? 8.738   -0.957  8.752   1.00 0.00 ? 3   LEU A HG   1 
ATOM   38   H  HD11 . LEU A 1 3   ? 7.052   -0.033  7.138   1.00 0.00 ? 3   LEU A HD11 1 
ATOM   39   H  HD12 . LEU A 1 3   ? 7.444   1.615   7.676   1.00 0.00 ? 3   LEU A HD12 1 
ATOM   40   H  HD13 . LEU A 1 3   ? 8.684   0.643   6.858   1.00 0.00 ? 3   LEU A HD13 1 
ATOM   41   H  HD21 . LEU A 1 3   ? 8.859   1.978   9.503   1.00 0.00 ? 3   LEU A HD21 1 
ATOM   42   H  HD22 . LEU A 1 3   ? 9.671   0.668   10.402  1.00 0.00 ? 3   LEU A HD22 1 
ATOM   43   H  HD23 . LEU A 1 3   ? 10.142  0.992   8.744   1.00 0.00 ? 3   LEU A HD23 1 
ATOM   44   N  N    . GLU A 1 4   ? 7.566   -3.208  10.116  1.00 0.00 ? 4   GLU A N    1 
ATOM   45   C  CA   . GLU A 1 4   ? 8.017   -4.450  9.509   1.00 0.00 ? 4   GLU A CA   1 
ATOM   46   C  C    . GLU A 1 4   ? 6.813   -5.371  9.300   1.00 0.00 ? 4   GLU A C    1 
ATOM   47   O  O    . GLU A 1 4   ? 6.642   -5.934  8.223   1.00 0.00 ? 4   GLU A O    1 
ATOM   48   C  CB   . GLU A 1 4   ? 9.155   -5.052  10.337  1.00 0.00 ? 4   GLU A CB   1 
ATOM   49   C  CG   . GLU A 1 4   ? 8.727   -5.816  11.590  1.00 0.00 ? 4   GLU A CG   1 
ATOM   50   C  CD   . GLU A 1 4   ? 9.939   -6.089  12.486  1.00 0.00 ? 4   GLU A CD   1 
ATOM   51   O  OE1  . GLU A 1 4   ? 10.805  -6.889  12.064  1.00 0.00 ? 4   GLU A OE1  1 
ATOM   52   O  OE2  . GLU A 1 4   ? 9.996   -5.478  13.575  1.00 0.00 ? 4   GLU A OE2  1 
ATOM   53   H  H    . GLU A 1 4   ? 7.884   -2.964  11.041  1.00 0.00 ? 4   GLU A H    1 
ATOM   54   H  HA   . GLU A 1 4   ? 8.425   -4.211  8.525   1.00 0.00 ? 4   GLU A HA   1 
ATOM   55   H  HB2  . GLU A 1 4   ? 9.724   -5.722  9.695   1.00 0.00 ? 4   GLU A HB2  1 
ATOM   56   H  HB3  . GLU A 1 4   ? 9.800   -4.230  10.639  1.00 0.00 ? 4   GLU A HB3  1 
ATOM   57   H  HG2  . GLU A 1 4   ? 7.993   -5.227  12.141  1.00 0.00 ? 4   GLU A HG2  1 
ATOM   58   H  HG3  . GLU A 1 4   ? 8.271   -6.763  11.296  1.00 0.00 ? 4   GLU A HG3  1 
ATOM   59   N  N    . ASP A 1 5   ? 5.900   -5.395  10.272  1.00 0.00 ? 5   ASP A N    1 
ATOM   60   C  CA   . ASP A 1 5   ? 4.610   -6.075  10.146  1.00 0.00 ? 5   ASP A CA   1 
ATOM   61   C  C    . ASP A 1 5   ? 3.789   -5.452  9.021   1.00 0.00 ? 5   ASP A C    1 
ATOM   62   O  O    . ASP A 1 5   ? 3.110   -6.167  8.296   1.00 0.00 ? 5   ASP A O    1 
ATOM   63   C  CB   . ASP A 1 5   ? 3.793   -5.988  11.449  1.00 0.00 ? 5   ASP A CB   1 
ATOM   64   C  CG   . ASP A 1 5   ? 3.579   -7.334  12.137  1.00 0.00 ? 5   ASP A CG   1 
ATOM   65   O  OD1  . ASP A 1 5   ? 3.209   -8.295  11.429  1.00 0.00 ? 5   ASP A OD1  1 
ATOM   66   O  OD2  . ASP A 1 5   ? 3.736   -7.371  13.378  1.00 0.00 ? 5   ASP A OD2  1 
ATOM   67   H  H    . ASP A 1 5   ? 6.108   -4.872  11.108  1.00 0.00 ? 5   ASP A H    1 
ATOM   68   H  HA   . ASP A 1 5   ? 4.782   -7.125  9.901   1.00 0.00 ? 5   ASP A HA   1 
ATOM   69   H  HB2  . ASP A 1 5   ? 4.286   -5.313  12.138  1.00 0.00 ? 5   ASP A HB2  1 
ATOM   70   H  HB3  . ASP A 1 5   ? 2.806   -5.571  11.241  1.00 0.00 ? 5   ASP A HB3  1 
ATOM   71   N  N    . ASN A 1 6   ? 3.822   -4.127  8.827   1.00 0.00 ? 6   ASN A N    1 
ATOM   72   C  CA   . ASN A 1 6   ? 2.986   -3.513  7.822   1.00 0.00 ? 6   ASN A CA   1 
ATOM   73   C  C    . ASN A 1 6   ? 3.441   -3.998  6.488   1.00 0.00 ? 6   ASN A C    1 
ATOM   74   O  O    . ASN A 1 6   ? 2.595   -4.266  5.658   1.00 0.00 ? 6   ASN A O    1 
ATOM   75   C  CB   . ASN A 1 6   ? 3.061   -1.986  7.796   1.00 0.00 ? 6   ASN A CB   1 
ATOM   76   C  CG   . ASN A 1 6   ? 2.618   -1.348  9.114   1.00 0.00 ? 6   ASN A CG   1 
ATOM   77   O  OD1  . ASN A 1 6   ? 3.122   -0.309  9.514   1.00 0.00 ? 6   ASN A OD1  1 
ATOM   78   N  ND2  . ASN A 1 6   ? 1.648   -1.933  9.807   1.00 0.00 ? 6   ASN A ND2  1 
ATOM   79   H  H    . ASN A 1 6   ? 4.458   -3.525  9.324   1.00 0.00 ? 6   ASN A H    1 
ATOM   80   H  HA   . ASN A 1 6   ? 1.960   -3.834  7.958   1.00 0.00 ? 6   ASN A HA   1 
ATOM   81   H  HB2  . ASN A 1 6   ? 4.056   -1.669  7.451   1.00 0.00 ? 6   ASN A HB2  1 
ATOM   82   H  HB3  . ASN A 1 6   ? 2.368   -1.642  7.034   1.00 0.00 ? 6   ASN A HB3  1 
ATOM   83   H  HD21 . ASN A 1 6   ? 1.263   -2.823  9.545   1.00 0.00 ? 6   ASN A HD21 1 
ATOM   84   H  HD22 . ASN A 1 6   ? 1.395   -1.487  10.672  1.00 0.00 ? 6   ASN A HD22 1 
ATOM   85   N  N    . MET A 1 7   ? 4.754   -4.076  6.310   1.00 0.00 ? 7   MET A N    1 
ATOM   86   C  CA   . MET A 1 7   ? 5.441   -4.383  5.084   1.00 0.00 ? 7   MET A CA   1 
ATOM   87   C  C    . MET A 1 7   ? 5.210   -5.829  4.688   1.00 0.00 ? 7   MET A C    1 
ATOM   88   O  O    . MET A 1 7   ? 4.842   -6.092  3.540   1.00 0.00 ? 7   MET A O    1 
ATOM   89   C  CB   . MET A 1 7   ? 6.923   -4.078  5.305   1.00 0.00 ? 7   MET A CB   1 
ATOM   90   C  CG   . MET A 1 7   ? 7.181   -2.567  5.303   1.00 0.00 ? 7   MET A CG   1 
ATOM   91   S  SD   . MET A 1 7   ? 6.642   -1.674  3.827   1.00 0.00 ? 7   MET A SD   1 
ATOM   92   C  CE   . MET A 1 7   ? 6.287   -0.061  4.521   1.00 0.00 ? 7   MET A CE   1 
ATOM   93   H  H    . MET A 1 7   ? 5.337   -3.904  7.117   1.00 0.00 ? 7   MET A H    1 
ATOM   94   H  HA   . MET A 1 7   ? 5.024   -3.748  4.306   1.00 0.00 ? 7   MET A HA   1 
ATOM   95   H  HB2  . MET A 1 7   ? 7.256   -4.497  6.253   1.00 0.00 ? 7   MET A HB2  1 
ATOM   96   H  HB3  . MET A 1 7   ? 7.481   -4.571  4.531   1.00 0.00 ? 7   MET A HB3  1 
ATOM   97   H  HG2  . MET A 1 7   ? 6.564   -2.147  6.086   1.00 0.00 ? 7   MET A HG2  1 
ATOM   98   H  HG3  . MET A 1 7   ? 8.211   -2.341  5.564   1.00 0.00 ? 7   MET A HG3  1 
ATOM   99   H  HE1  . MET A 1 7   ? 5.611   -0.148  5.370   1.00 0.00 ? 7   MET A HE1  1 
ATOM   100  H  HE2  . MET A 1 7   ? 7.192   0.473   4.799   1.00 0.00 ? 7   MET A HE2  1 
ATOM   101  H  HE3  . MET A 1 7   ? 5.767   0.448   3.736   1.00 0.00 ? 7   MET A HE3  1 
ATOM   102  N  N    . GLU A 1 8   ? 5.368   -6.764  5.631   1.00 0.00 ? 8   GLU A N    1 
ATOM   103  C  CA   . GLU A 1 8   ? 5.010   -8.140  5.336   1.00 0.00 ? 8   GLU A CA   1 
ATOM   104  C  C    . GLU A 1 8   ? 3.531   -8.188  4.986   1.00 0.00 ? 8   GLU A C    1 
ATOM   105  O  O    . GLU A 1 8   ? 3.155   -8.851  4.027   1.00 0.00 ? 8   GLU A O    1 
ATOM   106  C  CB   . GLU A 1 8   ? 5.262   -9.118  6.489   1.00 0.00 ? 8   GLU A CB   1 
ATOM   107  C  CG   . GLU A 1 8   ? 6.665   -9.079  7.100   1.00 0.00 ? 8   GLU A CG   1 
ATOM   108  C  CD   . GLU A 1 8   ? 7.095   -10.479 7.544   1.00 0.00 ? 8   GLU A CD   1 
ATOM   109  O  OE1  . GLU A 1 8   ? 6.454   -11.019 8.472   1.00 0.00 ? 8   GLU A OE1  1 
ATOM   110  O  OE2  . GLU A 1 8   ? 8.037   -11.013 6.915   1.00 0.00 ? 8   GLU A OE2  1 
ATOM   111  H  H    . GLU A 1 8   ? 5.681   -6.515  6.564   1.00 0.00 ? 8   GLU A H    1 
ATOM   112  H  HA   . GLU A 1 8   ? 5.586   -8.465  4.470   1.00 0.00 ? 8   GLU A HA   1 
ATOM   113  H  HB2  . GLU A 1 8   ? 4.529   -8.956  7.279   1.00 0.00 ? 8   GLU A HB2  1 
ATOM   114  H  HB3  . GLU A 1 8   ? 5.094   -10.116 6.079   1.00 0.00 ? 8   GLU A HB3  1 
ATOM   115  H  HG2  . GLU A 1 8   ? 7.377   -8.692  6.367   1.00 0.00 ? 8   GLU A HG2  1 
ATOM   116  H  HG3  . GLU A 1 8   ? 6.655   -8.418  7.966   1.00 0.00 ? 8   GLU A HG3  1 
ATOM   117  N  N    . THR A 1 9   ? 2.688   -7.454  5.720   1.00 0.00 ? 9   THR A N    1 
ATOM   118  C  CA   . THR A 1 9   ? 1.264   -7.485  5.502   1.00 0.00 ? 9   THR A CA   1 
ATOM   119  C  C    . THR A 1 9   ? 0.965   -6.904  4.132   1.00 0.00 ? 9   THR A C    1 
ATOM   120  O  O    . THR A 1 9   ? 0.091   -7.450  3.459   1.00 0.00 ? 9   THR A O    1 
ATOM   121  C  CB   . THR A 1 9   ? 0.504   -6.754  6.625   1.00 0.00 ? 9   THR A CB   1 
ATOM   122  O  OG1  . THR A 1 9   ? 0.557   -7.487  7.825   1.00 0.00 ? 9   THR A OG1  1 
ATOM   123  C  CG2  . THR A 1 9   ? -0.988  -6.600  6.325   1.00 0.00 ? 9   THR A CG2  1 
ATOM   124  H  H    . THR A 1 9   ? 3.024   -6.835  6.440   1.00 0.00 ? 9   THR A H    1 
ATOM   125  H  HA   . THR A 1 9   ? 0.951   -8.530  5.496   1.00 0.00 ? 9   THR A HA   1 
ATOM   126  H  HB   . THR A 1 9   ? 0.936   -5.768  6.790   1.00 0.00 ? 9   THR A HB   1 
ATOM   127  H  HG1  . THR A 1 9   ? 0.235   -8.375  7.668   1.00 0.00 ? 9   THR A HG1  1 
ATOM   128  H  HG21 . THR A 1 9   ? -1.416  -7.574  6.088   1.00 0.00 ? 9   THR A HG21 1 
ATOM   129  H  HG22 . THR A 1 9   ? -1.491  -6.195  7.203   1.00 0.00 ? 9   THR A HG22 1 
ATOM   130  H  HG23 . THR A 1 9   ? -1.135  -5.914  5.493   1.00 0.00 ? 9   THR A HG23 1 
ATOM   131  N  N    . LEU A 1 10  ? 1.647   -5.844  3.658   1.00 0.00 ? 10  LEU A N    1 
ATOM   132  C  CA   . LEU A 1 10  ? 1.221   -5.334  2.367   1.00 0.00 ? 10  LEU A CA   1 
ATOM   133  C  C    . LEU A 1 10  ? 1.505   -6.402  1.322   1.00 0.00 ? 10  LEU A C    1 
ATOM   134  O  O    . LEU A 1 10  ? 0.710   -6.595  0.410   1.00 0.00 ? 10  LEU A O    1 
ATOM   135  C  CB   . LEU A 1 10  ? 1.872   -4.020  1.889   1.00 0.00 ? 10  LEU A CB   1 
ATOM   136  C  CG   . LEU A 1 10  ? 2.175   -2.929  2.917   1.00 0.00 ? 10  LEU A CG   1 
ATOM   137  C  CD1  . LEU A 1 10  ? 2.892   -1.764  2.242   1.00 0.00 ? 10  LEU A CD1  1 
ATOM   138  C  CD2  . LEU A 1 10  ? 0.928   -2.396  3.623   1.00 0.00 ? 10  LEU A CD2  1 
ATOM   139  H  H    . LEU A 1 10  ? 2.397   -5.389  4.169   1.00 0.00 ? 10  LEU A H    1 
ATOM   140  H  HA   . LEU A 1 10  ? 0.152   -5.192  2.463   1.00 0.00 ? 10  LEU A HA   1 
ATOM   141  H  HB2  . LEU A 1 10  ? 2.815   -4.268  1.406   1.00 0.00 ? 10  LEU A HB2  1 
ATOM   142  H  HB3  . LEU A 1 10  ? 1.218   -3.596  1.126   1.00 0.00 ? 10  LEU A HB3  1 
ATOM   143  H  HG   . LEU A 1 10  ? 2.877   -3.335  3.625   1.00 0.00 ? 10  LEU A HG   1 
ATOM   144  H  HD11 . LEU A 1 10  ? 3.795   -2.134  1.757   1.00 0.00 ? 10  LEU A HD11 1 
ATOM   145  H  HD12 . LEU A 1 10  ? 2.238   -1.302  1.509   1.00 0.00 ? 10  LEU A HD12 1 
ATOM   146  H  HD13 . LEU A 1 10  ? 3.176   -1.025  2.990   1.00 0.00 ? 10  LEU A HD13 1 
ATOM   147  H  HD21 . LEU A 1 10  ? 1.235   -1.831  4.503   1.00 0.00 ? 10  LEU A HD21 1 
ATOM   148  H  HD22 . LEU A 1 10  ? 0.367   -1.742  2.957   1.00 0.00 ? 10  LEU A HD22 1 
ATOM   149  H  HD23 . LEU A 1 10  ? 0.293   -3.222  3.934   1.00 0.00 ? 10  LEU A HD23 1 
ATOM   150  N  N    . ASN A 1 11  ? 2.639   -7.090  1.465   1.00 0.00 ? 11  ASN A N    1 
ATOM   151  C  CA   . ASN A 1 11  ? 3.094   -8.075  0.502   1.00 0.00 ? 11  ASN A CA   1 
ATOM   152  C  C    . ASN A 1 11  ? 2.204   -9.318  0.514   1.00 0.00 ? 11  ASN A C    1 
ATOM   153  O  O    . ASN A 1 11  ? 1.892   -9.849  -0.547  1.00 0.00 ? 11  ASN A O    1 
ATOM   154  C  CB   . ASN A 1 11  ? 4.554   -8.419  0.806   1.00 0.00 ? 11  ASN A CB   1 
ATOM   155  C  CG   . ASN A 1 11  ? 5.094   -9.446  -0.171  1.00 0.00 ? 11  ASN A CG   1 
ATOM   156  O  OD1  . ASN A 1 11  ? 4.967   -9.291  -1.379  1.00 0.00 ? 11  ASN A OD1  1 
ATOM   157  N  ND2  . ASN A 1 11  ? 5.742   -10.489 0.331   1.00 0.00 ? 11  ASN A ND2  1 
ATOM   158  H  H    . ASN A 1 11  ? 3.218   -6.910  2.281   1.00 0.00 ? 11  ASN A H    1 
ATOM   159  H  HA   . ASN A 1 11  ? 3.041   -7.642  -0.498  1.00 0.00 ? 11  ASN A HA   1 
ATOM   160  H  HB2  . ASN A 1 11  ? 5.166   -7.521  0.715   1.00 0.00 ? 11  ASN A HB2  1 
ATOM   161  H  HB3  . ASN A 1 11  ? 4.633   -8.804  1.824   1.00 0.00 ? 11  ASN A HB3  1 
ATOM   162  H  HD21 . ASN A 1 11  ? 5.845   -10.613 1.327   1.00 0.00 ? 11  ASN A HD21 1 
ATOM   163  H  HD22 . ASN A 1 11  ? 6.121   -11.153 -0.319  1.00 0.00 ? 11  ASN A HD22 1 
ATOM   164  N  N    . ASP A 1 12  ? 1.737   -9.747  1.689   1.00 0.00 ? 12  ASP A N    1 
ATOM   165  C  CA   . ASP A 1 12  ? 0.818   -10.873 1.830   1.00 0.00 ? 12  ASP A CA   1 
ATOM   166  C  C    . ASP A 1 12  ? -0.436  -10.570 1.024   1.00 0.00 ? 12  ASP A C    1 
ATOM   167  O  O    . ASP A 1 12  ? -0.890  -11.367 0.203   1.00 0.00 ? 12  ASP A O    1 
ATOM   168  C  CB   . ASP A 1 12  ? 0.439   -11.086 3.313   1.00 0.00 ? 12  ASP A CB   1 
ATOM   169  C  CG   . ASP A 1 12  ? 0.993   -12.375 3.920   1.00 0.00 ? 12  ASP A CG   1 
ATOM   170  O  OD1  . ASP A 1 12  ? 1.326   -13.297 3.141   1.00 0.00 ? 12  ASP A OD1  1 
ATOM   171  O  OD2  . ASP A 1 12  ? 1.029   -12.431 5.168   1.00 0.00 ? 12  ASP A OD2  1 
ATOM   172  H  H    . ASP A 1 12  ? 2.011   -9.260  2.530   1.00 0.00 ? 12  ASP A H    1 
ATOM   173  H  HA   . ASP A 1 12  ? 1.281   -11.770 1.422   1.00 0.00 ? 12  ASP A HA   1 
ATOM   174  H  HB2  . ASP A 1 12  ? 0.774   -10.237 3.908   1.00 0.00 ? 12  ASP A HB2  1 
ATOM   175  H  HB3  . ASP A 1 12  ? -0.647  -11.132 3.410   1.00 0.00 ? 12  ASP A HB3  1 
ATOM   176  N  N    . ASN A 1 13  ? -0.987  -9.373  1.223   1.00 0.00 ? 13  ASN A N    1 
ATOM   177  C  CA   . ASN A 1 13  ? -2.180  -8.986  0.511   1.00 0.00 ? 13  ASN A CA   1 
ATOM   178  C  C    . ASN A 1 13  ? -1.907  -8.826  -0.975  1.00 0.00 ? 13  ASN A C    1 
ATOM   179  O  O    . ASN A 1 13  ? -2.758  -9.202  -1.769  1.00 0.00 ? 13  ASN A O    1 
ATOM   180  C  CB   . ASN A 1 13  ? -2.721  -7.684  1.080   1.00 0.00 ? 13  ASN A CB   1 
ATOM   181  C  CG   . ASN A 1 13  ? -3.334  -7.915  2.447   1.00 0.00 ? 13  ASN A CG   1 
ATOM   182  O  OD1  . ASN A 1 13  ? -4.366  -8.559  2.586   1.00 0.00 ? 13  ASN A OD1  1 
ATOM   183  N  ND2  . ASN A 1 13  ? -2.676  -7.432  3.484   1.00 0.00 ? 13  ASN A ND2  1 
ATOM   184  H  H    . ASN A 1 13  ? -0.593  -8.727  1.895   1.00 0.00 ? 13  ASN A H    1 
ATOM   185  H  HA   . ASN A 1 13  ? -2.936  -9.764  0.638   1.00 0.00 ? 13  ASN A HA   1 
ATOM   186  H  HB2  . ASN A 1 13  ? -1.925  -6.940  1.128   1.00 0.00 ? 13  ASN A HB2  1 
ATOM   187  H  HB3  . ASN A 1 13  ? -3.496  -7.325  0.415   1.00 0.00 ? 13  ASN A HB3  1 
ATOM   188  H  HD21 . ASN A 1 13  ? -1.772  -7.005  3.352   1.00 0.00 ? 13  ASN A HD21 1 
ATOM   189  H  HD22 . ASN A 1 13  ? -2.981  -7.691  4.400   1.00 0.00 ? 13  ASN A HD22 1 
ATOM   190  N  N    . LEU A 1 14  ? -0.753  -8.290  -1.387  1.00 0.00 ? 14  LEU A N    1 
ATOM   191  C  CA   . LEU A 1 14  ? -0.467  -8.038  -2.786  1.00 0.00 ? 14  LEU A CA   1 
ATOM   192  C  C    . LEU A 1 14  ? -0.406  -9.367  -3.525  1.00 0.00 ? 14  LEU A C    1 
ATOM   193  O  O    . LEU A 1 14  ? -0.885  -9.493  -4.648  1.00 0.00 ? 14  LEU A O    1 
ATOM   194  C  CB   . LEU A 1 14  ? 0.862   -7.276  -2.846  1.00 0.00 ? 14  LEU A CB   1 
ATOM   195  C  CG   . LEU A 1 14  ? 1.059   -6.422  -4.099  1.00 0.00 ? 14  LEU A CG   1 
ATOM   196  C  CD1  . LEU A 1 14  ? -0.116  -5.456  -4.301  1.00 0.00 ? 14  LEU A CD1  1 
ATOM   197  C  CD2  . LEU A 1 14  ? 2.344   -5.617  -3.889  1.00 0.00 ? 14  LEU A CD2  1 
ATOM   198  H  H    . LEU A 1 14  ? 0.000   -8.040  -0.760  1.00 0.00 ? 14  LEU A H    1 
ATOM   199  H  HA   . LEU A 1 14  ? -1.268  -7.440  -3.212  1.00 0.00 ? 14  LEU A HA   1 
ATOM   200  H  HB2  . LEU A 1 14  ? 0.916   -6.595  -1.998  1.00 0.00 ? 14  LEU A HB2  1 
ATOM   201  H  HB3  . LEU A 1 14  ? 1.687   -7.986  -2.754  1.00 0.00 ? 14  LEU A HB3  1 
ATOM   202  H  HG   . LEU A 1 14  ? 1.169   -7.062  -4.972  1.00 0.00 ? 14  LEU A HG   1 
ATOM   203  H  HD11 . LEU A 1 14  ? -0.788  -5.847  -5.062  1.00 0.00 ? 14  LEU A HD11 1 
ATOM   204  H  HD12 . LEU A 1 14  ? -0.675  -5.351  -3.374  1.00 0.00 ? 14  LEU A HD12 1 
ATOM   205  H  HD13 . LEU A 1 14  ? 0.239   -4.473  -4.613  1.00 0.00 ? 14  LEU A HD13 1 
ATOM   206  H  HD21 . LEU A 1 14  ? 3.097   -6.230  -3.392  1.00 0.00 ? 14  LEU A HD21 1 
ATOM   207  H  HD22 . LEU A 1 14  ? 2.733   -5.291  -4.850  1.00 0.00 ? 14  LEU A HD22 1 
ATOM   208  H  HD23 . LEU A 1 14  ? 2.137   -4.739  -3.277  1.00 0.00 ? 14  LEU A HD23 1 
ATOM   209  N  N    . LYS A 1 15  ? 0.120   -10.383 -2.842  1.00 0.00 ? 15  LYS A N    1 
ATOM   210  C  CA   . LYS A 1 15  ? 0.185   -11.737 -3.339  1.00 0.00 ? 15  LYS A CA   1 
ATOM   211  C  C    . LYS A 1 15  ? -1.222  -12.273 -3.545  1.00 0.00 ? 15  LYS A C    1 
ATOM   212  O  O    . LYS A 1 15  ? -1.539  -12.755 -4.628  1.00 0.00 ? 15  LYS A O    1 
ATOM   213  C  CB   . LYS A 1 15  ? 0.979   -12.573 -2.332  1.00 0.00 ? 15  LYS A CB   1 
ATOM   214  C  CG   . LYS A 1 15  ? 1.331   -13.946 -2.904  1.00 0.00 ? 15  LYS A CG   1 
ATOM   215  C  CD   . LYS A 1 15  ? 2.844   -14.144 -2.827  1.00 0.00 ? 15  LYS A CD   1 
ATOM   216  C  CE   . LYS A 1 15  ? 3.200   -15.486 -3.460  1.00 0.00 ? 15  LYS A CE   1 
ATOM   217  N  NZ   . LYS A 1 15  ? 4.664   -15.670 -3.538  1.00 0.00 ? 15  LYS A NZ   1 
ATOM   218  H  H    . LYS A 1 15  ? 0.454   -10.210 -1.901  1.00 0.00 ? 15  LYS A H    1 
ATOM   219  H  HA   . LYS A 1 15  ? 0.698   -11.724 -4.302  1.00 0.00 ? 15  LYS A HA   1 
ATOM   220  H  HB2  . LYS A 1 15  ? 1.895   -12.035 -2.081  1.00 0.00 ? 15  LYS A HB2  1 
ATOM   221  H  HB3  . LYS A 1 15  ? 0.410   -12.704 -1.413  1.00 0.00 ? 15  LYS A HB3  1 
ATOM   222  H  HG2  . LYS A 1 15  ? 0.825   -14.722 -2.327  1.00 0.00 ? 15  LYS A HG2  1 
ATOM   223  H  HG3  . LYS A 1 15  ? 1.014   -14.013 -3.945  1.00 0.00 ? 15  LYS A HG3  1 
ATOM   224  H  HD2  . LYS A 1 15  ? 3.336   -13.338 -3.373  1.00 0.00 ? 15  LYS A HD2  1 
ATOM   225  H  HD3  . LYS A 1 15  ? 3.162   -14.124 -1.782  1.00 0.00 ? 15  LYS A HD3  1 
ATOM   226  H  HE2  . LYS A 1 15  ? 2.754   -16.281 -2.860  1.00 0.00 ? 15  LYS A HE2  1 
ATOM   227  H  HE3  . LYS A 1 15  ? 2.772   -15.515 -4.463  1.00 0.00 ? 15  LYS A HE3  1 
ATOM   228  H  HZ1  . LYS A 1 15  ? 5.067   -15.628 -2.612  1.00 0.00 ? 15  LYS A HZ1  1 
ATOM   229  H  HZ2  . LYS A 1 15  ? 4.883   -16.565 -3.951  1.00 0.00 ? 15  LYS A HZ2  1 
ATOM   230  H  HZ3  . LYS A 1 15  ? 5.072   -14.938 -4.107  1.00 0.00 ? 15  LYS A HZ3  1 
ATOM   231  N  N    . VAL A 1 16  ? -2.075  -12.174 -2.523  1.00 0.00 ? 16  VAL A N    1 
ATOM   232  C  CA   . VAL A 1 16  ? -3.456  -12.629 -2.614  1.00 0.00 ? 16  VAL A CA   1 
ATOM   233  C  C    . VAL A 1 16  ? -4.156  -11.936 -3.779  1.00 0.00 ? 16  VAL A C    1 
ATOM   234  O  O    . VAL A 1 16  ? -4.858  -12.600 -4.528  1.00 0.00 ? 16  VAL A O    1 
ATOM   235  C  CB   . VAL A 1 16  ? -4.168  -12.393 -1.268  1.00 0.00 ? 16  VAL A CB   1 
ATOM   236  C  CG1  . VAL A 1 16  ? -5.697  -12.522 -1.317  1.00 0.00 ? 16  VAL A CG1  1 
ATOM   237  C  CG2  . VAL A 1 16  ? -3.657  -13.422 -0.254  1.00 0.00 ? 16  VAL A CG2  1 
ATOM   238  H  H    . VAL A 1 16  ? -1.761  -11.755 -1.653  1.00 0.00 ? 16  VAL A H    1 
ATOM   239  H  HA   . VAL A 1 16  ? -3.459  -13.698 -2.827  1.00 0.00 ? 16  VAL A HA   1 
ATOM   240  H  HB   . VAL A 1 16  ? -3.927  -11.393 -0.910  1.00 0.00 ? 16  VAL A HB   1 
ATOM   241  H  HG11 . VAL A 1 16  ? -6.116  -12.153 -0.380  1.00 0.00 ? 16  VAL A HG11 1 
ATOM   242  H  HG12 . VAL A 1 16  ? -6.117  -11.925 -2.125  1.00 0.00 ? 16  VAL A HG12 1 
ATOM   243  H  HG13 . VAL A 1 16  ? -5.988  -13.563 -1.451  1.00 0.00 ? 16  VAL A HG13 1 
ATOM   244  H  HG21 . VAL A 1 16  ? -3.897  -14.430 -0.597  1.00 0.00 ? 16  VAL A HG21 1 
ATOM   245  H  HG22 . VAL A 1 16  ? -2.577  -13.337 -0.135  1.00 0.00 ? 16  VAL A HG22 1 
ATOM   246  H  HG23 . VAL A 1 16  ? -4.130  -13.254 0.713   1.00 0.00 ? 16  VAL A HG23 1 
ATOM   247  N  N    . ILE A 1 17  ? -3.957  -10.632 -3.967  1.00 0.00 ? 17  ILE A N    1 
ATOM   248  C  CA   . ILE A 1 17  ? -4.638  -9.849  -4.990  1.00 0.00 ? 17  ILE A CA   1 
ATOM   249  C  C    . ILE A 1 17  ? -4.268  -10.377 -6.370  1.00 0.00 ? 17  ILE A C    1 
ATOM   250  O  O    . ILE A 1 17  ? -5.151  -10.626 -7.191  1.00 0.00 ? 17  ILE A O    1 
ATOM   251  C  CB   . ILE A 1 17  ? -4.277  -8.362  -4.819  1.00 0.00 ? 17  ILE A CB   1 
ATOM   252  C  CG1  . ILE A 1 17  ? -4.965  -7.834  -3.552  1.00 0.00 ? 17  ILE A CG1  1 
ATOM   253  C  CG2  . ILE A 1 17  ? -4.715  -7.530  -6.033  1.00 0.00 ? 17  ILE A CG2  1 
ATOM   254  C  CD1  . ILE A 1 17  ? -4.246  -6.625  -2.953  1.00 0.00 ? 17  ILE A CD1  1 
ATOM   255  H  H    . ILE A 1 17  ? -3.326  -10.147 -3.350  1.00 0.00 ? 17  ILE A H    1 
ATOM   256  H  HA   . ILE A 1 17  ? -5.715  -9.962  -4.863  1.00 0.00 ? 17  ILE A HA   1 
ATOM   257  H  HB   . ILE A 1 17  ? -3.197  -8.268  -4.704  1.00 0.00 ? 17  ILE A HB   1 
ATOM   258  H  HG12 . ILE A 1 17  ? -5.995  -7.563  -3.780  1.00 0.00 ? 17  ILE A HG12 1 
ATOM   259  H  HG13 . ILE A 1 17  ? -4.985  -8.616  -2.799  1.00 0.00 ? 17  ILE A HG13 1 
ATOM   260  H  HG21 . ILE A 1 17  ? -4.652  -6.468  -5.804  1.00 0.00 ? 17  ILE A HG21 1 
ATOM   261  H  HG22 . ILE A 1 17  ? -4.066  -7.742  -6.882  1.00 0.00 ? 17  ILE A HG22 1 
ATOM   262  H  HG23 . ILE A 1 17  ? -5.742  -7.770  -6.303  1.00 0.00 ? 17  ILE A HG23 1 
ATOM   263  H  HD11 . ILE A 1 17  ? -4.152  -5.836  -3.696  1.00 0.00 ? 17  ILE A HD11 1 
ATOM   264  H  HD12 . ILE A 1 17  ? -4.808  -6.272  -2.089  1.00 0.00 ? 17  ILE A HD12 1 
ATOM   265  H  HD13 . ILE A 1 17  ? -3.252  -6.902  -2.619  1.00 0.00 ? 17  ILE A HD13 1 
ATOM   266  N  N    . GLU A 1 18  ? -2.974  -10.588 -6.615  1.00 0.00 ? 18  GLU A N    1 
ATOM   267  C  CA   . GLU A 1 18  ? -2.495  -11.088 -7.897  1.00 0.00 ? 18  GLU A CA   1 
ATOM   268  C  C    . GLU A 1 18  ? -3.104  -12.462 -8.180  1.00 0.00 ? 18  GLU A C    1 
ATOM   269  O  O    . GLU A 1 18  ? -3.423  -12.803 -9.316  1.00 0.00 ? 18  GLU A O    1 
ATOM   270  C  CB   . GLU A 1 18  ? -0.959  -11.161 -7.854  1.00 0.00 ? 18  GLU A CB   1 
ATOM   271  C  CG   . GLU A 1 18  ? -0.360  -11.134 -9.264  1.00 0.00 ? 18  GLU A CG   1 
ATOM   272  C  CD   . GLU A 1 18  ? 1.177   -11.160 -9.269  1.00 0.00 ? 18  GLU A CD   1 
ATOM   273  O  OE1  . GLU A 1 18  ? 1.800   -10.371 -8.516  1.00 0.00 ? 18  GLU A OE1  1 
ATOM   274  O  OE2  . GLU A 1 18  ? 1.732   -11.957 -10.058 1.00 0.00 ? 18  GLU A OE2  1 
ATOM   275  H  H    . GLU A 1 18  ? -2.289  -10.386 -5.893  1.00 0.00 ? 18  GLU A H    1 
ATOM   276  H  HA   . GLU A 1 18  ? -2.806  -10.396 -8.680  1.00 0.00 ? 18  GLU A HA   1 
ATOM   277  H  HB2  . GLU A 1 18  ? -0.580  -10.302 -7.298  1.00 0.00 ? 18  GLU A HB2  1 
ATOM   278  H  HB3  . GLU A 1 18  ? -0.651  -12.071 -7.336  1.00 0.00 ? 18  GLU A HB3  1 
ATOM   279  H  HG2  . GLU A 1 18  ? -0.744  -11.990 -9.823  1.00 0.00 ? 18  GLU A HG2  1 
ATOM   280  H  HG3  . GLU A 1 18  ? -0.697  -10.225 -9.765  1.00 0.00 ? 18  GLU A HG3  1 
ATOM   281  N  N    . LYS A 1 19  ? -3.288  -13.248 -7.120  1.00 0.00 ? 19  LYS A N    1 
ATOM   282  C  CA   . LYS A 1 19  ? -3.790  -14.612 -7.188  1.00 0.00 ? 19  LYS A CA   1 
ATOM   283  C  C    . LYS A 1 19  ? -5.299  -14.694 -7.026  1.00 0.00 ? 19  LYS A C    1 
ATOM   284  O  O    . LYS A 1 19  ? -5.844  -15.795 -7.028  1.00 0.00 ? 19  LYS A O    1 
ATOM   285  C  CB   . LYS A 1 19  ? -3.140  -15.394 -6.042  1.00 0.00 ? 19  LYS A CB   1 
ATOM   286  C  CG   . LYS A 1 19  ? -2.549  -16.722 -6.500  1.00 0.00 ? 19  LYS A CG   1 
ATOM   287  C  CD   . LYS A 1 19  ? -1.171  -16.887 -5.864  1.00 0.00 ? 19  LYS A CD   1 
ATOM   288  C  CE   . LYS A 1 19  ? -0.829  -18.371 -5.895  1.00 0.00 ? 19  LYS A CE   1 
ATOM   289  N  NZ   . LYS A 1 19  ? 0.624   -18.598 -5.803  1.00 0.00 ? 19  LYS A NZ   1 
ATOM   290  H  H    . LYS A 1 19  ? -3.016  -12.890 -6.212  1.00 0.00 ? 19  LYS A H    1 
ATOM   291  H  HA   . LYS A 1 19  ? -3.531  -15.034 -8.159  1.00 0.00 ? 19  LYS A HA   1 
ATOM   292  H  HB2  . LYS A 1 19  ? -2.343  -14.795 -5.611  1.00 0.00 ? 19  LYS A HB2  1 
ATOM   293  H  HB3  . LYS A 1 19  ? -3.862  -15.578 -5.243  1.00 0.00 ? 19  LYS A HB3  1 
ATOM   294  H  HG2  . LYS A 1 19  ? -3.211  -17.534 -6.196  1.00 0.00 ? 19  LYS A HG2  1 
ATOM   295  H  HG3  . LYS A 1 19  ? -2.431  -16.747 -7.583  1.00 0.00 ? 19  LYS A HG3  1 
ATOM   296  H  HD2  . LYS A 1 19  ? -0.450  -16.300 -6.437  1.00 0.00 ? 19  LYS A HD2  1 
ATOM   297  H  HD3  . LYS A 1 19  ? -1.181  -16.541 -4.828  1.00 0.00 ? 19  LYS A HD3  1 
ATOM   298  H  HE2  . LYS A 1 19  ? -1.342  -18.855 -5.059  1.00 0.00 ? 19  LYS A HE2  1 
ATOM   299  H  HE3  . LYS A 1 19  ? -1.207  -18.797 -6.827  1.00 0.00 ? 19  LYS A HE3  1 
ATOM   300  H  HZ1  . LYS A 1 19  ? 0.986   -18.160 -4.969  1.00 0.00 ? 19  LYS A HZ1  1 
ATOM   301  H  HZ2  . LYS A 1 19  ? 0.809   -19.591 -5.766  1.00 0.00 ? 19  LYS A HZ2  1 
ATOM   302  H  HZ3  . LYS A 1 19  ? 1.077   -18.209 -6.619  1.00 0.00 ? 19  LYS A HZ3  1 
ATOM   303  N  N    . ALA A 1 20  ? -5.960  -13.565 -6.793  1.00 0.00 ? 20  ALA A N    1 
ATOM   304  C  CA   . ALA A 1 20  ? -7.335  -13.590 -6.370  1.00 0.00 ? 20  ALA A CA   1 
ATOM   305  C  C    . ALA A 1 20  ? -8.244  -14.093 -7.473  1.00 0.00 ? 20  ALA A C    1 
ATOM   306  O  O    . ALA A 1 20  ? -7.892  -14.120 -8.650  1.00 0.00 ? 20  ALA A O    1 
ATOM   307  C  CB   . ALA A 1 20  ? -7.768  -12.197 -5.947  1.00 0.00 ? 20  ALA A CB   1 
ATOM   308  H  H    . ALA A 1 20  ? -5.452  -12.696 -6.709  1.00 0.00 ? 20  ALA A H    1 
ATOM   309  H  HA   . ALA A 1 20  ? -7.413  -14.261 -5.512  1.00 0.00 ? 20  ALA A HA   1 
ATOM   310  H  HB1  . ALA A 1 20  ? -8.800  -12.216 -5.601  1.00 0.00 ? 20  ALA A HB1  1 
ATOM   311  H  HB2  . ALA A 1 20  ? -7.138  -11.835 -5.136  1.00 0.00 ? 20  ALA A HB2  1 
ATOM   312  H  HB3  . ALA A 1 20  ? -7.674  -11.549 -6.817  1.00 0.00 ? 20  ALA A HB3  1 
ATOM   313  N  N    . ASP A 1 21  ? -9.455  -14.416 -7.039  1.00 0.00 ? 21  ASP A N    1 
ATOM   314  C  CA   . ASP A 1 21  ? -10.438 -15.129 -7.838  1.00 0.00 ? 21  ASP A CA   1 
ATOM   315  C  C    . ASP A 1 21  ? -11.790 -14.418 -7.736  1.00 0.00 ? 21  ASP A C    1 
ATOM   316  O  O    . ASP A 1 21  ? -12.494 -14.237 -8.727  1.00 0.00 ? 21  ASP A O    1 
ATOM   317  C  CB   . ASP A 1 21  ? -10.498 -16.580 -7.319  1.00 0.00 ? 21  ASP A CB   1 
ATOM   318  C  CG   . ASP A 1 21  ? -10.570 -17.629 -8.428  1.00 0.00 ? 21  ASP A CG   1 
ATOM   319  O  OD1  . ASP A 1 21  ? -10.932 -17.261 -9.566  1.00 0.00 ? 21  ASP A OD1  1 
ATOM   320  O  OD2  . ASP A 1 21  ? -10.254 -18.797 -8.111  1.00 0.00 ? 21  ASP A OD2  1 
ATOM   321  H  H    . ASP A 1 21  ? -9.610  -14.276 -6.057  1.00 0.00 ? 21  ASP A H    1 
ATOM   322  H  HA   . ASP A 1 21  ? -10.117 -15.134 -8.882  1.00 0.00 ? 21  ASP A HA   1 
ATOM   323  H  HB2  . ASP A 1 21  ? -9.602  -16.788 -6.729  1.00 0.00 ? 21  ASP A HB2  1 
ATOM   324  H  HB3  . ASP A 1 21  ? -11.354 -16.701 -6.656  1.00 0.00 ? 21  ASP A HB3  1 
ATOM   325  N  N    . ASN A 1 22  ? -12.142 -13.930 -6.540  1.00 0.00 ? 22  ASN A N    1 
ATOM   326  C  CA   . ASN A 1 22  ? -13.398 -13.233 -6.310  1.00 0.00 ? 22  ASN A CA   1 
ATOM   327  C  C    . ASN A 1 22  ? -13.145 -11.743 -6.156  1.00 0.00 ? 22  ASN A C    1 
ATOM   328  O  O    . ASN A 1 22  ? -12.121 -11.333 -5.607  1.00 0.00 ? 22  ASN A O    1 
ATOM   329  C  CB   . ASN A 1 22  ? -14.050 -13.657 -4.984  1.00 0.00 ? 22  ASN A CB   1 
ATOM   330  C  CG   . ASN A 1 22  ? -14.222 -15.153 -4.778  1.00 0.00 ? 22  ASN A CG   1 
ATOM   331  O  OD1  . ASN A 1 22  ? -13.263 -15.909 -4.854  1.00 0.00 ? 22  ASN A OD1  1 
ATOM   332  N  ND2  . ASN A 1 22  ? -15.418 -15.591 -4.413  1.00 0.00 ? 22  ASN A ND2  1 
ATOM   333  H  H    . ASN A 1 22  ? -11.551 -14.081 -5.743  1.00 0.00 ? 22  ASN A H    1 
ATOM   334  H  HA   . ASN A 1 22  ? -14.082 -13.423 -7.139  1.00 0.00 ? 22  ASN A HA   1 
ATOM   335  H  HB2  . ASN A 1 22  ? -13.429 -13.287 -4.175  1.00 0.00 ? 22  ASN A HB2  1 
ATOM   336  H  HB3  . ASN A 1 22  ? -15.019 -13.166 -4.902  1.00 0.00 ? 22  ASN A HB3  1 
ATOM   337  H  HD21 . ASN A 1 22  ? -16.199 -14.972 -4.272  1.00 0.00 ? 22  ASN A HD21 1 
ATOM   338  H  HD22 . ASN A 1 22  ? -15.510 -16.584 -4.261  1.00 0.00 ? 22  ASN A HD22 1 
ATOM   339  N  N    . ALA A 1 23  ? -14.174 -10.951 -6.451  1.00 0.00 ? 23  ALA A N    1 
ATOM   340  C  CA   . ALA A 1 23  ? -14.190 -9.531  -6.138  1.00 0.00 ? 23  ALA A CA   1 
ATOM   341  C  C    . ALA A 1 23  ? -14.014 -9.336  -4.642  1.00 0.00 ? 23  ALA A C    1 
ATOM   342  O  O    . ALA A 1 23  ? -13.140 -8.586  -4.234  1.00 0.00 ? 23  ALA A O    1 
ATOM   343  C  CB   . ALA A 1 23  ? -15.500 -8.896  -6.612  1.00 0.00 ? 23  ALA A CB   1 
ATOM   344  H  H    . ALA A 1 23  ? -14.999 -11.376 -6.843  1.00 0.00 ? 23  ALA A H    1 
ATOM   345  H  HA   . ALA A 1 23  ? -13.351 -9.034  -6.622  1.00 0.00 ? 23  ALA A HA   1 
ATOM   346  H  HB1  . ALA A 1 23  ? -16.351 -9.516  -6.327  1.00 0.00 ? 23  ALA A HB1  1 
ATOM   347  H  HB2  . ALA A 1 23  ? -15.611 -7.914  -6.152  1.00 0.00 ? 23  ALA A HB2  1 
ATOM   348  H  HB3  . ALA A 1 23  ? -15.485 -8.775  -7.695  1.00 0.00 ? 23  ALA A HB3  1 
ATOM   349  N  N    . ALA A 1 24  ? -14.807 -10.023 -3.817  1.00 0.00 ? 24  ALA A N    1 
ATOM   350  C  CA   . ALA A 1 24  ? -14.723 -9.851  -2.374  1.00 0.00 ? 24  ALA A CA   1 
ATOM   351  C  C    . ALA A 1 24  ? -13.327 -10.165 -1.831  1.00 0.00 ? 24  ALA A C    1 
ATOM   352  O  O    . ALA A 1 24  ? -12.895 -9.503  -0.894  1.00 0.00 ? 24  ALA A O    1 
ATOM   353  C  CB   . ALA A 1 24  ? -15.786 -10.710 -1.680  1.00 0.00 ? 24  ALA A CB   1 
ATOM   354  H  H    . ALA A 1 24  ? -15.531 -10.609 -4.202  1.00 0.00 ? 24  ALA A H    1 
ATOM   355  H  HA   . ALA A 1 24  ? -14.928 -8.806  -2.140  1.00 0.00 ? 24  ALA A HA   1 
ATOM   356  H  HB1  . ALA A 1 24  ? -15.849 -11.693 -2.147  1.00 0.00 ? 24  ALA A HB1  1 
ATOM   357  H  HB2  . ALA A 1 24  ? -15.527 -10.836 -0.627  1.00 0.00 ? 24  ALA A HB2  1 
ATOM   358  H  HB3  . ALA A 1 24  ? -16.755 -10.214 -1.741  1.00 0.00 ? 24  ALA A HB3  1 
ATOM   359  N  N    . GLN A 1 25  ? -12.609 -11.139 -2.399  1.00 0.00 ? 25  GLN A N    1 
ATOM   360  C  CA   . GLN A 1 25  ? -11.279 -11.466 -1.903  1.00 0.00 ? 25  GLN A CA   1 
ATOM   361  C  C    . GLN A 1 25  ? -10.281 -10.373 -2.263  1.00 0.00 ? 25  GLN A C    1 
ATOM   362  O  O    . GLN A 1 25  ? -9.506  -9.961  -1.405  1.00 0.00 ? 25  GLN A O    1 
ATOM   363  C  CB   . GLN A 1 25  ? -10.806 -12.829 -2.422  1.00 0.00 ? 25  GLN A CB   1 
ATOM   364  C  CG   . GLN A 1 25  ? -11.507 -13.973 -1.680  1.00 0.00 ? 25  GLN A CG   1 
ATOM   365  C  CD   . GLN A 1 25  ? -10.763 -15.290 -1.885  1.00 0.00 ? 25  GLN A CD   1 
ATOM   366  O  OE1  . GLN A 1 25  ? -9.932  -15.667 -1.070  1.00 0.00 ? 25  GLN A OE1  1 
ATOM   367  N  NE2  . GLN A 1 25  ? -11.017 -16.008 -2.971  1.00 0.00 ? 25  GLN A NE2  1 
ATOM   368  H  H    . GLN A 1 25  ? -12.939 -11.584 -3.238  1.00 0.00 ? 25  GLN A H    1 
ATOM   369  H  HA   . GLN A 1 25  ? -11.315 -11.508 -0.813  1.00 0.00 ? 25  GLN A HA   1 
ATOM   370  H  HB2  . GLN A 1 25  ? -10.978 -12.911 -3.496  1.00 0.00 ? 25  GLN A HB2  1 
ATOM   371  H  HB3  . GLN A 1 25  ? -9.735  -12.907 -2.237  1.00 0.00 ? 25  GLN A HB3  1 
ATOM   372  H  HG2  . GLN A 1 25  ? -11.507 -13.753 -0.610  1.00 0.00 ? 25  GLN A HG2  1 
ATOM   373  H  HG3  . GLN A 1 25  ? -12.541 -14.062 -2.011  1.00 0.00 ? 25  GLN A HG3  1 
ATOM   374  H  HE21 . GLN A 1 25  ? -11.743 -15.783 -3.638  1.00 0.00 ? 25  GLN A HE21 1 
ATOM   375  H  HE22 . GLN A 1 25  ? -10.501 -16.866 -3.069  1.00 0.00 ? 25  GLN A HE22 1 
ATOM   376  N  N    . VAL A 1 26  ? -10.304 -9.865  -3.501  1.00 0.00 ? 26  VAL A N    1 
ATOM   377  C  CA   . VAL A 1 26  ? -9.424  -8.753  -3.852  1.00 0.00 ? 26  VAL A CA   1 
ATOM   378  C  C    . VAL A 1 26  ? -9.709  -7.585  -2.935  1.00 0.00 ? 26  VAL A C    1 
ATOM   379  O  O    . VAL A 1 26  ? -8.809  -6.955  -2.393  1.00 0.00 ? 26  VAL A O    1 
ATOM   380  C  CB   . VAL A 1 26  ? -9.639  -8.310  -5.307  1.00 0.00 ? 26  VAL A CB   1 
ATOM   381  C  CG1  . VAL A 1 26  ? -8.762  -7.106  -5.638  1.00 0.00 ? 26  VAL A CG1  1 
ATOM   382  C  CG2  . VAL A 1 26  ? -9.206  -9.434  -6.220  1.00 0.00 ? 26  VAL A CG2  1 
ATOM   383  H  H    . VAL A 1 26  ? -10.962 -10.212 -4.190  1.00 0.00 ? 26  VAL A H    1 
ATOM   384  H  HA   . VAL A 1 26  ? -8.387  -9.056  -3.704  1.00 0.00 ? 26  VAL A HA   1 
ATOM   385  H  HB   . VAL A 1 26  ? -10.686 -8.070  -5.499  1.00 0.00 ? 26  VAL A HB   1 
ATOM   386  H  HG11 . VAL A 1 26  ? -8.638  -7.026  -6.715  1.00 0.00 ? 26  VAL A HG11 1 
ATOM   387  H  HG12 . VAL A 1 26  ? -9.221  -6.196  -5.255  1.00 0.00 ? 26  VAL A HG12 1 
ATOM   388  H  HG13 . VAL A 1 26  ? -7.780  -7.236  -5.190  1.00 0.00 ? 26  VAL A HG13 1 
ATOM   389  H  HG21 . VAL A 1 26  ? -9.921  -10.250 -6.152  1.00 0.00 ? 26  VAL A HG21 1 
ATOM   390  H  HG22 . VAL A 1 26  ? -9.158  -9.090  -7.251  1.00 0.00 ? 26  VAL A HG22 1 
ATOM   391  H  HG23 . VAL A 1 26  ? -8.218  -9.734  -5.888  1.00 0.00 ? 26  VAL A HG23 1 
ATOM   392  N  N    . LYS A 1 27  ? -10.992 -7.298  -2.774  1.00 0.00 ? 27  LYS A N    1 
ATOM   393  C  CA   . LYS A 1 27  ? -11.446 -6.133  -2.070  1.00 0.00 ? 27  LYS A CA   1 
ATOM   394  C  C    . LYS A 1 27  ? -10.955 -6.185  -0.629  1.00 0.00 ? 27  LYS A C    1 
ATOM   395  O  O    . LYS A 1 27  ? -10.398 -5.211  -0.137  1.00 0.00 ? 27  LYS A O    1 
ATOM   396  C  CB   . LYS A 1 27  ? -12.970 -6.079  -2.184  1.00 0.00 ? 27  LYS A CB   1 
ATOM   397  C  CG   . LYS A 1 27  ? -13.377 -4.626  -2.042  1.00 0.00 ? 27  LYS A CG   1 
ATOM   398  C  CD   . LYS A 1 27  ? -14.894 -4.417  -2.063  1.00 0.00 ? 27  LYS A CD   1 
ATOM   399  C  CE   . LYS A 1 27  ? -15.557 -5.344  -1.039  1.00 0.00 ? 27  LYS A CE   1 
ATOM   400  N  NZ   . LYS A 1 27  ? -16.864 -4.828  -0.580  1.00 0.00 ? 27  LYS A NZ   1 
ATOM   401  H  H    . LYS A 1 27  ? -11.670 -7.884  -3.231  1.00 0.00 ? 27  LYS A H    1 
ATOM   402  H  HA   . LYS A 1 27  ? -11.004 -5.258  -2.548  1.00 0.00 ? 27  LYS A HA   1 
ATOM   403  H  HB2  . LYS A 1 27  ? -13.295 -6.416  -3.166  1.00 0.00 ? 27  LYS A HB2  1 
ATOM   404  H  HB3  . LYS A 1 27  ? -13.421 -6.702  -1.410  1.00 0.00 ? 27  LYS A HB3  1 
ATOM   405  H  HG2  . LYS A 1 27  ? -12.977 -4.278  -1.096  1.00 0.00 ? 27  LYS A HG2  1 
ATOM   406  H  HG3  . LYS A 1 27  ? -12.917 -4.073  -2.865  1.00 0.00 ? 27  LYS A HG3  1 
ATOM   407  H  HD2  . LYS A 1 27  ? -15.094 -3.373  -1.812  1.00 0.00 ? 27  LYS A HD2  1 
ATOM   408  H  HD3  . LYS A 1 27  ? -15.286 -4.622  -3.059  1.00 0.00 ? 27  LYS A HD3  1 
ATOM   409  H  HE2  . LYS A 1 27  ? -15.684 -6.331  -1.490  1.00 0.00 ? 27  LYS A HE2  1 
ATOM   410  H  HE3  . LYS A 1 27  ? -14.889 -5.447  -0.180  1.00 0.00 ? 27  LYS A HE3  1 
ATOM   411  H  HZ1  . LYS A 1 27  ? -16.750 -3.898  -0.203  1.00 0.00 ? 27  LYS A HZ1  1 
ATOM   412  H  HZ2  . LYS A 1 27  ? -17.523 -4.793  -1.350  1.00 0.00 ? 27  LYS A HZ2  1 
ATOM   413  H  HZ3  . LYS A 1 27  ? -17.228 -5.428  0.149   1.00 0.00 ? 27  LYS A HZ3  1 
ATOM   414  N  N    . ASP A 1 28  ? -11.126 -7.321  0.043   1.00 0.00 ? 28  ASP A N    1 
ATOM   415  C  CA   . ASP A 1 28  ? -10.732 -7.441  1.437   1.00 0.00 ? 28  ASP A CA   1 
ATOM   416  C  C    . ASP A 1 28  ? -9.220  -7.368  1.574   1.00 0.00 ? 28  ASP A C    1 
ATOM   417  O  O    . ASP A 1 28  ? -8.700  -6.732  2.484   1.00 0.00 ? 28  ASP A O    1 
ATOM   418  C  CB   . ASP A 1 28  ? -11.241 -8.758  2.023   1.00 0.00 ? 28  ASP A CB   1 
ATOM   419  C  CG   . ASP A 1 28  ? -11.245 -8.689  3.549   1.00 0.00 ? 28  ASP A CG   1 
ATOM   420  O  OD1  . ASP A 1 28  ? -11.646 -7.620  4.064   1.00 0.00 ? 28  ASP A OD1  1 
ATOM   421  O  OD2  . ASP A 1 28  ? -10.867 -9.703  4.175   1.00 0.00 ? 28  ASP A OD2  1 
ATOM   422  H  H    . ASP A 1 28  ? -11.553 -8.120  -0.406  1.00 0.00 ? 28  ASP A H    1 
ATOM   423  H  HA   . ASP A 1 28  ? -11.172 -6.611  1.989   1.00 0.00 ? 28  ASP A HA   1 
ATOM   424  H  HB2  . ASP A 1 28  ? -12.255 -8.932  1.670   1.00 0.00 ? 28  ASP A HB2  1 
ATOM   425  H  HB3  . ASP A 1 28  ? -10.615 -9.585  1.681   1.00 0.00 ? 28  ASP A HB3  1 
ATOM   426  N  N    . ALA A 1 29  ? -8.502  -7.960  0.621   1.00 0.00 ? 29  ALA A N    1 
ATOM   427  C  CA   . ALA A 1 29  ? -7.050  -7.906  0.603   1.00 0.00 ? 29  ALA A CA   1 
ATOM   428  C  C    . ALA A 1 29  ? -6.563  -6.462  0.456   1.00 0.00 ? 29  ALA A C    1 
ATOM   429  O  O    . ALA A 1 29  ? -5.588  -6.065  1.092   1.00 0.00 ? 29  ALA A O    1 
ATOM   430  C  CB   . ALA A 1 29  ? -6.529  -8.769  -0.545  1.00 0.00 ? 29  ALA A CB   1 
ATOM   431  H  H    . ALA A 1 29  ? -8.995  -8.475  -0.098  1.00 0.00 ? 29  ALA A H    1 
ATOM   432  H  HA   . ALA A 1 29  ? -6.672  -8.308  1.544   1.00 0.00 ? 29  ALA A HA   1 
ATOM   433  H  HB1  . ALA A 1 29  ? -5.443  -8.841  -0.484  1.00 0.00 ? 29  ALA A HB1  1 
ATOM   434  H  HB2  . ALA A 1 29  ? -6.957  -9.770  -0.484  1.00 0.00 ? 29  ALA A HB2  1 
ATOM   435  H  HB3  . ALA A 1 29  ? -6.816  -8.320  -1.495  1.00 0.00 ? 29  ALA A HB3  1 
ATOM   436  N  N    . LEU A 1 30  ? -7.252  -5.646  -0.349  1.00 0.00 ? 30  LEU A N    1 
ATOM   437  C  CA   . LEU A 1 30  ? -6.936  -4.248  -0.520  1.00 0.00 ? 30  LEU A CA   1 
ATOM   438  C  C    . LEU A 1 30  ? -7.231  -3.529  0.777   1.00 0.00 ? 30  LEU A C    1 
ATOM   439  O  O    . LEU A 1 30  ? -6.474  -2.647  1.165   1.00 0.00 ? 30  LEU A O    1 
ATOM   440  C  CB   . LEU A 1 30  ? -7.749  -3.644  -1.666  1.00 0.00 ? 30  LEU A CB   1 
ATOM   441  C  CG   . LEU A 1 30  ? -7.263  -4.091  -3.048  1.00 0.00 ? 30  LEU A CG   1 
ATOM   442  C  CD1  . LEU A 1 30  ? -8.131  -3.431  -4.108  1.00 0.00 ? 30  LEU A CD1  1 
ATOM   443  C  CD2  . LEU A 1 30  ? -5.830  -3.650  -3.322  1.00 0.00 ? 30  LEU A CD2  1 
ATOM   444  H  H    . LEU A 1 30  ? -8.114  -5.938  -0.774  1.00 0.00 ? 30  LEU A H    1 
ATOM   445  H  HA   . LEU A 1 30  ? -5.883  -4.129  -0.736  1.00 0.00 ? 30  LEU A HA   1 
ATOM   446  H  HB2  . LEU A 1 30  ? -8.800  -3.903  -1.552  1.00 0.00 ? 30  LEU A HB2  1 
ATOM   447  H  HB3  . LEU A 1 30  ? -7.664  -2.563  -1.609  1.00 0.00 ? 30  LEU A HB3  1 
ATOM   448  H  HG   . LEU A 1 30  ? -7.331  -5.171  -3.141  1.00 0.00 ? 30  LEU A HG   1 
ATOM   449  H  HD11 . LEU A 1 30  ? -7.752  -3.694  -5.095  1.00 0.00 ? 30  LEU A HD11 1 
ATOM   450  H  HD12 . LEU A 1 30  ? -9.159  -3.771  -4.008  1.00 0.00 ? 30  LEU A HD12 1 
ATOM   451  H  HD13 . LEU A 1 30  ? -8.084  -2.353  -3.969  1.00 0.00 ? 30  LEU A HD13 1 
ATOM   452  H  HD21 . LEU A 1 30  ? -5.542  -3.931  -4.334  1.00 0.00 ? 30  LEU A HD21 1 
ATOM   453  H  HD22 . LEU A 1 30  ? -5.735  -2.573  -3.201  1.00 0.00 ? 30  LEU A HD22 1 
ATOM   454  H  HD23 . LEU A 1 30  ? -5.167  -4.148  -2.628  1.00 0.00 ? 30  LEU A HD23 1 
ATOM   455  N  N    . THR A 1 31  ? -8.287  -3.921  1.490   1.00 0.00 ? 31  THR A N    1 
ATOM   456  C  CA   . THR A 1 31  ? -8.601  -3.262  2.735   1.00 0.00 ? 31  THR A CA   1 
ATOM   457  C  C    . THR A 1 31  ? -7.495  -3.529  3.736   1.00 0.00 ? 31  THR A C    1 
ATOM   458  O  O    . THR A 1 31  ? -7.080  -2.635  4.461   1.00 0.00 ? 31  THR A O    1 
ATOM   459  C  CB   . THR A 1 31  ? -9.908  -3.788  3.313   1.00 0.00 ? 31  THR A CB   1 
ATOM   460  O  OG1  . THR A 1 31  ? -10.920 -3.721  2.347   1.00 0.00 ? 31  THR A OG1  1 
ATOM   461  C  CG2  . THR A 1 31  ? -10.388 -3.006  4.537   1.00 0.00 ? 31  THR A CG2  1 
ATOM   462  H  H    . THR A 1 31  ? -8.893  -4.672  1.181   1.00 0.00 ? 31  THR A H    1 
ATOM   463  H  HA   . THR A 1 31  ? -8.684  -2.209  2.505   1.00 0.00 ? 31  THR A HA   1 
ATOM   464  H  HB   . THR A 1 31  ? -9.736  -4.821  3.599   1.00 0.00 ? 31  THR A HB   1 
ATOM   465  H  HG1  . THR A 1 31  ? -11.553 -4.400  2.581   1.00 0.00 ? 31  THR A HG1  1 
ATOM   466  H  HG21 . THR A 1 31  ? -10.555 -1.963  4.268   1.00 0.00 ? 31  THR A HG21 1 
ATOM   467  H  HG22 . THR A 1 31  ? -11.323 -3.438  4.898   1.00 0.00 ? 31  THR A HG22 1 
ATOM   468  H  HG23 . THR A 1 31  ? -9.650  -3.063  5.338   1.00 0.00 ? 31  THR A HG23 1 
ATOM   469  N  N    . LYS A 1 32  ? -7.016  -4.769  3.804   1.00 0.00 ? 32  LYS A N    1 
ATOM   470  C  CA   . LYS A 1 32  ? -5.961  -5.127  4.724   1.00 0.00 ? 32  LYS A CA   1 
ATOM   471  C  C    . LYS A 1 32  ? -4.670  -4.390  4.409   1.00 0.00 ? 32  LYS A C    1 
ATOM   472  O  O    . LYS A 1 32  ? -4.088  -3.817  5.327   1.00 0.00 ? 32  LYS A O    1 
ATOM   473  C  CB   . LYS A 1 32  ? -5.758  -6.639  4.746   1.00 0.00 ? 32  LYS A CB   1 
ATOM   474  C  CG   . LYS A 1 32  ? -6.493  -7.293  5.921   1.00 0.00 ? 32  LYS A CG   1 
ATOM   475  C  CD   . LYS A 1 32  ? -5.724  -8.543  6.355   1.00 0.00 ? 32  LYS A CD   1 
ATOM   476  C  CE   . LYS A 1 32  ? -6.269  -9.067  7.684   1.00 0.00 ? 32  LYS A CE   1 
ATOM   477  N  NZ   . LYS A 1 32  ? -5.260  -9.891  8.385   1.00 0.00 ? 32  LYS A NZ   1 
ATOM   478  H  H    . LYS A 1 32  ? -7.384  -5.475  3.181   1.00 0.00 ? 32  LYS A H    1 
ATOM   479  H  HA   . LYS A 1 32  ? -6.262  -4.789  5.715   1.00 0.00 ? 32  LYS A HA   1 
ATOM   480  H  HB2  . LYS A 1 32  ? -6.078  -7.078  3.799   1.00 0.00 ? 32  LYS A HB2  1 
ATOM   481  H  HB3  . LYS A 1 32  ? -4.697  -6.815  4.875   1.00 0.00 ? 32  LYS A HB3  1 
ATOM   482  H  HG2  . LYS A 1 32  ? -6.519  -6.606  6.768   1.00 0.00 ? 32  LYS A HG2  1 
ATOM   483  H  HG3  . LYS A 1 32  ? -7.517  -7.545  5.636   1.00 0.00 ? 32  LYS A HG3  1 
ATOM   484  H  HD2  . LYS A 1 32  ? -5.798  -9.310  5.582   1.00 0.00 ? 32  LYS A HD2  1 
ATOM   485  H  HD3  . LYS A 1 32  ? -4.676  -8.275  6.493   1.00 0.00 ? 32  LYS A HD3  1 
ATOM   486  H  HE2  . LYS A 1 32  ? -6.535  -8.217  8.314   1.00 0.00 ? 32  LYS A HE2  1 
ATOM   487  H  HE3  . LYS A 1 32  ? -7.172  -9.651  7.492   1.00 0.00 ? 32  LYS A HE3  1 
ATOM   488  H  HZ1  . LYS A 1 32  ? -4.449  -9.328  8.608   1.00 0.00 ? 32  LYS A HZ1  1 
ATOM   489  H  HZ2  . LYS A 1 32  ? -5.645  -10.256 9.246   1.00 0.00 ? 32  LYS A HZ2  1 
ATOM   490  H  HZ3  . LYS A 1 32  ? -4.970  -10.662 7.799   1.00 0.00 ? 32  LYS A HZ3  1 
ATOM   491  N  N    . MET A 1 33  ? -4.211  -4.347  3.152   1.00 0.00 ? 33  MET A N    1 
ATOM   492  C  CA   . MET A 1 33  ? -3.053  -3.497  2.890   1.00 0.00 ? 33  MET A CA   1 
ATOM   493  C  C    . MET A 1 33  ? -3.391  -2.033  3.131   1.00 0.00 ? 33  MET A C    1 
ATOM   494  O  O    . MET A 1 33  ? -2.475  -1.259  3.377   1.00 0.00 ? 33  MET A O    1 
ATOM   495  C  CB   . MET A 1 33  ? -2.402  -3.627  1.502   1.00 0.00 ? 33  MET A CB   1 
ATOM   496  C  CG   . MET A 1 33  ? -3.244  -4.126  0.333   1.00 0.00 ? 33  MET A CG   1 
ATOM   497  S  SD   . MET A 1 33  ? -3.032  -3.155  -1.184  1.00 0.00 ? 33  MET A SD   1 
ATOM   498  C  CE   . MET A 1 33  ? -1.228  -3.070  -1.328  1.00 0.00 ? 33  MET A CE   1 
ATOM   499  H  H    . MET A 1 33  ? -4.697  -4.833  2.408   1.00 0.00 ? 33  MET A H    1 
ATOM   500  H  HA   . MET A 1 33  ? -2.284  -3.759  3.615   1.00 0.00 ? 33  MET A HA   1 
ATOM   501  H  HB2  . MET A 1 33  ? -2.024  -2.638  1.235   1.00 0.00 ? 33  MET A HB2  1 
ATOM   502  H  HB3  . MET A 1 33  ? -1.532  -4.271  1.585   1.00 0.00 ? 33  MET A HB3  1 
ATOM   503  H  HG2  . MET A 1 33  ? -2.970  -5.159  0.126   1.00 0.00 ? 33  MET A HG2  1 
ATOM   504  H  HG3  . MET A 1 33  ? -4.292  -4.089  0.606   1.00 0.00 ? 33  MET A HG3  1 
ATOM   505  H  HE1  . MET A 1 33  ? -0.890  -3.780  -2.073  1.00 0.00 ? 33  MET A HE1  1 
ATOM   506  H  HE2  . MET A 1 33  ? -0.950  -2.066  -1.642  1.00 0.00 ? 33  MET A HE2  1 
ATOM   507  H  HE3  . MET A 1 33  ? -0.747  -3.308  -0.381  1.00 0.00 ? 33  MET A HE3  1 
ATOM   508  N  N    . ARG A 1 34  ? -4.658  -1.617  3.096   1.00 0.00 ? 34  ARG A N    1 
ATOM   509  C  CA   . ARG A 1 34  ? -4.949  -0.220  3.372   1.00 0.00 ? 34  ARG A CA   1 
ATOM   510  C  C    . ARG A 1 34  ? -4.722  0.056   4.850   1.00 0.00 ? 34  ARG A C    1 
ATOM   511  O  O    . ARG A 1 34  ? -4.121  1.064   5.200   1.00 0.00 ? 34  ARG A O    1 
ATOM   512  C  CB   . ARG A 1 34  ? -6.390  0.087   2.987   1.00 0.00 ? 34  ARG A CB   1 
ATOM   513  C  CG   . ARG A 1 34  ? -6.662  1.585   2.861   1.00 0.00 ? 34  ARG A CG   1 
ATOM   514  C  CD   . ARG A 1 34  ? -8.182  1.730   2.807   1.00 0.00 ? 34  ARG A CD   1 
ATOM   515  N  NE   . ARG A 1 34  ? -8.619  3.110   3.040   1.00 0.00 ? 34  ARG A NE   1 
ATOM   516  C  CZ   . ARG A 1 34  ? -9.784  3.440   3.613   1.00 0.00 ? 34  ARG A CZ   1 
ATOM   517  N  NH1  . ARG A 1 34  ? -10.651 2.488   3.966   1.00 0.00 ? 34  ARG A NH1  1 
ATOM   518  N  NH2  . ARG A 1 34  ? -10.079 4.718   3.842   1.00 0.00 ? 34  ARG A NH2  1 
ATOM   519  H  H    . ARG A 1 34  ? -5.426  -2.250  2.885   1.00 0.00 ? 34  ARG A H    1 
ATOM   520  H  HA   . ARG A 1 34  ? -4.269  0.404   2.788   1.00 0.00 ? 34  ARG A HA   1 
ATOM   521  H  HB2  . ARG A 1 34  ? -6.624  -0.385  2.041   1.00 0.00 ? 34  ARG A HB2  1 
ATOM   522  H  HB3  . ARG A 1 34  ? -7.049  -0.333  3.743   1.00 0.00 ? 34  ARG A HB3  1 
ATOM   523  H  HG2  . ARG A 1 34  ? -6.268  2.110   3.730   1.00 0.00 ? 34  ARG A HG2  1 
ATOM   524  H  HG3  . ARG A 1 34  ? -6.207  1.978   1.950   1.00 0.00 ? 34  ARG A HG3  1 
ATOM   525  H  HD2  . ARG A 1 34  ? -8.547  1.383   1.840   1.00 0.00 ? 34  ARG A HD2  1 
ATOM   526  H  HD3  . ARG A 1 34  ? -8.597  1.095   3.590   1.00 0.00 ? 34  ARG A HD3  1 
ATOM   527  H  HE   . ARG A 1 34  ? -7.982  3.833   2.735   1.00 0.00 ? 34  ARG A HE   1 
ATOM   528  H  HH11 . ARG A 1 34  ? -10.454 1.524   3.748   1.00 0.00 ? 34  ARG A HH11 1 
ATOM   529  H  HH12 . ARG A 1 34  ? -11.535 2.699   4.404   1.00 0.00 ? 34  ARG A HH12 1 
ATOM   530  H  HH21 . ARG A 1 34  ? -9.457  5.452   3.535   1.00 0.00 ? 34  ARG A HH21 1 
ATOM   531  H  HH22 . ARG A 1 34  ? -10.957 4.993   4.252   1.00 0.00 ? 34  ARG A HH22 1 
ATOM   532  N  N    . ALA A 1 35  ? -5.190  -0.839  5.721   1.00 0.00 ? 35  ALA A N    1 
ATOM   533  C  CA   . ALA A 1 35  ? -5.012  -0.697  7.154   1.00 0.00 ? 35  ALA A CA   1 
ATOM   534  C  C    . ALA A 1 35  ? -3.525  -0.736  7.502   1.00 0.00 ? 35  ALA A C    1 
ATOM   535  O  O    . ALA A 1 35  ? -3.045  0.103   8.255   1.00 0.00 ? 35  ALA A O    1 
ATOM   536  C  CB   . ALA A 1 35  ? -5.785  -1.799  7.882   1.00 0.00 ? 35  ALA A CB   1 
ATOM   537  H  H    . ALA A 1 35  ? -5.697  -1.642  5.373   1.00 0.00 ? 35  ALA A H    1 
ATOM   538  H  HA   . ALA A 1 35  ? -5.410  0.271   7.462   1.00 0.00 ? 35  ALA A HA   1 
ATOM   539  H  HB1  . ALA A 1 35  ? -5.683  -1.662  8.960   1.00 0.00 ? 35  ALA A HB1  1 
ATOM   540  H  HB2  . ALA A 1 35  ? -6.842  -1.745  7.616   1.00 0.00 ? 35  ALA A HB2  1 
ATOM   541  H  HB3  . ALA A 1 35  ? -5.394  -2.779  7.607   1.00 0.00 ? 35  ALA A HB3  1 
ATOM   542  N  N    . ALA A 1 36  ? -2.772  -1.682  6.941   1.00 0.00 ? 36  ALA A N    1 
ATOM   543  C  CA   . ALA A 1 36  ? -1.346  -1.755  7.205   1.00 0.00 ? 36  ALA A CA   1 
ATOM   544  C  C    . ALA A 1 36  ? -0.600  -0.537  6.655   1.00 0.00 ? 36  ALA A C    1 
ATOM   545  O  O    . ALA A 1 36  ? 0.301   -0.051  7.322   1.00 0.00 ? 36  ALA A O    1 
ATOM   546  C  CB   . ALA A 1 36  ? -0.790  -3.071  6.655   1.00 0.00 ? 36  ALA A CB   1 
ATOM   547  H  H    . ALA A 1 36  ? -3.195  -2.388  6.354   1.00 0.00 ? 36  ALA A H    1 
ATOM   548  H  HA   . ALA A 1 36  ? -1.198  -1.755  8.286   1.00 0.00 ? 36  ALA A HA   1 
ATOM   549  H  HB1  . ALA A 1 36  ? -0.957  -3.860  7.388   1.00 0.00 ? 36  ALA A HB1  1 
ATOM   550  H  HB2  . ALA A 1 36  ? -1.288  -3.335  5.723   1.00 0.00 ? 36  ALA A HB2  1 
ATOM   551  H  HB3  . ALA A 1 36  ? 0.281   -2.980  6.480   1.00 0.00 ? 36  ALA A HB3  1 
ATOM   552  N  N    . ALA A 1 37  ? -0.935  -0.025  5.468   1.00 0.00 ? 37  ALA A N    1 
ATOM   553  C  CA   . ALA A 1 37  ? -0.335  1.193   4.924   1.00 0.00 ? 37  ALA A CA   1 
ATOM   554  C  C    . ALA A 1 37  ? -0.680  2.427   5.766   1.00 0.00 ? 37  ALA A C    1 
ATOM   555  O  O    . ALA A 1 37  ? 0.126   3.349   5.899   1.00 0.00 ? 37  ALA A O    1 
ATOM   556  C  CB   . ALA A 1 37  ? -0.777  1.384   3.470   1.00 0.00 ? 37  ALA A CB   1 
ATOM   557  H  H    . ALA A 1 37  ? -1.664  -0.461  4.929   1.00 0.00 ? 37  ALA A H    1 
ATOM   558  H  HA   . ALA A 1 37  ? 0.749   1.065   4.934   1.00 0.00 ? 37  ALA A HA   1 
ATOM   559  H  HB1  . ALA A 1 37  ? -0.638  0.459   2.910   1.00 0.00 ? 37  ALA A HB1  1 
ATOM   560  H  HB2  . ALA A 1 37  ? -1.826  1.676   3.431   1.00 0.00 ? 37  ALA A HB2  1 
ATOM   561  H  HB3  . ALA A 1 37  ? -0.169  2.159   3.003   1.00 0.00 ? 37  ALA A HB3  1 
ATOM   562  N  N    . LEU A 1 38  ? -1.882  2.455   6.349   1.00 0.00 ? 38  LEU A N    1 
ATOM   563  C  CA   . LEU A 1 38  ? -2.283  3.515   7.264   1.00 0.00 ? 38  LEU A CA   1 
ATOM   564  C  C    . LEU A 1 38  ? -1.393  3.460   8.493   1.00 0.00 ? 38  LEU A C    1 
ATOM   565  O  O    . LEU A 1 38  ? -0.907  4.485   8.953   1.00 0.00 ? 38  LEU A O    1 
ATOM   566  C  CB   . LEU A 1 38  ? -3.742  3.344   7.722   1.00 0.00 ? 38  LEU A CB   1 
ATOM   567  C  CG   . LEU A 1 38  ? -4.790  4.009   6.826   1.00 0.00 ? 38  LEU A CG   1 
ATOM   568  C  CD1  . LEU A 1 38  ? -6.172  3.639   7.379   1.00 0.00 ? 38  LEU A CD1  1 
ATOM   569  C  CD2  . LEU A 1 38  ? -4.639  5.537   6.811   1.00 0.00 ? 38  LEU A CD2  1 
ATOM   570  H  H    . LEU A 1 38  ? -2.519  1.689   6.188   1.00 0.00 ? 38  LEU A H    1 
ATOM   571  H  HA   . LEU A 1 38  ? -2.147  4.481   6.779   1.00 0.00 ? 38  LEU A HA   1 
ATOM   572  H  HB2  . LEU A 1 38  ? -3.967  2.284   7.793   1.00 0.00 ? 38  LEU A HB2  1 
ATOM   573  H  HB3  . LEU A 1 38  ? -3.848  3.765   8.723   1.00 0.00 ? 38  LEU A HB3  1 
ATOM   574  H  HG   . LEU A 1 38  ? -4.699  3.625   5.809   1.00 0.00 ? 38  LEU A HG   1 
ATOM   575  H  HD11 . LEU A 1 38  ? -6.307  4.083   8.368   1.00 0.00 ? 38  LEU A HD11 1 
ATOM   576  H  HD12 . LEU A 1 38  ? -6.950  3.999   6.709   1.00 0.00 ? 38  LEU A HD12 1 
ATOM   577  H  HD13 . LEU A 1 38  ? -6.257  2.556   7.471   1.00 0.00 ? 38  LEU A HD13 1 
ATOM   578  H  HD21 . LEU A 1 38  ? -4.527  5.884   5.784   1.00 0.00 ? 38  LEU A HD21 1 
ATOM   579  H  HD22 . LEU A 1 38  ? -5.517  6.014   7.248   1.00 0.00 ? 38  LEU A HD22 1 
ATOM   580  H  HD23 . LEU A 1 38  ? -3.767  5.846   7.387   1.00 0.00 ? 38  LEU A HD23 1 
ATOM   581  N  N    . ASP A 1 39  ? -1.168  2.270   9.043   1.00 0.00 ? 39  ASP A N    1 
ATOM   582  C  CA   . ASP A 1 39  ? -0.346  2.167   10.238  1.00 0.00 ? 39  ASP A CA   1 
ATOM   583  C  C    . ASP A 1 39  ? 1.111   2.479   9.887   1.00 0.00 ? 39  ASP A C    1 
ATOM   584  O  O    . ASP A 1 39  ? 1.818   3.120   10.665  1.00 0.00 ? 39  ASP A O    1 
ATOM   585  C  CB   . ASP A 1 39  ? -0.516  0.788   10.887  1.00 0.00 ? 39  ASP A CB   1 
ATOM   586  C  CG   . ASP A 1 39  ? -0.945  0.940   12.346  1.00 0.00 ? 39  ASP A CG   1 
ATOM   587  O  OD1  . ASP A 1 39  ? -2.055  1.466   12.575  1.00 0.00 ? 39  ASP A OD1  1 
ATOM   588  O  OD2  . ASP A 1 39  ? -0.153  0.547   13.228  1.00 0.00 ? 39  ASP A OD2  1 
ATOM   589  H  H    . ASP A 1 39  ? -1.603  1.440   8.663   1.00 0.00 ? 39  ASP A H    1 
ATOM   590  H  HA   . ASP A 1 39  ? -0.690  2.922   10.948  1.00 0.00 ? 39  ASP A HA   1 
ATOM   591  H  HB2  . ASP A 1 39  ? -1.270  0.204   10.356  1.00 0.00 ? 39  ASP A HB2  1 
ATOM   592  H  HB3  . ASP A 1 39  ? 0.426   0.243   10.839  1.00 0.00 ? 39  ASP A HB3  1 
ATOM   593  N  N    . ALA A 1 40  ? 1.521   2.138   8.659   1.00 0.00 ? 40  ALA A N    1 
ATOM   594  C  CA   . ALA A 1 40  ? 2.845   2.411   8.123   1.00 0.00 ? 40  ALA A CA   1 
ATOM   595  C  C    . ALA A 1 40  ? 3.101   3.929   8.188   1.00 0.00 ? 40  ALA A C    1 
ATOM   596  O  O    . ALA A 1 40  ? 4.226   4.370   8.415   1.00 0.00 ? 40  ALA A O    1 
ATOM   597  C  CB   . ALA A 1 40  ? 2.967   1.907   6.684   1.00 0.00 ? 40  ALA A CB   1 
ATOM   598  H  H    . ALA A 1 40  ? 0.873   1.640   8.072   1.00 0.00 ? 40  ALA A H    1 
ATOM   599  H  HA   . ALA A 1 40  ? 3.573   1.804   8.676   1.00 0.00 ? 40  ALA A HA   1 
ATOM   600  H  HB1  . ALA A 1 40  ? 2.432   2.562   6.000   1.00 0.00 ? 40  ALA A HB1  1 
ATOM   601  H  HB2  . ALA A 1 40  ? 4.020   1.897   6.408   1.00 0.00 ? 40  ALA A HB2  1 
ATOM   602  H  HB3  . ALA A 1 40  ? 2.583   0.892   6.607   1.00 0.00 ? 40  ALA A HB3  1 
ATOM   603  N  N    . GLN A 1 41  ? 2.038   4.734   8.017   1.00 0.00 ? 41  GLN A N    1 
ATOM   604  C  CA   . GLN A 1 41  ? 2.044   6.188   7.992   1.00 0.00 ? 41  GLN A CA   1 
ATOM   605  C  C    . GLN A 1 41  ? 2.572   6.798   9.291   1.00 0.00 ? 41  GLN A C    1 
ATOM   606  O  O    . GLN A 1 41  ? 3.117   7.899   9.266   1.00 0.00 ? 41  GLN A O    1 
ATOM   607  C  CB   . GLN A 1 41  ? 0.593   6.658   7.787   1.00 0.00 ? 41  GLN A CB   1 
ATOM   608  C  CG   . GLN A 1 41  ? 0.495   8.098   7.287   1.00 0.00 ? 41  GLN A CG   1 
ATOM   609  C  CD   . GLN A 1 41  ? 0.141   8.283   5.815   1.00 0.00 ? 41  GLN A CD   1 
ATOM   610  O  OE1  . GLN A 1 41  ? -0.240  9.380   5.416   1.00 0.00 ? 41  GLN A OE1  1 
ATOM   611  N  NE2  . GLN A 1 41  ? 0.317   7.274   4.972   1.00 0.00 ? 41  GLN A NE2  1 
ATOM   612  H  H    . GLN A 1 41  ? 1.126   4.332   7.846   1.00 0.00 ? 41  GLN A H    1 
ATOM   613  H  HA   . GLN A 1 41  ? 2.666   6.524   7.164   1.00 0.00 ? 41  GLN A HA   1 
ATOM   614  H  HB2  . GLN A 1 41  ? 0.051   5.984   7.123   1.00 0.00 ? 41  GLN A HB2  1 
ATOM   615  H  HB3  . GLN A 1 41  ? 0.098   6.632   8.758   1.00 0.00 ? 41  GLN A HB3  1 
ATOM   616  H  HG2  . GLN A 1 41  ? -0.278  8.590   7.873   1.00 0.00 ? 41  GLN A HG2  1 
ATOM   617  H  HG3  . GLN A 1 41  ? 1.444   8.591   7.469   1.00 0.00 ? 41  GLN A HG3  1 
ATOM   618  H  HE21 . GLN A 1 41  ? 0.602   6.356   5.277   1.00 0.00 ? 41  GLN A HE21 1 
ATOM   619  H  HE22 . GLN A 1 41  ? 0.153   7.466   3.994   1.00 0.00 ? 41  GLN A HE22 1 
ATOM   620  N  N    . LYS A 1 42  ? 2.387   6.115   10.424  1.00 0.00 ? 42  LYS A N    1 
ATOM   621  C  CA   . LYS A 1 42  ? 2.815   6.624   11.723  1.00 0.00 ? 42  LYS A CA   1 
ATOM   622  C  C    . LYS A 1 42  ? 3.790   5.683   12.411  1.00 0.00 ? 42  LYS A C    1 
ATOM   623  O  O    . LYS A 1 42  ? 4.151   5.912   13.563  1.00 0.00 ? 42  LYS A O    1 
ATOM   624  C  CB   . LYS A 1 42  ? 1.614   6.946   12.615  1.00 0.00 ? 42  LYS A CB   1 
ATOM   625  C  CG   . LYS A 1 42  ? 0.705   5.743   12.895  1.00 0.00 ? 42  LYS A CG   1 
ATOM   626  C  CD   . LYS A 1 42  ? -0.008  6.006   14.223  1.00 0.00 ? 42  LYS A CD   1 
ATOM   627  C  CE   . LYS A 1 42  ? -1.263  5.148   14.385  1.00 0.00 ? 42  LYS A CE   1 
ATOM   628  N  NZ   . LYS A 1 42  ? -1.913  5.422   15.684  1.00 0.00 ? 42  LYS A NZ   1 
ATOM   629  H  H    . LYS A 1 42  ? 1.939   5.204   10.386  1.00 0.00 ? 42  LYS A H    1 
ATOM   630  H  HA   . LYS A 1 42  ? 3.363   7.555   11.572  1.00 0.00 ? 42  LYS A HA   1 
ATOM   631  H  HB2  . LYS A 1 42  ? 1.999   7.333   13.561  1.00 0.00 ? 42  LYS A HB2  1 
ATOM   632  H  HB3  . LYS A 1 42  ? 1.023   7.735   12.150  1.00 0.00 ? 42  LYS A HB3  1 
ATOM   633  H  HG2  . LYS A 1 42  ? -0.020  5.639   12.087  1.00 0.00 ? 42  LYS A HG2  1 
ATOM   634  H  HG3  . LYS A 1 42  ? 1.284   4.821   12.979  1.00 0.00 ? 42  LYS A HG3  1 
ATOM   635  H  HD2  . LYS A 1 42  ? 0.689   5.798   15.038  1.00 0.00 ? 42  LYS A HD2  1 
ATOM   636  H  HD3  . LYS A 1 42  ? -0.297  7.057   14.268  1.00 0.00 ? 42  LYS A HD3  1 
ATOM   637  H  HE2  . LYS A 1 42  ? -1.954  5.384   13.572  1.00 0.00 ? 42  LYS A HE2  1 
ATOM   638  H  HE3  . LYS A 1 42  ? -0.999  4.089   14.313  1.00 0.00 ? 42  LYS A HE3  1 
ATOM   639  H  HZ1  . LYS A 1 42  ? -2.105  6.411   15.772  1.00 0.00 ? 42  LYS A HZ1  1 
ATOM   640  H  HZ2  . LYS A 1 42  ? -2.780  4.908   15.751  1.00 0.00 ? 42  LYS A HZ2  1 
ATOM   641  H  HZ3  . LYS A 1 42  ? -1.303  5.139   16.439  1.00 0.00 ? 42  LYS A HZ3  1 
ATOM   642  N  N    . ALA A 1 43  ? 4.205   4.620   11.731  1.00 0.00 ? 43  ALA A N    1 
ATOM   643  C  CA   . ALA A 1 43  ? 5.307   3.825   12.213  1.00 0.00 ? 43  ALA A CA   1 
ATOM   644  C  C    . ALA A 1 43  ? 6.590   4.642   12.019  1.00 0.00 ? 43  ALA A C    1 
ATOM   645  O  O    . ALA A 1 43  ? 6.577   5.691   11.371  1.00 0.00 ? 43  ALA A O    1 
ATOM   646  C  CB   . ALA A 1 43  ? 5.338   2.532   11.406  1.00 0.00 ? 43  ALA A CB   1 
ATOM   647  H  H    . ALA A 1 43  ? 3.901   4.464   10.781  1.00 0.00 ? 43  ALA A H    1 
ATOM   648  H  HA   . ALA A 1 43  ? 5.160   3.598   13.269  1.00 0.00 ? 43  ALA A HA   1 
ATOM   649  H  HB1  . ALA A 1 43  ? 5.699   2.762   10.403  1.00 0.00 ? 43  ALA A HB1  1 
ATOM   650  H  HB2  . ALA A 1 43  ? 5.991   1.811   11.899  1.00 0.00 ? 43  ALA A HB2  1 
ATOM   651  H  HB3  . ALA A 1 43  ? 4.336   2.108   11.331  1.00 0.00 ? 43  ALA A HB3  1 
ATOM   652  N  N    . THR A 1 44  ? 7.718   4.141   12.517  1.00 0.00 ? 44  THR A N    1 
ATOM   653  C  CA   . THR A 1 44  ? 8.999   4.819   12.395  1.00 0.00 ? 44  THR A CA   1 
ATOM   654  C  C    . THR A 1 44  ? 9.955   3.889   11.662  1.00 0.00 ? 44  THR A C    1 
ATOM   655  O  O    . THR A 1 44  ? 10.441  2.930   12.255  1.00 0.00 ? 44  THR A O    1 
ATOM   656  C  CB   . THR A 1 44  ? 9.502   5.220   13.788  1.00 0.00 ? 44  THR A CB   1 
ATOM   657  O  OG1  . THR A 1 44  ? 8.810   6.380   14.188  1.00 0.00 ? 44  THR A OG1  1 
ATOM   658  C  CG2  . THR A 1 44  ? 10.996  5.546   13.843  1.00 0.00 ? 44  THR A CG2  1 
ATOM   659  H  H    . THR A 1 44  ? 7.712   3.260   13.008  1.00 0.00 ? 44  THR A H    1 
ATOM   660  H  HA   . THR A 1 44  ? 8.883   5.731   11.815  1.00 0.00 ? 44  THR A HA   1 
ATOM   661  H  HB   . THR A 1 44  ? 9.287   4.418   14.497  1.00 0.00 ? 44  THR A HB   1 
ATOM   662  H  HG1  . THR A 1 44  ? 9.258   7.130   13.791  1.00 0.00 ? 44  THR A HG1  1 
ATOM   663  H  HG21 . THR A 1 44  ? 11.265  6.236   13.045  1.00 0.00 ? 44  THR A HG21 1 
ATOM   664  H  HG22 . THR A 1 44  ? 11.237  5.991   14.809  1.00 0.00 ? 44  THR A HG22 1 
ATOM   665  H  HG23 . THR A 1 44  ? 11.579  4.631   13.742  1.00 0.00 ? 44  THR A HG23 1 
ATOM   666  N  N    . PRO A 1 45  ? 10.204  4.120   10.368  1.00 0.00 ? 45  PRO A N    1 
ATOM   667  C  CA   . PRO A 1 45  ? 11.202  3.356   9.655   1.00 0.00 ? 45  PRO A CA   1 
ATOM   668  C  C    . PRO A 1 45  ? 12.590  3.787   10.067  1.00 0.00 ? 45  PRO A C    1 
ATOM   669  O  O    . PRO A 1 45  ? 12.833  4.976   10.249  1.00 0.00 ? 45  PRO A O    1 
ATOM   670  C  CB   . PRO A 1 45  ? 10.940  3.612   8.169   1.00 0.00 ? 45  PRO A CB   1 
ATOM   671  C  CG   . PRO A 1 45  ? 10.248  4.968   8.152   1.00 0.00 ? 45  PRO A CG   1 
ATOM   672  C  CD   . PRO A 1 45  ? 9.543   5.080   9.503   1.00 0.00 ? 45  PRO A CD   1 
ATOM   673  H  HA   . PRO A 1 45  ? 11.117  2.313   9.915   1.00 0.00 ? 45  PRO A HA   1 
ATOM   674  H  HB2  . PRO A 1 45  ? 11.860  3.624   7.583   1.00 0.00 ? 45  PRO A HB2  1 
ATOM   675  H  HB3  . PRO A 1 45  ? 10.246  2.880   7.769   1.00 0.00 ? 45  PRO A HB3  1 
ATOM   676  H  HG2  . PRO A 1 45  ? 10.996  5.750   8.076   1.00 0.00 ? 45  PRO A HG2  1 
ATOM   677  H  HG3  . PRO A 1 45  ? 9.546   5.020   7.326   1.00 0.00 ? 45  PRO A HG3  1 
ATOM   678  H  HD2  . PRO A 1 45  ? 9.651   6.096   9.881   1.00 0.00 ? 45  PRO A HD2  1 
ATOM   679  H  HD3  . PRO A 1 45  ? 8.489   4.818   9.404   1.00 0.00 ? 45  PRO A HD3  1 
ATOM   680  N  N    . PRO A 1 46  ? 13.535  2.841   10.121  1.00 0.00 ? 46  PRO A N    1 
ATOM   681  C  CA   . PRO A 1 46  ? 14.905  3.166   10.466  1.00 0.00 ? 46  PRO A CA   1 
ATOM   682  C  C    . PRO A 1 46  ? 15.529  3.997   9.336   1.00 0.00 ? 46  PRO A C    1 
ATOM   683  O  O    . PRO A 1 46  ? 16.437  4.799   9.538   1.00 0.00 ? 46  PRO A O    1 
ATOM   684  C  CB   . PRO A 1 46  ? 15.592  1.810   10.635  1.00 0.00 ? 46  PRO A CB   1 
ATOM   685  C  CG   . PRO A 1 46  ? 14.811  0.878   9.707   1.00 0.00 ? 46  PRO A CG   1 
ATOM   686  C  CD   . PRO A 1 46  ? 13.394  1.456   9.690   1.00 0.00 ? 46  PRO A CD   1 
ATOM   687  H  HA   . PRO A 1 46  ? 14.924  3.714   11.408  1.00 0.00 ? 46  PRO A HA   1 
ATOM   688  H  HB2  . PRO A 1 46  ? 16.649  1.848   10.371  1.00 0.00 ? 46  PRO A HB2  1 
ATOM   689  H  HB3  . PRO A 1 46  ? 15.471  1.473   11.666  1.00 0.00 ? 46  PRO A HB3  1 
ATOM   690  H  HG2  . PRO A 1 46  ? 15.233  0.928   8.703   1.00 0.00 ? 46  PRO A HG2  1 
ATOM   691  H  HG3  . PRO A 1 46  ? 14.819  -0.148  10.075  1.00 0.00 ? 46  PRO A HG3  1 
ATOM   692  H  HD2  . PRO A 1 46  ? 12.983  1.399   8.680   1.00 0.00 ? 46  PRO A HD2  1 
ATOM   693  H  HD3  . PRO A 1 46  ? 12.742  0.892   10.359  1.00 0.00 ? 46  PRO A HD3  1 
ATOM   694  N  N    . LYS A 1 47  ? 15.011  3.820   8.120   1.00 0.00 ? 47  LYS A N    1 
ATOM   695  C  CA   . LYS A 1 47  ? 15.514  4.450   6.914   1.00 0.00 ? 47  LYS A CA   1 
ATOM   696  C  C    . LYS A 1 47  ? 15.194  5.945   6.874   1.00 0.00 ? 47  LYS A C    1 
ATOM   697  O  O    . LYS A 1 47  ? 15.943  6.723   6.291   1.00 0.00 ? 47  LYS A O    1 
ATOM   698  C  CB   . LYS A 1 47  ? 14.867  3.701   5.749   1.00 0.00 ? 47  LYS A CB   1 
ATOM   699  C  CG   . LYS A 1 47  ? 15.353  4.097   4.357   1.00 0.00 ? 47  LYS A CG   1 
ATOM   700  C  CD   . LYS A 1 47  ? 16.839  4.414   4.188   1.00 0.00 ? 47  LYS A CD   1 
ATOM   701  C  CE   . LYS A 1 47  ? 16.883  5.143   2.849   1.00 0.00 ? 47  LYS A CE   1 
ATOM   702  N  NZ   . LYS A 1 47  ? 18.247  5.477   2.410   1.00 0.00 ? 47  LYS A NZ   1 
ATOM   703  H  H    . LYS A 1 47  ? 14.278  3.136   8.017   1.00 0.00 ? 47  LYS A H    1 
ATOM   704  H  HA   . LYS A 1 47  ? 16.596  4.322   6.898   1.00 0.00 ? 47  LYS A HA   1 
ATOM   705  H  HB2  . LYS A 1 47  ? 15.037  2.632   5.881   1.00 0.00 ? 47  LYS A HB2  1 
ATOM   706  H  HB3  . LYS A 1 47  ? 13.788  3.871   5.780   1.00 0.00 ? 47  LYS A HB3  1 
ATOM   707  H  HG2  . LYS A 1 47  ? 15.144  3.262   3.692   1.00 0.00 ? 47  LYS A HG2  1 
ATOM   708  H  HG3  . LYS A 1 47  ? 14.768  4.959   4.031   1.00 0.00 ? 47  LYS A HG3  1 
ATOM   709  H  HD2  . LYS A 1 47  ? 17.213  5.070   4.970   1.00 0.00 ? 47  LYS A HD2  1 
ATOM   710  H  HD3  . LYS A 1 47  ? 17.415  3.488   4.154   1.00 0.00 ? 47  LYS A HD3  1 
ATOM   711  H  HE2  . LYS A 1 47  ? 16.410  4.500   2.107   1.00 0.00 ? 47  LYS A HE2  1 
ATOM   712  H  HE3  . LYS A 1 47  ? 16.295  6.060   2.934   1.00 0.00 ? 47  LYS A HE3  1 
ATOM   713  H  HZ1  . LYS A 1 47  ? 18.786  4.630   2.303   1.00 0.00 ? 47  LYS A HZ1  1 
ATOM   714  H  HZ2  . LYS A 1 47  ? 18.186  5.938   1.512   1.00 0.00 ? 47  LYS A HZ2  1 
ATOM   715  H  HZ3  . LYS A 1 47  ? 18.687  6.091   3.082   1.00 0.00 ? 47  LYS A HZ3  1 
ATOM   716  N  N    . LEU A 1 48  ? 14.087  6.346   7.500   1.00 0.00 ? 48  LEU A N    1 
ATOM   717  C  CA   . LEU A 1 48  ? 13.690  7.734   7.680   1.00 0.00 ? 48  LEU A CA   1 
ATOM   718  C  C    . LEU A 1 48  ? 13.340  7.838   9.152   1.00 0.00 ? 48  LEU A C    1 
ATOM   719  O  O    . LEU A 1 48  ? 12.216  8.155   9.531   1.00 0.00 ? 48  LEU A O    1 
ATOM   720  C  CB   . LEU A 1 48  ? 12.513  8.108   6.764   1.00 0.00 ? 48  LEU A CB   1 
ATOM   721  C  CG   . LEU A 1 48  ? 12.911  8.117   5.286   1.00 0.00 ? 48  LEU A CG   1 
ATOM   722  C  CD1  . LEU A 1 48  ? 11.695  7.894   4.403   1.00 0.00 ? 48  LEU A CD1  1 
ATOM   723  C  CD2  . LEU A 1 48  ? 13.541  9.449   4.874   1.00 0.00 ? 48  LEU A CD2  1 
ATOM   724  H  H    . LEU A 1 48  ? 13.551  5.664   8.019   1.00 0.00 ? 48  LEU A H    1 
ATOM   725  H  HA   . LEU A 1 48  ? 14.530  8.399   7.470   1.00 0.00 ? 48  LEU A HA   1 
ATOM   726  H  HB2  . LEU A 1 48  ? 11.712  7.392   6.922   1.00 0.00 ? 48  LEU A HB2  1 
ATOM   727  H  HB3  . LEU A 1 48  ? 12.132  9.092   7.021   1.00 0.00 ? 48  LEU A HB3  1 
ATOM   728  H  HG   . LEU A 1 48  ? 13.607  7.305   5.086   1.00 0.00 ? 48  LEU A HG   1 
ATOM   729  H  HD11 . LEU A 1 48  ? 11.177  8.834   4.232   1.00 0.00 ? 48  LEU A HD11 1 
ATOM   730  H  HD12 . LEU A 1 48  ? 12.077  7.520   3.460   1.00 0.00 ? 48  LEU A HD12 1 
ATOM   731  H  HD13 . LEU A 1 48  ? 11.016  7.164   4.842   1.00 0.00 ? 48  LEU A HD13 1 
ATOM   732  H  HD21 . LEU A 1 48  ? 14.483  9.602   5.400   1.00 0.00 ? 48  LEU A HD21 1 
ATOM   733  H  HD22 . LEU A 1 48  ? 13.734  9.450   3.800   1.00 0.00 ? 48  LEU A HD22 1 
ATOM   734  H  HD23 . LEU A 1 48  ? 12.862  10.270  5.100   1.00 0.00 ? 48  LEU A HD23 1 
ATOM   735  N  N    . GLU A 1 49  ? 14.300  7.499   10.001  1.00 0.00 ? 49  GLU A N    1 
ATOM   736  C  CA   . GLU A 1 49  ? 14.053  7.563   11.424  1.00 0.00 ? 49  GLU A CA   1 
ATOM   737  C  C    . GLU A 1 49  ? 14.177  9.023   11.847  1.00 0.00 ? 49  GLU A C    1 
ATOM   738  O  O    . GLU A 1 49  ? 13.210  9.672   12.243  1.00 0.00 ? 49  GLU A O    1 
ATOM   739  C  CB   . GLU A 1 49  ? 15.079  6.685   12.146  1.00 0.00 ? 49  GLU A CB   1 
ATOM   740  C  CG   . GLU A 1 49  ? 14.632  6.393   13.580  1.00 0.00 ? 49  GLU A CG   1 
ATOM   741  C  CD   . GLU A 1 49  ? 15.789  5.978   14.490  1.00 0.00 ? 49  GLU A CD   1 
ATOM   742  O  OE1  . GLU A 1 49  ? 16.841  5.568   13.951  1.00 0.00 ? 49  GLU A OE1  1 
ATOM   743  O  OE2  . GLU A 1 49  ? 15.596  6.069   15.722  1.00 0.00 ? 49  GLU A OE2  1 
ATOM   744  H  H    . GLU A 1 49  ? 15.183  7.132   9.674   1.00 0.00 ? 49  GLU A H    1 
ATOM   745  H  HA   . GLU A 1 49  ? 13.048  7.192   11.637  1.00 0.00 ? 49  GLU A HA   1 
ATOM   746  H  HB2  . GLU A 1 49  ? 15.175  5.745   11.615  1.00 0.00 ? 49  GLU A HB2  1 
ATOM   747  H  HB3  . GLU A 1 49  ? 16.056  7.168   12.135  1.00 0.00 ? 49  GLU A HB3  1 
ATOM   748  H  HG2  . GLU A 1 49  ? 14.154  7.282   13.994  1.00 0.00 ? 49  GLU A HG2  1 
ATOM   749  H  HG3  . GLU A 1 49  ? 13.894  5.589   13.554  1.00 0.00 ? 49  GLU A HG3  1 
ATOM   750  N  N    . ASP A 1 50  ? 15.377  9.557   11.642  1.00 0.00 ? 50  ASP A N    1 
ATOM   751  C  CA   . ASP A 1 50  ? 15.864  10.807  12.201  1.00 0.00 ? 50  ASP A CA   1 
ATOM   752  C  C    . ASP A 1 50  ? 15.652  12.026  11.301  1.00 0.00 ? 50  ASP A C    1 
ATOM   753  O  O    . ASP A 1 50  ? 16.356  13.023  11.434  1.00 0.00 ? 50  ASP A O    1 
ATOM   754  C  CB   . ASP A 1 50  ? 17.350  10.594  12.518  1.00 0.00 ? 50  ASP A CB   1 
ATOM   755  C  CG   . ASP A 1 50  ? 17.921  11.676  13.433  1.00 0.00 ? 50  ASP A CG   1 
ATOM   756  O  OD1  . ASP A 1 50  ? 17.176  12.103  14.344  1.00 0.00 ? 50  ASP A OD1  1 
ATOM   757  O  OD2  . ASP A 1 50  ? 19.113  12.009  13.249  1.00 0.00 ? 50  ASP A OD2  1 
ATOM   758  H  H    . ASP A 1 50  ? 16.083  8.965   11.231  1.00 0.00 ? 50  ASP A H    1 
ATOM   759  H  HA   . ASP A 1 50  ? 15.341  10.991  13.141  1.00 0.00 ? 50  ASP A HA   1 
ATOM   760  H  HB2  . ASP A 1 50  ? 17.465  9.634   13.025  1.00 0.00 ? 50  ASP A HB2  1 
ATOM   761  H  HB3  . ASP A 1 50  ? 17.916  10.550  11.586  1.00 0.00 ? 50  ASP A HB3  1 
ATOM   762  N  N    . LYS A 1 51  ? 14.718  11.992  10.340  1.00 0.00 ? 51  LYS A N    1 
ATOM   763  C  CA   . LYS A 1 51  ? 14.487  13.246  9.617   1.00 0.00 ? 51  LYS A CA   1 
ATOM   764  C  C    . LYS A 1 51  ? 13.885  14.282  10.548  1.00 0.00 ? 51  LYS A C    1 
ATOM   765  O  O    . LYS A 1 51  ? 13.100  13.943  11.435  1.00 0.00 ? 51  LYS A O    1 
ATOM   766  C  CB   . LYS A 1 51  ? 13.652  13.192  8.327   1.00 0.00 ? 51  LYS A CB   1 
ATOM   767  C  CG   . LYS A 1 51  ? 12.993  11.882  7.904   1.00 0.00 ? 51  LYS A CG   1 
ATOM   768  C  CD   . LYS A 1 51  ? 11.478  11.864  8.167   1.00 0.00 ? 51  LYS A CD   1 
ATOM   769  C  CE   . LYS A 1 51  ? 11.152  10.720  9.111   1.00 0.00 ? 51  LYS A CE   1 
ATOM   770  N  NZ   . LYS A 1 51  ? 11.451  11.010  10.531  1.00 0.00 ? 51  LYS A NZ   1 
ATOM   771  H  H    . LYS A 1 51  ? 14.165  11.158  10.233  1.00 0.00 ? 51  LYS A H    1 
ATOM   772  H  HA   . LYS A 1 51  ? 15.473  13.614  9.327   1.00 0.00 ? 51  LYS A HA   1 
ATOM   773  H  HB2  . LYS A 1 51  ? 12.896  13.981  8.345   1.00 0.00 ? 51  LYS A HB2  1 
ATOM   774  H  HB3  . LYS A 1 51  ? 14.328  13.488  7.531   1.00 0.00 ? 51  LYS A HB3  1 
ATOM   775  H  HG2  . LYS A 1 51  ? 13.144  11.784  6.831   1.00 0.00 ? 51  LYS A HG2  1 
ATOM   776  H  HG3  . LYS A 1 51  ? 13.489  11.026  8.357   1.00 0.00 ? 51  LYS A HG3  1 
ATOM   777  H  HD2  . LYS A 1 51  ? 11.108  12.804  8.571   1.00 0.00 ? 51  LYS A HD2  1 
ATOM   778  H  HD3  . LYS A 1 51  ? 10.978  11.668  7.215   1.00 0.00 ? 51  LYS A HD3  1 
ATOM   779  H  HE2  . LYS A 1 51  ? 10.113  10.408  8.996   1.00 0.00 ? 51  LYS A HE2  1 
ATOM   780  H  HE3  . LYS A 1 51  ? 11.775  9.906   8.774   1.00 0.00 ? 51  LYS A HE3  1 
ATOM   781  H  HZ1  . LYS A 1 51  ? 12.167  11.719  10.640  1.00 0.00 ? 51  LYS A HZ1  1 
ATOM   782  H  HZ2  . LYS A 1 51  ? 11.779  10.159  10.981  1.00 0.00 ? 51  LYS A HZ2  1 
ATOM   783  H  HZ3  . LYS A 1 51  ? 10.623  11.319  11.015  1.00 0.00 ? 51  LYS A HZ3  1 
ATOM   784  N  N    . SER A 1 52  ? 14.180  15.539  10.231  1.00 0.00 ? 52  SER A N    1 
ATOM   785  C  CA   . SER A 1 52  ? 13.659  16.707  10.902  1.00 0.00 ? 52  SER A CA   1 
ATOM   786  C  C    . SER A 1 52  ? 12.128  16.704  10.935  1.00 0.00 ? 52  SER A C    1 
ATOM   787  O  O    . SER A 1 52  ? 11.478  16.182  10.028  1.00 0.00 ? 52  SER A O    1 
ATOM   788  C  CB   . SER A 1 52  ? 14.180  17.924  10.144  1.00 0.00 ? 52  SER A CB   1 
ATOM   789  O  OG   . SER A 1 52  ? 15.561  18.070  10.382  1.00 0.00 ? 52  SER A OG   1 
ATOM   790  H  H    . SER A 1 52  ? 14.838  15.709  9.487   1.00 0.00 ? 52  SER A H    1 
ATOM   791  H  HA   . SER A 1 52  ? 14.056  16.718  11.916  1.00 0.00 ? 52  SER A HA   1 
ATOM   792  H  HB2  . SER A 1 52  ? 14.038  17.741  9.086   1.00 0.00 ? 52  SER A HB2  1 
ATOM   793  H  HB3  . SER A 1 52  ? 13.644  18.828  10.435  1.00 0.00 ? 52  SER A HB3  1 
ATOM   794  H  HG   . SER A 1 52  ? 15.879  18.843  9.906   1.00 0.00 ? 52  SER A HG   1 
ATOM   795  N  N    . PRO A 1 53  ? 11.552  17.345  11.959  1.00 0.00 ? 53  PRO A N    1 
ATOM   796  C  CA   . PRO A 1 53  ? 10.117  17.373  12.198  1.00 0.00 ? 53  PRO A CA   1 
ATOM   797  C  C    . PRO A 1 53  ? 9.369   18.241  11.186  1.00 0.00 ? 53  PRO A C    1 
ATOM   798  O  O    . PRO A 1 53  ? 8.179   18.038  10.968  1.00 0.00 ? 53  PRO A O    1 
ATOM   799  C  CB   . PRO A 1 53  ? 9.967   17.952  13.611  1.00 0.00 ? 53  PRO A CB   1 
ATOM   800  C  CG   . PRO A 1 53  ? 11.234  18.784  13.814  1.00 0.00 ? 53  PRO A CG   1 
ATOM   801  C  CD   . PRO A 1 53  ? 12.281  18.005  13.026  1.00 0.00 ? 53  PRO A CD   1 
ATOM   802  H  HA   . PRO A 1 53  ? 9.708   16.363  12.167  1.00 0.00 ? 53  PRO A HA   1 
ATOM   803  H  HB2  . PRO A 1 53  ? 9.071   18.566  13.713  1.00 0.00 ? 53  PRO A HB2  1 
ATOM   804  H  HB3  . PRO A 1 53  ? 9.952   17.137  14.335  1.00 0.00 ? 53  PRO A HB3  1 
ATOM   805  H  HG2  . PRO A 1 53  ? 11.108  19.773  13.370  1.00 0.00 ? 53  PRO A HG2  1 
ATOM   806  H  HG3  . PRO A 1 53  ? 11.507  18.865  14.867  1.00 0.00 ? 53  PRO A HG3  1 
ATOM   807  H  HD2  . PRO A 1 53  ? 13.041  18.683  12.636  1.00 0.00 ? 53  PRO A HD2  1 
ATOM   808  H  HD3  . PRO A 1 53  ? 12.739  17.251  13.668  1.00 0.00 ? 53  PRO A HD3  1 
ATOM   809  N  N    . ASP A 1 54  ? 10.058  19.198  10.565  1.00 0.00 ? 54  ASP A N    1 
ATOM   810  C  CA   . ASP A 1 54  ? 9.443   20.243  9.755   1.00 0.00 ? 54  ASP A CA   1 
ATOM   811  C  C    . ASP A 1 54  ? 10.033  20.187  8.347   1.00 0.00 ? 54  ASP A C    1 
ATOM   812  O  O    . ASP A 1 54  ? 10.357  21.211  7.752   1.00 0.00 ? 54  ASP A O    1 
ATOM   813  C  CB   . ASP A 1 54  ? 9.696   21.592  10.447  1.00 0.00 ? 54  ASP A CB   1 
ATOM   814  C  CG   . ASP A 1 54  ? 8.683   22.665  10.048  1.00 0.00 ? 54  ASP A CG   1 
ATOM   815  O  OD1  . ASP A 1 54  ? 7.679   22.310  9.389   1.00 0.00 ? 54  ASP A OD1  1 
ATOM   816  O  OD2  . ASP A 1 54  ? 8.896   23.821  10.473  1.00 0.00 ? 54  ASP A OD2  1 
ATOM   817  H  H    . ASP A 1 54  ? 11.035  19.317  10.776  1.00 0.00 ? 54  ASP A H    1 
ATOM   818  H  HA   . ASP A 1 54  ? 8.366   20.074  9.695   1.00 0.00 ? 54  ASP A HA   1 
ATOM   819  H  HB2  . ASP A 1 54  ? 9.630   21.455  11.528  1.00 0.00 ? 54  ASP A HB2  1 
ATOM   820  H  HB3  . ASP A 1 54  ? 10.708  21.938  10.225  1.00 0.00 ? 54  ASP A HB3  1 
ATOM   821  N  N    . SER A 1 55  ? 10.249  18.969  7.837   1.00 0.00 ? 55  SER A N    1 
ATOM   822  C  CA   . SER A 1 55  ? 11.062  18.768  6.643   1.00 0.00 ? 55  SER A CA   1 
ATOM   823  C  C    . SER A 1 55  ? 10.347  18.121  5.459   1.00 0.00 ? 55  SER A C    1 
ATOM   824  O  O    . SER A 1 55  ? 9.366   17.391  5.619   1.00 0.00 ? 55  SER A O    1 
ATOM   825  C  CB   . SER A 1 55  ? 12.280  17.924  7.026   1.00 0.00 ? 55  SER A CB   1 
ATOM   826  O  OG   . SER A 1 55  ? 13.391  18.780  7.175   1.00 0.00 ? 55  SER A OG   1 
ATOM   827  H  H    . SER A 1 55  ? 9.934   18.162  8.357   1.00 0.00 ? 55  SER A H    1 
ATOM   828  H  HA   . SER A 1 55  ? 11.419  19.742  6.311   1.00 0.00 ? 55  SER A HA   1 
ATOM   829  H  HB2  . SER A 1 55  ? 12.088  17.383  7.952   1.00 0.00 ? 55  SER A HB2  1 
ATOM   830  H  HB3  . SER A 1 55  ? 12.494  17.193  6.246   1.00 0.00 ? 55  SER A HB3  1 
ATOM   831  H  HG   . SER A 1 55  ? 14.191  18.276  7.001   1.00 0.00 ? 55  SER A HG   1 
ATOM   832  N  N    . PRO A 1 56  ? 10.952  18.274  4.269   1.00 0.00 ? 56  PRO A N    1 
ATOM   833  C  CA   . PRO A 1 56  ? 10.495  17.735  2.993   1.00 0.00 ? 56  PRO A CA   1 
ATOM   834  C  C    . PRO A 1 56  ? 10.749  16.227  2.865   1.00 0.00 ? 56  PRO A C    1 
ATOM   835  O  O    . PRO A 1 56  ? 10.787  15.706  1.758   1.00 0.00 ? 56  PRO A O    1 
ATOM   836  C  CB   . PRO A 1 56  ? 11.268  18.538  1.940   1.00 0.00 ? 56  PRO A CB   1 
ATOM   837  C  CG   . PRO A 1 56  ? 12.608  18.784  2.621   1.00 0.00 ? 56  PRO A CG   1 
ATOM   838  C  CD   . PRO A 1 56  ? 12.193  19.016  4.068   1.00 0.00 ? 56  PRO A CD   1 
ATOM   839  H  HA   . PRO A 1 56  ? 9.429   17.921  2.869   1.00 0.00 ? 56  PRO A HA   1 
ATOM   840  H  HB2  . PRO A 1 56  ? 11.386  18.011  0.993   1.00 0.00 ? 56  PRO A HB2  1 
ATOM   841  H  HB3  . PRO A 1 56  ? 10.770  19.495  1.777   1.00 0.00 ? 56  PRO A HB3  1 
ATOM   842  H  HG2  . PRO A 1 56  ? 13.230  17.890  2.553   1.00 0.00 ? 56  PRO A HG2  1 
ATOM   843  H  HG3  . PRO A 1 56  ? 13.127  19.651  2.209   1.00 0.00 ? 56  PRO A HG3  1 
ATOM   844  H  HD2  . PRO A 1 56  ? 12.988  18.662  4.721   1.00 0.00 ? 56  PRO A HD2  1 
ATOM   845  H  HD3  . PRO A 1 56  ? 12.014  20.079  4.234   1.00 0.00 ? 56  PRO A HD3  1 
ATOM   846  N  N    . GLU A 1 57  ? 10.932  15.513  3.977   1.00 0.00 ? 57  GLU A N    1 
ATOM   847  C  CA   . GLU A 1 57  ? 11.113  14.070  3.980   1.00 0.00 ? 57  GLU A CA   1 
ATOM   848  C  C    . GLU A 1 57  ? 9.996   13.393  4.762   1.00 0.00 ? 57  GLU A C    1 
ATOM   849  O  O    . GLU A 1 57  ? 9.540   12.327  4.369   1.00 0.00 ? 57  GLU A O    1 
ATOM   850  C  CB   . GLU A 1 57  ? 12.465  13.704  4.596   1.00 0.00 ? 57  GLU A CB   1 
ATOM   851  C  CG   . GLU A 1 57  ? 13.618  13.985  3.631   1.00 0.00 ? 57  GLU A CG   1 
ATOM   852  C  CD   . GLU A 1 57  ? 14.912  13.327  4.111   1.00 0.00 ? 57  GLU A CD   1 
ATOM   853  O  OE1  . GLU A 1 57  ? 15.194  13.445  5.322   1.00 0.00 ? 57  GLU A OE1  1 
ATOM   854  O  OE2  . GLU A 1 57  ? 15.593  12.704  3.267   1.00 0.00 ? 57  GLU A OE2  1 
ATOM   855  H  H    . GLU A 1 57  ? 10.874  15.982  4.861   1.00 0.00 ? 57  GLU A H    1 
ATOM   856  H  HA   . GLU A 1 57  ? 11.084  13.682  2.959   1.00 0.00 ? 57  GLU A HA   1 
ATOM   857  H  HB2  . GLU A 1 57  ? 12.605  14.259  5.527   1.00 0.00 ? 57  GLU A HB2  1 
ATOM   858  H  HB3  . GLU A 1 57  ? 12.457  12.638  4.820   1.00 0.00 ? 57  GLU A HB3  1 
ATOM   859  H  HG2  . GLU A 1 57  ? 13.358  13.585  2.650   1.00 0.00 ? 57  GLU A HG2  1 
ATOM   860  H  HG3  . GLU A 1 57  ? 13.765  15.064  3.542   1.00 0.00 ? 57  GLU A HG3  1 
ATOM   861  N  N    . MET A 1 58  ? 9.512   13.987  5.858   1.00 0.00 ? 58  MET A N    1 
ATOM   862  C  CA   . MET A 1 58  ? 8.455   13.359  6.638   1.00 0.00 ? 58  MET A CA   1 
ATOM   863  C  C    . MET A 1 58  ? 7.144   13.354  5.851   1.00 0.00 ? 58  MET A C    1 
ATOM   864  O  O    . MET A 1 58  ? 6.404   12.372  5.854   1.00 0.00 ? 58  MET A O    1 
ATOM   865  C  CB   . MET A 1 58  ? 8.295   14.116  7.958   1.00 0.00 ? 58  MET A CB   1 
ATOM   866  C  CG   . MET A 1 58  ? 7.474   13.290  8.950   1.00 0.00 ? 58  MET A CG   1 
ATOM   867  S  SD   . MET A 1 58  ? 5.980   14.099  9.567   1.00 0.00 ? 58  MET A SD   1 
ATOM   868  C  CE   . MET A 1 58  ? 5.635   12.959  10.928  1.00 0.00 ? 58  MET A CE   1 
ATOM   869  H  H    . MET A 1 58  ? 9.885   14.867  6.179   1.00 0.00 ? 58  MET A H    1 
ATOM   870  H  HA   . MET A 1 58  ? 8.739   12.327  6.844   1.00 0.00 ? 58  MET A HA   1 
ATOM   871  H  HB2  . MET A 1 58  ? 9.277   14.301  8.393   1.00 0.00 ? 58  MET A HB2  1 
ATOM   872  H  HB3  . MET A 1 58  ? 7.816   15.079  7.778   1.00 0.00 ? 58  MET A HB3  1 
ATOM   873  H  HG2  . MET A 1 58  ? 7.180   12.348  8.487   1.00 0.00 ? 58  MET A HG2  1 
ATOM   874  H  HG3  . MET A 1 58  ? 8.113   13.056  9.802   1.00 0.00 ? 58  MET A HG3  1 
ATOM   875  H  HE1  . MET A 1 58  ? 5.566   11.942  10.541  1.00 0.00 ? 58  MET A HE1  1 
ATOM   876  H  HE2  . MET A 1 58  ? 6.442   13.014  11.659  1.00 0.00 ? 58  MET A HE2  1 
ATOM   877  H  HE3  . MET A 1 58  ? 4.696   13.234  11.407  1.00 0.00 ? 58  MET A HE3  1 
ATOM   878  N  N    . LYS A 1 59  ? 6.870   14.453  5.146   1.00 0.00 ? 59  LYS A N    1 
ATOM   879  C  CA   . LYS A 1 59  ? 5.706   14.553  4.279   1.00 0.00 ? 59  LYS A CA   1 
ATOM   880  C  C    . LYS A 1 59  ? 5.852   13.634  3.070   1.00 0.00 ? 59  LYS A C    1 
ATOM   881  O  O    . LYS A 1 59  ? 4.902   12.960  2.681   1.00 0.00 ? 59  LYS A O    1 
ATOM   882  C  CB   . LYS A 1 59  ? 5.519   16.018  3.861   1.00 0.00 ? 59  LYS A CB   1 
ATOM   883  C  CG   . LYS A 1 59  ? 4.547   16.677  4.841   1.00 0.00 ? 59  LYS A CG   1 
ATOM   884  C  CD   . LYS A 1 59  ? 4.485   18.194  4.658   1.00 0.00 ? 59  LYS A CD   1 
ATOM   885  C  CE   . LYS A 1 59  ? 3.214   18.694  5.351   1.00 0.00 ? 59  LYS A CE   1 
ATOM   886  N  NZ   . LYS A 1 59  ? 3.137   20.169  5.383   1.00 0.00 ? 59  LYS A NZ   1 
ATOM   887  H  H    . LYS A 1 59  ? 7.518   15.228  5.196   1.00 0.00 ? 59  LYS A H    1 
ATOM   888  H  HA   . LYS A 1 59  ? 4.825   14.217  4.825   1.00 0.00 ? 59  LYS A HA   1 
ATOM   889  H  HB2  . LYS A 1 59  ? 6.477   16.542  3.868   1.00 0.00 ? 59  LYS A HB2  1 
ATOM   890  H  HB3  . LYS A 1 59  ? 5.098   16.073  2.856   1.00 0.00 ? 59  LYS A HB3  1 
ATOM   891  H  HG2  . LYS A 1 59  ? 3.556   16.255  4.673   1.00 0.00 ? 59  LYS A HG2  1 
ATOM   892  H  HG3  . LYS A 1 59  ? 4.850   16.459  5.867   1.00 0.00 ? 59  LYS A HG3  1 
ATOM   893  H  HD2  . LYS A 1 59  ? 5.371   18.647  5.108   1.00 0.00 ? 59  LYS A HD2  1 
ATOM   894  H  HD3  . LYS A 1 59  ? 4.449   18.440  3.596   1.00 0.00 ? 59  LYS A HD3  1 
ATOM   895  H  HE2  . LYS A 1 59  ? 2.351   18.293  4.814   1.00 0.00 ? 59  LYS A HE2  1 
ATOM   896  H  HE3  . LYS A 1 59  ? 3.194   18.306  6.370   1.00 0.00 ? 59  LYS A HE3  1 
ATOM   897  H  HZ1  . LYS A 1 59  ? 3.180   20.543  4.444   1.00 0.00 ? 59  LYS A HZ1  1 
ATOM   898  H  HZ2  . LYS A 1 59  ? 2.266   20.457  5.809   1.00 0.00 ? 59  LYS A HZ2  1 
ATOM   899  H  HZ3  . LYS A 1 59  ? 3.903   20.546  5.926   1.00 0.00 ? 59  LYS A HZ3  1 
ATOM   900  N  N    . ASP A 1 60  ? 7.044   13.585  2.484   1.00 0.00 ? 60  ASP A N    1 
ATOM   901  C  CA   . ASP A 1 60  ? 7.252   12.832  1.251   1.00 0.00 ? 60  ASP A CA   1 
ATOM   902  C  C    . ASP A 1 60  ? 7.321   11.330  1.530   1.00 0.00 ? 60  ASP A C    1 
ATOM   903  O  O    . ASP A 1 60  ? 7.061   10.509  0.654   1.00 0.00 ? 60  ASP A O    1 
ATOM   904  C  CB   . ASP A 1 60  ? 8.541   13.324  0.576   1.00 0.00 ? 60  ASP A CB   1 
ATOM   905  C  CG   . ASP A 1 60  ? 8.323   13.663  -0.897  1.00 0.00 ? 60  ASP A CG   1 
ATOM   906  O  OD1  . ASP A 1 60  ? 7.243   14.215  -1.200  1.00 0.00 ? 60  ASP A OD1  1 
ATOM   907  O  OD2  . ASP A 1 60  ? 9.237   13.371  -1.696  1.00 0.00 ? 60  ASP A OD2  1 
ATOM   908  H  H    . ASP A 1 60  ? 7.803   14.148  2.833   1.00 0.00 ? 60  ASP A H    1 
ATOM   909  H  HA   . ASP A 1 60  ? 6.401   13.016  0.593   1.00 0.00 ? 60  ASP A HA   1 
ATOM   910  H  HB2  . ASP A 1 60  ? 8.892   14.223  1.079   1.00 0.00 ? 60  ASP A HB2  1 
ATOM   911  H  HB3  . ASP A 1 60  ? 9.322   12.567  0.672   1.00 0.00 ? 60  ASP A HB3  1 
ATOM   912  N  N    . PHE A 1 61  ? 7.661   10.963  2.767   1.00 0.00 ? 61  PHE A N    1 
ATOM   913  C  CA   . PHE A 1 61  ? 7.694   9.597   3.263   1.00 0.00 ? 61  PHE A CA   1 
ATOM   914  C  C    . PHE A 1 61  ? 6.314   8.997   3.172   1.00 0.00 ? 61  PHE A C    1 
ATOM   915  O  O    . PHE A 1 61  ? 6.073   8.072   2.399   1.00 0.00 ? 61  PHE A O    1 
ATOM   916  C  CB   . PHE A 1 61  ? 8.206   9.595   4.713   1.00 0.00 ? 61  PHE A CB   1 
ATOM   917  C  CG   . PHE A 1 61  ? 7.852   8.362   5.518   1.00 0.00 ? 61  PHE A CG   1 
ATOM   918  C  CD1  . PHE A 1 61  ? 8.116   7.082   5.001   1.00 0.00 ? 61  PHE A CD1  1 
ATOM   919  C  CD2  . PHE A 1 61  ? 7.195   8.496   6.757   1.00 0.00 ? 61  PHE A CD2  1 
ATOM   920  C  CE1  . PHE A 1 61  ? 7.722   5.941   5.716   1.00 0.00 ? 61  PHE A CE1  1 
ATOM   921  C  CE2  . PHE A 1 61  ? 6.818   7.353   7.483   1.00 0.00 ? 61  PHE A CE2  1 
ATOM   922  C  CZ   . PHE A 1 61  ? 7.087   6.077   6.964   1.00 0.00 ? 61  PHE A CZ   1 
ATOM   923  H  H    . PHE A 1 61  ? 7.907   11.691  3.421   1.00 0.00 ? 61  PHE A H    1 
ATOM   924  H  HA   . PHE A 1 61  ? 8.327   8.984   2.640   1.00 0.00 ? 61  PHE A HA   1 
ATOM   925  H  HB2  . PHE A 1 61  ? 9.284   9.726   4.710   1.00 0.00 ? 61  PHE A HB2  1 
ATOM   926  H  HB3  . PHE A 1 61  ? 7.792   10.458  5.227   1.00 0.00 ? 61  PHE A HB3  1 
ATOM   927  H  HD1  . PHE A 1 61  ? 8.605   6.975   4.044   1.00 0.00 ? 61  PHE A HD1  1 
ATOM   928  H  HD2  . PHE A 1 61  ? 6.966   9.475   7.153   1.00 0.00 ? 61  PHE A HD2  1 
ATOM   929  H  HE1  . PHE A 1 61  ? 7.911   4.958   5.308   1.00 0.00 ? 61  PHE A HE1  1 
ATOM   930  H  HE2  . PHE A 1 61  ? 6.309   7.449   8.433   1.00 0.00 ? 61  PHE A HE2  1 
ATOM   931  H  HZ   . PHE A 1 61  ? 6.788   5.201   7.527   1.00 0.00 ? 61  PHE A HZ   1 
ATOM   932  N  N    . ARG A 1 62  ? 5.397   9.541   3.963   1.00 0.00 ? 62  ARG A N    1 
ATOM   933  C  CA   . ARG A 1 62  ? 4.037   9.049   3.959   1.00 0.00 ? 62  ARG A CA   1 
ATOM   934  C  C    . ARG A 1 62  ? 3.431   9.106   2.570   1.00 0.00 ? 62  ARG A C    1 
ATOM   935  O  O    . ARG A 1 62  ? 2.563   8.283   2.297   1.00 0.00 ? 62  ARG A O    1 
ATOM   936  C  CB   . ARG A 1 62  ? 3.185   9.823   4.957   1.00 0.00 ? 62  ARG A CB   1 
ATOM   937  C  CG   . ARG A 1 62  ? 3.230   11.337  4.732   1.00 0.00 ? 62  ARG A CG   1 
ATOM   938  C  CD   . ARG A 1 62  ? 2.582   12.051  5.909   1.00 0.00 ? 62  ARG A CD   1 
ATOM   939  N  NE   . ARG A 1 62  ? 1.125   12.141  5.768   1.00 0.00 ? 62  ARG A NE   1 
ATOM   940  C  CZ   . ARG A 1 62  ? 0.378   12.942  6.531   1.00 0.00 ? 62  ARG A CZ   1 
ATOM   941  N  NH1  . ARG A 1 62  ? 0.923   13.510  7.611   1.00 0.00 ? 62  ARG A NH1  1 
ATOM   942  N  NH2  . ARG A 1 62  ? -0.892  13.183  6.212   1.00 0.00 ? 62  ARG A NH2  1 
ATOM   943  H  H    . ARG A 1 62  ? 5.679   10.284  4.587   1.00 0.00 ? 62  ARG A H    1 
ATOM   944  H  HA   . ARG A 1 62  ? 4.052   8.000   4.254   1.00 0.00 ? 62  ARG A HA   1 
ATOM   945  H  HB2  . ARG A 1 62  ? 2.160   9.493   4.849   1.00 0.00 ? 62  ARG A HB2  1 
ATOM   946  H  HB3  . ARG A 1 62  ? 3.532   9.588   5.963   1.00 0.00 ? 62  ARG A HB3  1 
ATOM   947  H  HG2  . ARG A 1 62  ? 4.260   11.671  4.692   1.00 0.00 ? 62  ARG A HG2  1 
ATOM   948  H  HG3  . ARG A 1 62  ? 2.733   11.607  3.799   1.00 0.00 ? 62  ARG A HG3  1 
ATOM   949  H  HD2  . ARG A 1 62  ? 2.834   11.528  6.832   1.00 0.00 ? 62  ARG A HD2  1 
ATOM   950  H  HD3  . ARG A 1 62  ? 2.995   13.059  5.952   1.00 0.00 ? 62  ARG A HD3  1 
ATOM   951  H  HE   . ARG A 1 62  ? 0.692   11.579  5.039   1.00 0.00 ? 62  ARG A HE   1 
ATOM   952  H  HH11 . ARG A 1 62  ? 1.872   13.275  7.860   1.00 0.00 ? 62  ARG A HH11 1 
ATOM   953  H  HH12 . ARG A 1 62  ? 0.404   14.109  8.233   1.00 0.00 ? 62  ARG A HH12 1 
ATOM   954  H  HH21 . ARG A 1 62  ? -1.286  12.763  5.378   1.00 0.00 ? 62  ARG A HH21 1 
ATOM   955  H  HH22 . ARG A 1 62  ? -1.476  13.797  6.757   1.00 0.00 ? 62  ARG A HH22 1 
ATOM   956  N  N    . HIS A 1 63  ? 3.896   9.997   1.683   1.00 0.00 ? 63  HIS A N    1 
ATOM   957  C  CA   . HIS A 1 63  ? 3.354   10.051  0.346   1.00 0.00 ? 63  HIS A CA   1 
ATOM   958  C  C    . HIS A 1 63  ? 3.492   8.693   -0.335  1.00 0.00 ? 63  HIS A C    1 
ATOM   959  O  O    . HIS A 1 63  ? 2.561   8.272   -0.998  1.00 0.00 ? 63  HIS A O    1 
ATOM   960  C  CB   . HIS A 1 63  ? 3.992   11.183  -0.454  1.00 0.00 ? 63  HIS A CB   1 
ATOM   961  C  CG   . HIS A 1 63  ? 3.194   11.545  -1.676  1.00 0.00 ? 63  HIS A CG   1 
ATOM   962  N  ND1  . HIS A 1 63  ? 3.665   11.518  -2.964  1.00 0.00 ? 63  HIS A ND1  1 
ATOM   963  C  CD2  . HIS A 1 63  ? 1.899   11.989  -1.708  1.00 0.00 ? 63  HIS A CD2  1 
ATOM   964  C  CE1  . HIS A 1 63  ? 2.675   11.960  -3.761  1.00 0.00 ? 63  HIS A CE1  1 
ATOM   965  N  NE2  . HIS A 1 63  ? 1.579   12.251  -3.044  1.00 0.00 ? 63  HIS A NE2  1 
ATOM   966  H  H    . HIS A 1 63  ? 4.624   10.662  1.898   1.00 0.00 ? 63  HIS A H    1 
ATOM   967  H  HA   . HIS A 1 63  ? 2.297   10.278  0.444   1.00 0.00 ? 63  HIS A HA   1 
ATOM   968  H  HB2  . HIS A 1 63  ? 4.068   12.072  0.172   1.00 0.00 ? 63  HIS A HB2  1 
ATOM   969  H  HB3  . HIS A 1 63  ? 4.996   10.891  -0.760  1.00 0.00 ? 63  HIS A HB3  1 
ATOM   970  H  HD1  . HIS A 1 63  ? 4.593   11.215  -3.224  1.00 0.00 ? 63  HIS A HD1  1 
ATOM   971  H  HD2  . HIS A 1 63  ? 1.244   12.129  -0.859  1.00 0.00 ? 63  HIS A HD2  1 
ATOM   972  H  HE1  . HIS A 1 63  ? 2.743   12.073  -4.834  1.00 0.00 ? 63  HIS A HE1  1 
ATOM   973  N  N    . GLY A 1 64  ? 4.559   7.931   -0.090  1.00 0.00 ? 64  GLY A N    1 
ATOM   974  C  CA   . GLY A 1 64  ? 4.664   6.564   -0.579  1.00 0.00 ? 64  GLY A CA   1 
ATOM   975  C  C    . GLY A 1 64  ? 3.440   5.716   -0.241  1.00 0.00 ? 64  GLY A C    1 
ATOM   976  O  O    . GLY A 1 64  ? 2.899   5.036   -1.112  1.00 0.00 ? 64  GLY A O    1 
ATOM   977  H  H    . GLY A 1 64  ? 5.323   8.291   0.464   1.00 0.00 ? 64  GLY A H    1 
ATOM   978  H  HA2  . GLY A 1 64  ? 4.767   6.577   -1.660  1.00 0.00 ? 64  GLY A HA2  1 
ATOM   979  H  HA3  . GLY A 1 64  ? 5.554   6.112   -0.144  1.00 0.00 ? 64  GLY A HA3  1 
ATOM   980  N  N    . PHE A 1 65  ? 2.970   5.744   1.005   1.00 0.00 ? 65  PHE A N    1 
ATOM   981  C  CA   . PHE A 1 65  ? 1.741   5.036   1.350   1.00 0.00 ? 65  PHE A CA   1 
ATOM   982  C  C    . PHE A 1 65  ? 0.496   5.778   0.903   1.00 0.00 ? 65  PHE A C    1 
ATOM   983  O  O    . PHE A 1 65  ? -0.568  5.178   0.841   1.00 0.00 ? 65  PHE A O    1 
ATOM   984  C  CB   . PHE A 1 65  ? 1.616   4.892   2.867   1.00 0.00 ? 65  PHE A CB   1 
ATOM   985  C  CG   . PHE A 1 65  ? 2.822   4.260   3.484   1.00 0.00 ? 65  PHE A CG   1 
ATOM   986  C  CD1  . PHE A 1 65  ? 3.378   3.140   2.860   1.00 0.00 ? 65  PHE A CD1  1 
ATOM   987  C  CD2  . PHE A 1 65  ? 3.460   4.860   4.579   1.00 0.00 ? 65  PHE A CD2  1 
ATOM   988  C  CE1  . PHE A 1 65  ? 4.627   2.683   3.267   1.00 0.00 ? 65  PHE A CE1  1 
ATOM   989  C  CE2  . PHE A 1 65  ? 4.678   4.338   5.040   1.00 0.00 ? 65  PHE A CE2  1 
ATOM   990  C  CZ   . PHE A 1 65  ? 5.281   3.262   4.367   1.00 0.00 ? 65  PHE A CZ   1 
ATOM   991  H  H    . PHE A 1 65  ? 3.444   6.293   1.711   1.00 0.00 ? 65  PHE A H    1 
ATOM   992  H  HA   . PHE A 1 65  ? 1.765   4.058   0.868   1.00 0.00 ? 65  PHE A HA   1 
ATOM   993  H  HB2  . PHE A 1 65  ? 1.498   5.888   3.281   1.00 0.00 ? 65  PHE A HB2  1 
ATOM   994  H  HB3  . PHE A 1 65  ? 0.733   4.305   3.116   1.00 0.00 ? 65  PHE A HB3  1 
ATOM   995  H  HD1  . PHE A 1 65  ? 2.895   2.662   2.025   1.00 0.00 ? 65  PHE A HD1  1 
ATOM   996  H  HD2  . PHE A 1 65  ? 3.023   5.727   5.050   1.00 0.00 ? 65  PHE A HD2  1 
ATOM   997  H  HE1  . PHE A 1 65  ? 5.066   1.916   2.663   1.00 0.00 ? 65  PHE A HE1  1 
ATOM   998  H  HE2  . PHE A 1 65  ? 5.155   4.787   5.894   1.00 0.00 ? 65  PHE A HE2  1 
ATOM   999  H  HZ   . PHE A 1 65  ? 6.249   2.896   4.680   1.00 0.00 ? 65  PHE A HZ   1 
ATOM   1000 N  N    . ASP A 1 66  ? 0.603   7.077   0.657   1.00 0.00 ? 66  ASP A N    1 
ATOM   1001 C  CA   . ASP A 1 66  ? -0.553  7.942   0.425   1.00 0.00 ? 66  ASP A CA   1 
ATOM   1002 C  C    . ASP A 1 66  ? -1.060  7.681   -0.988  1.00 0.00 ? 66  ASP A C    1 
ATOM   1003 O  O    . ASP A 1 66  ? -2.237  7.413   -1.201  1.00 0.00 ? 66  ASP A O    1 
ATOM   1004 C  CB   . ASP A 1 66  ? -0.159  9.410   0.634   1.00 0.00 ? 66  ASP A CB   1 
ATOM   1005 C  CG   . ASP A 1 66  ? -1.341  10.316  0.967   1.00 0.00 ? 66  ASP A CG   1 
ATOM   1006 O  OD1  . ASP A 1 66  ? -2.436  10.072  0.419   1.00 0.00 ? 66  ASP A OD1  1 
ATOM   1007 O  OD2  . ASP A 1 66  ? -1.125  11.244  1.781   1.00 0.00 ? 66  ASP A OD2  1 
ATOM   1008 H  H    . ASP A 1 66  ? 1.546   7.455   0.650   1.00 0.00 ? 66  ASP A H    1 
ATOM   1009 H  HA   . ASP A 1 66  ? -1.338  7.691   1.138   1.00 0.00 ? 66  ASP A HA   1 
ATOM   1010 H  HB2  . ASP A 1 66  ? 0.528   9.466   1.475   1.00 0.00 ? 66  ASP A HB2  1 
ATOM   1011 H  HB3  . ASP A 1 66  ? 0.337   9.784   -0.261  1.00 0.00 ? 66  ASP A HB3  1 
ATOM   1012 N  N    . ILE A 1 67  ? -0.126  7.604   -1.943  1.00 0.00 ? 67  ILE A N    1 
ATOM   1013 C  CA   . ILE A 1 67  ? -0.374  7.150   -3.301  1.00 0.00 ? 67  ILE A CA   1 
ATOM   1014 C  C    . ILE A 1 67  ? -1.108  5.822   -3.246  1.00 0.00 ? 67  ILE A C    1 
ATOM   1015 O  O    . ILE A 1 67  ? -2.074  5.606   -3.970  1.00 0.00 ? 67  ILE A O    1 
ATOM   1016 C  CB   . ILE A 1 67  ? 0.960   6.979   -4.061  1.00 0.00 ? 67  ILE A CB   1 
ATOM   1017 C  CG1  . ILE A 1 67  ? 1.683   8.335   -4.141  1.00 0.00 ? 67  ILE A CG1  1 
ATOM   1018 C  CG2  . ILE A 1 67  ? 0.693   6.443   -5.475  1.00 0.00 ? 67  ILE A CG2  1 
ATOM   1019 C  CD1  . ILE A 1 67  ? 2.684   8.490   -5.287  1.00 0.00 ? 67  ILE A CD1  1 
ATOM   1020 H  H    . ILE A 1 67  ? 0.822   7.814   -1.680  1.00 0.00 ? 67  ILE A H    1 
ATOM   1021 H  HA   . ILE A 1 67  ? -1.005  7.878   -3.812  1.00 0.00 ? 67  ILE A HA   1 
ATOM   1022 H  HB   . ILE A 1 67  ? 1.592   6.255   -3.522  1.00 0.00 ? 67  ILE A HB   1 
ATOM   1023 H  HG12 . ILE A 1 67  ? 0.947   9.135   -4.209  1.00 0.00 ? 67  ILE A HG12 1 
ATOM   1024 H  HG13 . ILE A 1 67  ? 2.240   8.465   -3.226  1.00 0.00 ? 67  ILE A HG13 1 
ATOM   1025 H  HG21 . ILE A 1 67  ? 1.626   6.258   -6.001  1.00 0.00 ? 67  ILE A HG21 1 
ATOM   1026 H  HG22 . ILE A 1 67  ? 0.166   5.492   -5.422  1.00 0.00 ? 67  ILE A HG22 1 
ATOM   1027 H  HG23 . ILE A 1 67  ? 0.094   7.162   -6.035  1.00 0.00 ? 67  ILE A HG23 1 
ATOM   1028 H  HD11 . ILE A 1 67  ? 2.158   8.551   -6.240  1.00 0.00 ? 67  ILE A HD11 1 
ATOM   1029 H  HD12 . ILE A 1 67  ? 3.248   9.411   -5.144  1.00 0.00 ? 67  ILE A HD12 1 
ATOM   1030 H  HD13 . ILE A 1 67  ? 3.379   7.650   -5.291  1.00 0.00 ? 67  ILE A HD13 1 
ATOM   1031 N  N    . LEU A 1 68  ? -0.628  4.919   -2.396  1.00 0.00 ? 68  LEU A N    1 
ATOM   1032 C  CA   . LEU A 1 68  ? -1.159  3.583   -2.317  1.00 0.00 ? 68  LEU A CA   1 
ATOM   1033 C  C    . LEU A 1 68  ? -2.579  3.652   -1.786  1.00 0.00 ? 68  LEU A C    1 
ATOM   1034 O  O    . LEU A 1 68  ? -3.458  3.032   -2.349  1.00 0.00 ? 68  LEU A O    1 
ATOM   1035 C  CB   . LEU A 1 68  ? -0.268  2.718   -1.431  1.00 0.00 ? 68  LEU A CB   1 
ATOM   1036 C  CG   . LEU A 1 68  ? 0.641   1.872   -2.296  1.00 0.00 ? 68  LEU A CG   1 
ATOM   1037 C  CD1  . LEU A 1 68  ? 1.371   2.735   -3.287  1.00 0.00 ? 68  LEU A CD1  1 
ATOM   1038 C  CD2  . LEU A 1 68  ? 1.658   1.240   -1.380  1.00 0.00 ? 68  LEU A CD2  1 
ATOM   1039 H  H    . LEU A 1 68  ? 0.118   5.172   -1.774  1.00 0.00 ? 68  LEU A H    1 
ATOM   1040 H  HA   . LEU A 1 68  ? -1.151  3.154   -3.320  1.00 0.00 ? 68  LEU A HA   1 
ATOM   1041 H  HB2  . LEU A 1 68  ? 0.377   3.326   -0.798  1.00 0.00 ? 68  LEU A HB2  1 
ATOM   1042 H  HB3  . LEU A 1 68  ? -0.870  2.058   -0.821  1.00 0.00 ? 68  LEU A HB3  1 
ATOM   1043 H  HG   . LEU A 1 68  ? 0.115   1.096   -2.830  1.00 0.00 ? 68  LEU A HG   1 
ATOM   1044 H  HD11 . LEU A 1 68  ? 1.735   3.596   -2.736  1.00 0.00 ? 68  LEU A HD11 1 
ATOM   1045 H  HD12 . LEU A 1 68  ? 2.165   2.127   -3.696  1.00 0.00 ? 68  LEU A HD12 1 
ATOM   1046 H  HD13 . LEU A 1 68  ? 0.730   3.067   -4.103  1.00 0.00 ? 68  LEU A HD13 1 
ATOM   1047 H  HD21 . LEU A 1 68  ? 1.127   0.602   -0.675  1.00 0.00 ? 68  LEU A HD21 1 
ATOM   1048 H  HD22 . LEU A 1 68  ? 2.343   0.677   -2.007  1.00 0.00 ? 68  LEU A HD22 1 
ATOM   1049 H  HD23 . LEU A 1 68  ? 2.201   2.020   -0.848  1.00 0.00 ? 68  LEU A HD23 1 
ATOM   1050 N  N    . VAL A 1 69  ? -2.818  4.423   -0.733  1.00 0.00 ? 69  VAL A N    1 
ATOM   1051 C  CA   . VAL A 1 69  ? -4.115  4.601   -0.099  1.00 0.00 ? 69  VAL A CA   1 
ATOM   1052 C  C    . VAL A 1 69  ? -5.123  5.179   -1.099  1.00 0.00 ? 69  VAL A C    1 
ATOM   1053 O  O    . VAL A 1 69  ? -6.273  4.746   -1.120  1.00 0.00 ? 69  VAL A O    1 
ATOM   1054 C  CB   . VAL A 1 69  ? -3.877  5.467   1.157   1.00 0.00 ? 69  VAL A CB   1 
ATOM   1055 C  CG1  . VAL A 1 69  ? -5.071  6.309   1.613   1.00 0.00 ? 69  VAL A CG1  1 
ATOM   1056 C  CG2  . VAL A 1 69  ? -3.423  4.590   2.340   1.00 0.00 ? 69  VAL A CG2  1 
ATOM   1057 H  H    . VAL A 1 69  ? -2.057  4.977   -0.374  1.00 0.00 ? 69  VAL A H    1 
ATOM   1058 H  HA   . VAL A 1 69  ? -4.502  3.629   0.203   1.00 0.00 ? 69  VAL A HA   1 
ATOM   1059 H  HB   . VAL A 1 69  ? -3.066  6.160   0.930   1.00 0.00 ? 69  VAL A HB   1 
ATOM   1060 H  HG11 . VAL A 1 69  ? -5.331  7.032   0.840   1.00 0.00 ? 69  VAL A HG11 1 
ATOM   1061 H  HG12 . VAL A 1 69  ? -5.924  5.670   1.829   1.00 0.00 ? 69  VAL A HG12 1 
ATOM   1062 H  HG13 . VAL A 1 69  ? -4.786  6.867   2.508   1.00 0.00 ? 69  VAL A HG13 1 
ATOM   1063 H  HG21 . VAL A 1 69  ? -3.412  3.535   2.066   1.00 0.00 ? 69  VAL A HG21 1 
ATOM   1064 H  HG22 . VAL A 1 69  ? -2.414  4.877   2.639   1.00 0.00 ? 69  VAL A HG22 1 
ATOM   1065 H  HG23 . VAL A 1 69  ? -4.084  4.720   3.196   1.00 0.00 ? 69  VAL A HG23 1 
ATOM   1066 N  N    . GLY A 1 70  ? -4.702  6.092   -1.974  1.00 0.00 ? 70  GLY A N    1 
ATOM   1067 C  CA   . GLY A 1 70  ? -5.586  6.687   -2.963  1.00 0.00 ? 70  GLY A CA   1 
ATOM   1068 C  C    . GLY A 1 70  ? -5.905  5.687   -4.069  1.00 0.00 ? 70  GLY A C    1 
ATOM   1069 O  O    . GLY A 1 70  ? -7.064  5.508   -4.438  1.00 0.00 ? 70  GLY A O    1 
ATOM   1070 H  H    . GLY A 1 70  ? -3.741  6.405   -1.938  1.00 0.00 ? 70  GLY A H    1 
ATOM   1071 H  HA2  . GLY A 1 70  ? -6.513  7.000   -2.482  1.00 0.00 ? 70  GLY A HA2  1 
ATOM   1072 H  HA3  . GLY A 1 70  ? -5.100  7.559   -3.399  1.00 0.00 ? 70  GLY A HA3  1 
ATOM   1073 N  N    . GLN A 1 71  ? -4.888  4.983   -4.571  1.00 0.00 ? 71  GLN A N    1 
ATOM   1074 C  CA   . GLN A 1 71  ? -5.090  3.955   -5.578  1.00 0.00 ? 71  GLN A CA   1 
ATOM   1075 C  C    . GLN A 1 71  ? -5.931  2.815   -5.007  1.00 0.00 ? 71  GLN A C    1 
ATOM   1076 O  O    . GLN A 1 71  ? -6.673  2.185   -5.750  1.00 0.00 ? 71  GLN A O    1 
ATOM   1077 C  CB   . GLN A 1 71  ? -3.747  3.384   -6.049  1.00 0.00 ? 71  GLN A CB   1 
ATOM   1078 C  CG   . GLN A 1 71  ? -2.913  4.357   -6.891  1.00 0.00 ? 71  GLN A CG   1 
ATOM   1079 C  CD   . GLN A 1 71  ? -1.555  3.743   -7.232  1.00 0.00 ? 71  GLN A CD   1 
ATOM   1080 O  OE1  . GLN A 1 71  ? -1.336  2.551   -7.082  1.00 0.00 ? 71  GLN A OE1  1 
ATOM   1081 N  NE2  . GLN A 1 71  ? -0.594  4.535   -7.678  1.00 0.00 ? 71  GLN A NE2  1 
ATOM   1082 H  H    . GLN A 1 71  ? -3.957  5.130   -4.207  1.00 0.00 ? 71  GLN A H    1 
ATOM   1083 H  HA   . GLN A 1 71  ? -5.620  4.384   -6.431  1.00 0.00 ? 71  GLN A HA   1 
ATOM   1084 H  HB2  . GLN A 1 71  ? -3.170  3.075   -5.177  1.00 0.00 ? 71  GLN A HB2  1 
ATOM   1085 H  HB3  . GLN A 1 71  ? -3.947  2.502   -6.660  1.00 0.00 ? 71  GLN A HB3  1 
ATOM   1086 H  HG2  . GLN A 1 71  ? -3.444  4.584   -7.817  1.00 0.00 ? 71  GLN A HG2  1 
ATOM   1087 H  HG3  . GLN A 1 71  ? -2.759  5.285   -6.344  1.00 0.00 ? 71  GLN A HG3  1 
ATOM   1088 H  HE21 . GLN A 1 71  ? -0.759  5.519   -7.780  1.00 0.00 ? 71  GLN A HE21 1 
ATOM   1089 H  HE22 . GLN A 1 71  ? 0.298   4.110   -7.882  1.00 0.00 ? 71  GLN A HE22 1 
ATOM   1090 N  N    . ILE A 1 72  ? -5.818  2.528   -3.707  1.00 0.00 ? 72  ILE A N    1 
ATOM   1091 C  CA   . ILE A 1 72  ? -6.666  1.539   -3.057  1.00 0.00 ? 72  ILE A CA   1 
ATOM   1092 C  C    . ILE A 1 72  ? -8.115  2.001   -3.096  1.00 0.00 ? 72  ILE A C    1 
ATOM   1093 O  O    . ILE A 1 72  ? -9.001  1.165   -3.220  1.00 0.00 ? 72  ILE A O    1 
ATOM   1094 C  CB   . ILE A 1 72  ? -6.222  1.221   -1.610  1.00 0.00 ? 72  ILE A CB   1 
ATOM   1095 C  CG1  . ILE A 1 72  ? -4.941  0.382   -1.612  1.00 0.00 ? 72  ILE A CG1  1 
ATOM   1096 C  CG2  . ILE A 1 72  ? -7.292  0.378   -0.923  1.00 0.00 ? 72  ILE A CG2  1 
ATOM   1097 C  CD1  . ILE A 1 72  ? -4.234  0.230   -0.264  1.00 0.00 ? 72  ILE A CD1  1 
ATOM   1098 H  H    . ILE A 1 72  ? -5.179  3.079   -3.148  1.00 0.00 ? 72  ILE A H    1 
ATOM   1099 H  HA   . ILE A 1 72  ? -6.608  0.619   -3.638  1.00 0.00 ? 72  ILE A HA   1 
ATOM   1100 H  HB   . ILE A 1 72  ? -6.064  2.144   -1.053  1.00 0.00 ? 72  ILE A HB   1 
ATOM   1101 H  HG12 . ILE A 1 72  ? -5.131  -0.599  -2.047  1.00 0.00 ? 72  ILE A HG12 1 
ATOM   1102 H  HG13 . ILE A 1 72  ? -4.251  0.896   -2.238  1.00 0.00 ? 72  ILE A HG13 1 
ATOM   1103 H  HG21 . ILE A 1 72  ? -6.905  -0.082  -0.025  1.00 0.00 ? 72  ILE A HG21 1 
ATOM   1104 H  HG22 . ILE A 1 72  ? -8.153  0.993   -0.664  1.00 0.00 ? 72  ILE A HG22 1 
ATOM   1105 H  HG23 . ILE A 1 72  ? -7.583  -0.409  -1.613  1.00 0.00 ? 72  ILE A HG23 1 
ATOM   1106 H  HD11 . ILE A 1 72  ? -4.775  -0.461  0.378   1.00 0.00 ? 72  ILE A HD11 1 
ATOM   1107 H  HD12 . ILE A 1 72  ? -3.232  -0.168  -0.437  1.00 0.00 ? 72  ILE A HD12 1 
ATOM   1108 H  HD13 . ILE A 1 72  ? -4.136  1.204   0.215   1.00 0.00 ? 72  ILE A HD13 1 
ATOM   1109 N  N    . ASP A 1 73  ? -8.380  3.300   -2.952  1.00 0.00 ? 73  ASP A N    1 
ATOM   1110 C  CA   . ASP A 1 73  ? -9.751  3.790   -2.900  1.00 0.00 ? 73  ASP A CA   1 
ATOM   1111 C  C    . ASP A 1 73  ? -10.433 3.539   -4.248  1.00 0.00 ? 73  ASP A C    1 
ATOM   1112 O  O    . ASP A 1 73  ? -11.531 2.986   -4.322  1.00 0.00 ? 73  ASP A O    1 
ATOM   1113 C  CB   . ASP A 1 73  ? -9.753  5.273   -2.512  1.00 0.00 ? 73  ASP A CB   1 
ATOM   1114 C  CG   . ASP A 1 73  ? -11.048 5.635   -1.790  1.00 0.00 ? 73  ASP A CG   1 
ATOM   1115 O  OD1  . ASP A 1 73  ? -12.052 5.895   -2.485  1.00 0.00 ? 73  ASP A OD1  1 
ATOM   1116 O  OD2  . ASP A 1 73  ? -11.018 5.625   -0.536  1.00 0.00 ? 73  ASP A OD2  1 
ATOM   1117 H  H    . ASP A 1 73  ? -7.628  3.969   -2.834  1.00 0.00 ? 73  ASP A H    1 
ATOM   1118 H  HA   . ASP A 1 73  ? -10.287 3.233   -2.130  1.00 0.00 ? 73  ASP A HA   1 
ATOM   1119 H  HB2  . ASP A 1 73  ? -8.918  5.468   -1.836  1.00 0.00 ? 73  ASP A HB2  1 
ATOM   1120 H  HB3  . ASP A 1 73  ? -9.624  5.899   -3.396  1.00 0.00 ? 73  ASP A HB3  1 
ATOM   1121 N  N    . ASP A 1 74  ? -9.719  3.840   -5.335  1.00 0.00 ? 74  ASP A N    1 
ATOM   1122 C  CA   . ASP A 1 74  ? -10.198 3.534   -6.677  1.00 0.00 ? 74  ASP A CA   1 
ATOM   1123 C  C    . ASP A 1 74  ? -10.348 2.021   -6.842  1.00 0.00 ? 74  ASP A C    1 
ATOM   1124 O  O    . ASP A 1 74  ? -11.393 1.535   -7.247  1.00 0.00 ? 74  ASP A O    1 
ATOM   1125 C  CB   . ASP A 1 74  ? -9.252  4.118   -7.743  1.00 0.00 ? 74  ASP A CB   1 
ATOM   1126 C  CG   . ASP A 1 74  ? -9.840  5.349   -8.441  1.00 0.00 ? 74  ASP A CG   1 
ATOM   1127 O  OD1  . ASP A 1 74  ? -10.657 6.051   -7.806  1.00 0.00 ? 74  ASP A OD1  1 
ATOM   1128 O  OD2  . ASP A 1 74  ? -9.465  5.568   -9.612  1.00 0.00 ? 74  ASP A OD2  1 
ATOM   1129 H  H    . ASP A 1 74  ? -8.825  4.304   -5.213  1.00 0.00 ? 74  ASP A H    1 
ATOM   1130 H  HA   . ASP A 1 74  ? -11.190 3.974   -6.800  1.00 0.00 ? 74  ASP A HA   1 
ATOM   1131 H  HB2  . ASP A 1 74  ? -8.295  4.381   -7.293  1.00 0.00 ? 74  ASP A HB2  1 
ATOM   1132 H  HB3  . ASP A 1 74  ? -9.062  3.361   -8.506  1.00 0.00 ? 74  ASP A HB3  1 
ATOM   1133 N  N    . ALA A 1 75  ? -9.325  1.241   -6.512  1.00 0.00 ? 75  ALA A N    1 
ATOM   1134 C  CA   . ALA A 1 75  ? -9.332  -0.205  -6.683  1.00 0.00 ? 75  ALA A CA   1 
ATOM   1135 C  C    . ALA A 1 75  ? -10.439 -0.894  -5.871  1.00 0.00 ? 75  ALA A C    1 
ATOM   1136 O  O    . ALA A 1 75  ? -10.953 -1.924  -6.304  1.00 0.00 ? 75  ALA A O    1 
ATOM   1137 C  CB   . ALA A 1 75  ? -7.943  -0.754  -6.360  1.00 0.00 ? 75  ALA A CB   1 
ATOM   1138 H  H    . ALA A 1 75  ? -8.480  1.701   -6.226  1.00 0.00 ? 75  ALA A H    1 
ATOM   1139 H  HA   . ALA A 1 75  ? -9.532  -0.418  -7.731  1.00 0.00 ? 75  ALA A HA   1 
ATOM   1140 H  HB1  . ALA A 1 75  ? -7.921  -1.828  -6.547  1.00 0.00 ? 75  ALA A HB1  1 
ATOM   1141 H  HB2  . ALA A 1 75  ? -7.205  -0.272  -7.001  1.00 0.00 ? 75  ALA A HB2  1 
ATOM   1142 H  HB3  . ALA A 1 75  ? -7.696  -0.549  -5.320  1.00 0.00 ? 75  ALA A HB3  1 
ATOM   1143 N  N    . LEU A 1 76  ? -10.861 -0.325  -4.738  1.00 0.00 ? 76  LEU A N    1 
ATOM   1144 C  CA   . LEU A 1 76  ? -12.045 -0.731  -4.000  1.00 0.00 ? 76  LEU A CA   1 
ATOM   1145 C  C    . LEU A 1 76  ? -13.264 -0.543  -4.885  1.00 0.00 ? 76  LEU A C    1 
ATOM   1146 O  O    . LEU A 1 76  ? -14.061 -1.463  -5.040  1.00 0.00 ? 76  LEU A O    1 
ATOM   1147 C  CB   . LEU A 1 76  ? -12.184 0.170   -2.767  1.00 0.00 ? 76  LEU A CB   1 
ATOM   1148 C  CG   . LEU A 1 76  ? -11.784 -0.459  -1.436  1.00 0.00 ? 76  LEU A CG   1 
ATOM   1149 C  CD1  . LEU A 1 76  ? -12.964 -1.177  -0.772  1.00 0.00 ? 76  LEU A CD1  1 
ATOM   1150 C  CD2  . LEU A 1 76  ? -10.523 -1.331  -1.435  1.00 0.00 ? 76  LEU A CD2  1 
ATOM   1151 H  H    . LEU A 1 76  ? -10.392 0.491   -4.368  1.00 0.00 ? 76  LEU A H    1 
ATOM   1152 H  HA   . LEU A 1 76  ? -11.986 -1.775  -3.703  1.00 0.00 ? 76  LEU A HA   1 
ATOM   1153 H  HB2  . LEU A 1 76  ? -11.580 1.063   -2.890  1.00 0.00 ? 76  LEU A HB2  1 
ATOM   1154 H  HB3  . LEU A 1 76  ? -13.210 0.532   -2.685  1.00 0.00 ? 76  LEU A HB3  1 
ATOM   1155 H  HG   . LEU A 1 76  ? -11.534 0.407   -0.839  1.00 0.00 ? 76  LEU A HG   1 
ATOM   1156 H  HD11 . LEU A 1 76  ? -13.110 -0.774  0.231   1.00 0.00 ? 76  LEU A HD11 1 
ATOM   1157 H  HD12 . LEU A 1 76  ? -13.883 -1.046  -1.343  1.00 0.00 ? 76  LEU A HD12 1 
ATOM   1158 H  HD13 . LEU A 1 76  ? -12.751 -2.234  -0.682  1.00 0.00 ? 76  LEU A HD13 1 
ATOM   1159 H  HD21 . LEU A 1 76  ? -9.671  -0.670  -1.339  1.00 0.00 ? 76  LEU A HD21 1 
ATOM   1160 H  HD22 . LEU A 1 76  ? -10.411 -1.905  -2.349  1.00 0.00 ? 76  LEU A HD22 1 
ATOM   1161 H  HD23 . LEU A 1 76  ? -10.522 -2.009  -0.580  1.00 0.00 ? 76  LEU A HD23 1 
ATOM   1162 N  N    . LYS A 1 77  ? -13.412 0.659   -5.448  1.00 0.00 ? 77  LYS A N    1 
ATOM   1163 C  CA   . LYS A 1 77  ? -14.543 1.017   -6.293  1.00 0.00 ? 77  LYS A CA   1 
ATOM   1164 C  C    . LYS A 1 77  ? -14.667 0.008   -7.431  1.00 0.00 ? 77  LYS A C    1 
ATOM   1165 O  O    . LYS A 1 77  ? -15.739 -0.544  -7.668  1.00 0.00 ? 77  LYS A O    1 
ATOM   1166 C  CB   . LYS A 1 77  ? -14.330 2.451   -6.820  1.00 0.00 ? 77  LYS A CB   1 
ATOM   1167 C  CG   . LYS A 1 77  ? -15.570 3.034   -7.499  1.00 0.00 ? 77  LYS A CG   1 
ATOM   1168 C  CD   . LYS A 1 77  ? -16.418 3.790   -6.475  1.00 0.00 ? 77  LYS A CD   1 
ATOM   1169 C  CE   . LYS A 1 77  ? -17.839 4.004   -7.003  1.00 0.00 ? 77  LYS A CE   1 
ATOM   1170 N  NZ   . LYS A 1 77  ? -17.946 5.190   -7.880  1.00 0.00 ? 77  LYS A NZ   1 
ATOM   1171 H  H    . LYS A 1 77  ? -12.681 1.351   -5.300  1.00 0.00 ? 77  LYS A H    1 
ATOM   1172 H  HA   . LYS A 1 77  ? -15.448 0.972   -5.694  1.00 0.00 ? 77  LYS A HA   1 
ATOM   1173 H  HB2  . LYS A 1 77  ? -14.026 3.102   -5.998  1.00 0.00 ? 77  LYS A HB2  1 
ATOM   1174 H  HB3  . LYS A 1 77  ? -13.530 2.452   -7.557  1.00 0.00 ? 77  LYS A HB3  1 
ATOM   1175 H  HG2  . LYS A 1 77  ? -15.258 3.725   -8.284  1.00 0.00 ? 77  LYS A HG2  1 
ATOM   1176 H  HG3  . LYS A 1 77  ? -16.152 2.232   -7.953  1.00 0.00 ? 77  LYS A HG3  1 
ATOM   1177 H  HD2  . LYS A 1 77  ? -16.475 3.199   -5.562  1.00 0.00 ? 77  LYS A HD2  1 
ATOM   1178 H  HD3  . LYS A 1 77  ? -15.945 4.744   -6.238  1.00 0.00 ? 77  LYS A HD3  1 
ATOM   1179 H  HE2  . LYS A 1 77  ? -18.148 3.111   -7.551  1.00 0.00 ? 77  LYS A HE2  1 
ATOM   1180 H  HE3  . LYS A 1 77  ? -18.503 4.130   -6.147  1.00 0.00 ? 77  LYS A HE3  1 
ATOM   1181 H  HZ1  . LYS A 1 77  ? -17.419 5.047   -8.731  1.00 0.00 ? 77  LYS A HZ1  1 
ATOM   1182 H  HZ2  . LYS A 1 77  ? -18.916 5.349   -8.119  1.00 0.00 ? 77  LYS A HZ2  1 
ATOM   1183 H  HZ3  . LYS A 1 77  ? -17.590 6.007   -7.402  1.00 0.00 ? 77  LYS A HZ3  1 
ATOM   1184 N  N    . LEU A 1 78  ? -13.551 -0.250  -8.105  1.00 0.00 ? 78  LEU A N    1 
ATOM   1185 C  CA   . LEU A 1 78  ? -13.466 -1.123  -9.260  1.00 0.00 ? 78  LEU A CA   1 
ATOM   1186 C  C    . LEU A 1 78  ? -13.864 -2.540  -8.851  1.00 0.00 ? 78  LEU A C    1 
ATOM   1187 O  O    . LEU A 1 78  ? -14.738 -3.146  -9.467  1.00 0.00 ? 78  LEU A O    1 
ATOM   1188 C  CB   . LEU A 1 78  ? -12.039 -1.071  -9.844  1.00 0.00 ? 78  LEU A CB   1 
ATOM   1189 C  CG   . LEU A 1 78  ? -11.632 0.334   -10.335 1.00 0.00 ? 78  LEU A CG   1 
ATOM   1190 C  CD1  . LEU A 1 78  ? -10.129 0.407   -10.617 1.00 0.00 ? 78  LEU A CD1  1 
ATOM   1191 C  CD2  . LEU A 1 78  ? -12.384 0.766   -11.590 1.00 0.00 ? 78  LEU A CD2  1 
ATOM   1192 H  H    . LEU A 1 78  ? -12.724 0.239   -7.798  1.00 0.00 ? 78  LEU A H    1 
ATOM   1193 H  HA   . LEU A 1 78  ? -14.183 -0.781  -10.005 1.00 0.00 ? 78  LEU A HA   1 
ATOM   1194 H  HB2  . LEU A 1 78  ? -11.336 -1.388  -9.074  1.00 0.00 ? 78  LEU A HB2  1 
ATOM   1195 H  HB3  . LEU A 1 78  ? -11.965 -1.772  -10.676 1.00 0.00 ? 78  LEU A HB3  1 
ATOM   1196 H  HG   . LEU A 1 78  ? -11.864 1.062   -9.565  1.00 0.00 ? 78  LEU A HG   1 
ATOM   1197 H  HD11 . LEU A 1 78  ? -9.904  1.303   -11.198 1.00 0.00 ? 78  LEU A HD11 1 
ATOM   1198 H  HD12 . LEU A 1 78  ? -9.575  0.467   -9.682  1.00 0.00 ? 78  LEU A HD12 1 
ATOM   1199 H  HD13 . LEU A 1 78  ? -9.802  -0.469  -11.177 1.00 0.00 ? 78  LEU A HD13 1 
ATOM   1200 H  HD21 . LEU A 1 78  ? -12.523 1.847   -11.549 1.00 0.00 ? 78  LEU A HD21 1 
ATOM   1201 H  HD22 . LEU A 1 78  ? -11.803 0.520   -12.479 1.00 0.00 ? 78  LEU A HD22 1 
ATOM   1202 H  HD23 . LEU A 1 78  ? -13.356 0.285   -11.654 1.00 0.00 ? 78  LEU A HD23 1 
ATOM   1203 N  N    . ALA A 1 79  ? -13.271 -3.068  -7.780  1.00 0.00 ? 79  ALA A N    1 
ATOM   1204 C  CA   . ALA A 1 79  ? -13.566 -4.424  -7.344  1.00 0.00 ? 79  ALA A CA   1 
ATOM   1205 C  C    . ALA A 1 79  ? -15.050 -4.571  -7.007  1.00 0.00 ? 79  ALA A C    1 
ATOM   1206 O  O    . ALA A 1 79  ? -15.649 -5.604  -7.295  1.00 0.00 ? 79  ALA A O    1 
ATOM   1207 C  CB   . ALA A 1 79  ? -12.700 -4.776  -6.131  1.00 0.00 ? 79  ALA A CB   1 
ATOM   1208 H  H    . ALA A 1 79  ? -12.587 -2.528  -7.269  1.00 0.00 ? 79  ALA A H    1 
ATOM   1209 H  HA   . ALA A 1 79  ? -13.324 -5.106  -8.160  1.00 0.00 ? 79  ALA A HA   1 
ATOM   1210 H  HB1  . ALA A 1 79  ? -11.650 -4.588  -6.353  1.00 0.00 ? 79  ALA A HB1  1 
ATOM   1211 H  HB2  . ALA A 1 79  ? -12.996 -4.167  -5.277  1.00 0.00 ? 79  ALA A HB2  1 
ATOM   1212 H  HB3  . ALA A 1 79  ? -12.828 -5.831  -5.885  1.00 0.00 ? 79  ALA A HB3  1 
ATOM   1213 N  N    . ASN A 1 80  ? -15.653 -3.543  -6.404  1.00 0.00 ? 80  ASN A N    1 
ATOM   1214 C  CA   . ASN A 1 80  ? -17.048 -3.502  -6.034  1.00 0.00 ? 80  ASN A CA   1 
ATOM   1215 C  C    . ASN A 1 80  ? -17.965 -3.461  -7.259  1.00 0.00 ? 80  ASN A C    1 
ATOM   1216 O  O    . ASN A 1 80  ? -19.045 -4.039  -7.236  1.00 0.00 ? 80  ASN A O    1 
ATOM   1217 C  CB   . ASN A 1 80  ? -17.213 -2.261  -5.163  1.00 0.00 ? 80  ASN A CB   1 
ATOM   1218 C  CG   . ASN A 1 80  ? -18.416 -2.347  -4.262  1.00 0.00 ? 80  ASN A CG   1 
ATOM   1219 O  OD1  . ASN A 1 80  ? -18.722 -3.391  -3.695  1.00 0.00 ? 80  ASN A OD1  1 
ATOM   1220 N  ND2  . ASN A 1 80  ? -19.048 -1.213  -4.029  1.00 0.00 ? 80  ASN A ND2  1 
ATOM   1221 H  H    . ASN A 1 80  ? -15.155 -2.696  -6.170  1.00 0.00 ? 80  ASN A H    1 
ATOM   1222 H  HA   . ASN A 1 80  ? -17.282 -4.395  -5.452  1.00 0.00 ? 80  ASN A HA   1 
ATOM   1223 H  HB2  . ASN A 1 80  ? -16.352 -2.159  -4.504  1.00 0.00 ? 80  ASN A HB2  1 
ATOM   1224 H  HB3  . ASN A 1 80  ? -17.274 -1.378  -5.800  1.00 0.00 ? 80  ASN A HB3  1 
ATOM   1225 H  HD21 . ASN A 1 80  ? -18.759 -0.339  -4.439  1.00 0.00 ? 80  ASN A HD21 1 
ATOM   1226 H  HD22 . ASN A 1 80  ? -19.815 -1.276  -3.396  1.00 0.00 ? 80  ASN A HD22 1 
ATOM   1227 N  N    . GLU A 1 81  ? -17.520 -2.836  -8.355  1.00 0.00 ? 81  GLU A N    1 
ATOM   1228 C  CA   . GLU A 1 81  ? -18.203 -2.905  -9.649  1.00 0.00 ? 81  GLU A CA   1 
ATOM   1229 C  C    . GLU A 1 81  ? -18.069 -4.292  -10.294 1.00 0.00 ? 81  GLU A C    1 
ATOM   1230 O  O    . GLU A 1 81  ? -18.588 -4.520  -11.384 1.00 0.00 ? 81  GLU A O    1 
ATOM   1231 C  CB   . GLU A 1 81  ? -17.654 -1.833  -10.611 1.00 0.00 ? 81  GLU A CB   1 
ATOM   1232 C  CG   . GLU A 1 81  ? -18.389 -0.494  -10.487 1.00 0.00 ? 81  GLU A CG   1 
ATOM   1233 C  CD   . GLU A 1 81  ? -18.250 0.309   -11.784 1.00 0.00 ? 81  GLU A CD   1 
ATOM   1234 O  OE1  . GLU A 1 81  ? -18.939 -0.054  -12.763 1.00 0.00 ? 81  GLU A OE1  1 
ATOM   1235 O  OE2  . GLU A 1 81  ? -17.439 1.262   -11.791 1.00 0.00 ? 81  GLU A OE2  1 
ATOM   1236 H  H    . GLU A 1 81  ? -16.635 -2.341  -8.323  1.00 0.00 ? 81  GLU A H    1 
ATOM   1237 H  HA   . GLU A 1 81  ? -19.268 -2.730  -9.497  1.00 0.00 ? 81  GLU A HA   1 
ATOM   1238 H  HB2  . GLU A 1 81  ? -16.588 -1.677  -10.443 1.00 0.00 ? 81  GLU A HB2  1 
ATOM   1239 H  HB3  . GLU A 1 81  ? -17.773 -2.183  -11.635 1.00 0.00 ? 81  GLU A HB3  1 
ATOM   1240 H  HG2  . GLU A 1 81  ? -19.450 -0.673  -10.299 1.00 0.00 ? 81  GLU A HG2  1 
ATOM   1241 H  HG3  . GLU A 1 81  ? -17.983 0.071   -9.646  1.00 0.00 ? 81  GLU A HG3  1 
ATOM   1242 N  N    . GLY A 1 82  ? -17.363 -5.230  -9.664  1.00 0.00 ? 82  GLY A N    1 
ATOM   1243 C  CA   . GLY A 1 82  ? -17.143 -6.547  -10.233 1.00 0.00 ? 82  GLY A CA   1 
ATOM   1244 C  C    . GLY A 1 82  ? -15.920 -6.570  -11.141 1.00 0.00 ? 82  GLY A C    1 
ATOM   1245 O  O    . GLY A 1 82  ? -15.627 -7.601  -11.743 1.00 0.00 ? 82  GLY A O    1 
ATOM   1246 H  H    . GLY A 1 82  ? -16.938 -5.030  -8.771  1.00 0.00 ? 82  GLY A H    1 
ATOM   1247 H  HA2  . GLY A 1 82  ? -16.991 -7.260  -9.423  1.00 0.00 ? 82  GLY A HA2  1 
ATOM   1248 H  HA3  . GLY A 1 82  ? -18.017 -6.854  -10.809 1.00 0.00 ? 82  GLY A HA3  1 
ATOM   1249 N  N    . LYS A 1 83  ? -15.168 -5.468  -11.241 1.00 0.00 ? 83  LYS A N    1 
ATOM   1250 C  CA   . LYS A 1 83  ? -13.897 -5.461  -11.951 1.00 0.00 ? 83  LYS A CA   1 
ATOM   1251 C  C    . LYS A 1 83  ? -12.831 -6.113  -11.093 1.00 0.00 ? 83  LYS A C    1 
ATOM   1252 O  O    . LYS A 1 83  ? -11.918 -5.456  -10.605 1.00 0.00 ? 83  LYS A O    1 
ATOM   1253 C  CB   . LYS A 1 83  ? -13.524 -4.040  -12.398 1.00 0.00 ? 83  LYS A CB   1 
ATOM   1254 C  CG   . LYS A 1 83  ? -14.169 -3.840  -13.768 1.00 0.00 ? 83  LYS A CG   1 
ATOM   1255 C  CD   . LYS A 1 83  ? -14.476 -2.387  -14.120 1.00 0.00 ? 83  LYS A CD   1 
ATOM   1256 C  CE   . LYS A 1 83  ? -15.652 -2.461  -15.096 1.00 0.00 ? 83  LYS A CE   1 
ATOM   1257 N  NZ   . LYS A 1 83  ? -15.666 -1.343  -16.055 1.00 0.00 ? 83  LYS A NZ   1 
ATOM   1258 H  H    . LYS A 1 83  ? -15.412 -4.645  -10.702 1.00 0.00 ? 83  LYS A H    1 
ATOM   1259 H  HA   . LYS A 1 83  ? -13.998 -6.081  -12.843 1.00 0.00 ? 83  LYS A HA   1 
ATOM   1260 H  HB2  . LYS A 1 83  ? -13.895 -3.302  -11.694 1.00 0.00 ? 83  LYS A HB2  1 
ATOM   1261 H  HB3  . LYS A 1 83  ? -12.447 -3.927  -12.485 1.00 0.00 ? 83  LYS A HB3  1 
ATOM   1262 H  HG2  . LYS A 1 83  ? -13.515 -4.262  -14.532 1.00 0.00 ? 83  LYS A HG2  1 
ATOM   1263 H  HG3  . LYS A 1 83  ? -15.109 -4.391  -13.783 1.00 0.00 ? 83  LYS A HG3  1 
ATOM   1264 H  HD2  . LYS A 1 83  ? -14.765 -1.815  -13.236 1.00 0.00 ? 83  LYS A HD2  1 
ATOM   1265 H  HD3  . LYS A 1 83  ? -13.604 -1.934  -14.586 1.00 0.00 ? 83  LYS A HD3  1 
ATOM   1266 H  HE2  . LYS A 1 83  ? -15.575 -3.401  -15.648 1.00 0.00 ? 83  LYS A HE2  1 
ATOM   1267 H  HE3  . LYS A 1 83  ? -16.582 -2.478  -14.520 1.00 0.00 ? 83  LYS A HE3  1 
ATOM   1268 H  HZ1  . LYS A 1 83  ? -16.403 -1.490  -16.729 1.00 0.00 ? 83  LYS A HZ1  1 
ATOM   1269 H  HZ2  . LYS A 1 83  ? -14.775 -1.293  -16.532 1.00 0.00 ? 83  LYS A HZ2  1 
ATOM   1270 H  HZ3  . LYS A 1 83  ? -15.832 -0.473  -15.566 1.00 0.00 ? 83  LYS A HZ3  1 
ATOM   1271 N  N    . VAL A 1 84  ? -12.900 -7.439  -10.983 1.00 0.00 ? 84  VAL A N    1 
ATOM   1272 C  CA   . VAL A 1 84  ? -11.820 -8.217  -10.408 1.00 0.00 ? 84  VAL A CA   1 
ATOM   1273 C  C    . VAL A 1 84  ? -10.561 -7.926  -11.212 1.00 0.00 ? 84  VAL A C    1 
ATOM   1274 O  O    . VAL A 1 84  ? -9.486  -7.768  -10.651 1.00 0.00 ? 84  VAL A O    1 
ATOM   1275 C  CB   . VAL A 1 84  ? -12.180 -9.716  -10.447 1.00 0.00 ? 84  VAL A CB   1 
ATOM   1276 C  CG1  . VAL A 1 84  ? -11.041 -10.575 -9.883  1.00 0.00 ? 84  VAL A CG1  1 
ATOM   1277 C  CG2  . VAL A 1 84  ? -13.461 -9.947  -9.644  1.00 0.00 ? 84  VAL A CG2  1 
ATOM   1278 H  H    . VAL A 1 84  ? -13.688 -7.931  -11.384 1.00 0.00 ? 84  VAL A H    1 
ATOM   1279 H  HA   . VAL A 1 84  ? -11.658 -7.904  -9.376  1.00 0.00 ? 84  VAL A HA   1 
ATOM   1280 H  HB   . VAL A 1 84  ? -12.366 -10.024 -11.477 1.00 0.00 ? 84  VAL A HB   1 
ATOM   1281 H  HG11 . VAL A 1 84  ? -11.410 -11.561 -9.597  1.00 0.00 ? 84  VAL A HG11 1 
ATOM   1282 H  HG12 . VAL A 1 84  ? -10.271 -10.711 -10.644 1.00 0.00 ? 84  VAL A HG12 1 
ATOM   1283 H  HG13 . VAL A 1 84  ? -10.598 -10.093 -9.011  1.00 0.00 ? 84  VAL A HG13 1 
ATOM   1284 H  HG21 . VAL A 1 84  ? -13.371 -9.442  -8.689  1.00 0.00 ? 84  VAL A HG21 1 
ATOM   1285 H  HG22 . VAL A 1 84  ? -14.324 -9.554  -10.179 1.00 0.00 ? 84  VAL A HG22 1 
ATOM   1286 H  HG23 . VAL A 1 84  ? -13.617 -11.014 -9.480  1.00 0.00 ? 84  VAL A HG23 1 
ATOM   1287 N  N    . LYS A 1 85  ? -10.694 -7.799  -12.534 1.00 0.00 ? 85  LYS A N    1 
ATOM   1288 C  CA   . LYS A 1 85  ? -9.541  -7.741  -13.403 1.00 0.00 ? 85  LYS A CA   1 
ATOM   1289 C  C    . LYS A 1 85  ? -8.853  -6.401  -13.265 1.00 0.00 ? 85  LYS A C    1 
ATOM   1290 O  O    . LYS A 1 85  ? -7.640  -6.343  -13.132 1.00 0.00 ? 85  LYS A O    1 
ATOM   1291 C  CB   . LYS A 1 85  ? -9.967  -8.006  -14.849 1.00 0.00 ? 85  LYS A CB   1 
ATOM   1292 C  CG   . LYS A 1 85  ? -8.801  -8.677  -15.571 1.00 0.00 ? 85  LYS A CG   1 
ATOM   1293 C  CD   . LYS A 1 85  ? -9.235  -9.207  -16.934 1.00 0.00 ? 85  LYS A CD   1 
ATOM   1294 C  CE   . LYS A 1 85  ? -8.090  -10.075 -17.455 1.00 0.00 ? 85  LYS A CE   1 
ATOM   1295 N  NZ   . LYS A 1 85  ? -8.272  -10.440 -18.873 1.00 0.00 ? 85  LYS A NZ   1 
ATOM   1296 H  H    . LYS A 1 85  ? -11.610 -7.768  -12.948 1.00 0.00 ? 85  LYS A H    1 
ATOM   1297 H  HA   . LYS A 1 85  ? -8.838  -8.511  -13.076 1.00 0.00 ? 85  LYS A HA   1 
ATOM   1298 H  HB2  . LYS A 1 85  ? -10.824 -8.681  -14.859 1.00 0.00 ? 85  LYS A HB2  1 
ATOM   1299 H  HB3  . LYS A 1 85  ? -10.242 -7.076  -15.352 1.00 0.00 ? 85  LYS A HB3  1 
ATOM   1300 H  HG2  . LYS A 1 85  ? -7.984  -7.965  -15.695 1.00 0.00 ? 85  LYS A HG2  1 
ATOM   1301 H  HG3  . LYS A 1 85  ? -8.451  -9.518  -14.971 1.00 0.00 ? 85  LYS A HG3  1 
ATOM   1302 H  HD2  . LYS A 1 85  ? -10.136 -9.814  -16.828 1.00 0.00 ? 85  LYS A HD2  1 
ATOM   1303 H  HD3  . LYS A 1 85  ? -9.430  -8.369  -17.606 1.00 0.00 ? 85  LYS A HD3  1 
ATOM   1304 H  HE2  . LYS A 1 85  ? -7.153  -9.526  -17.335 1.00 0.00 ? 85  LYS A HE2  1 
ATOM   1305 H  HE3  . LYS A 1 85  ? -8.034  -10.979 -16.843 1.00 0.00 ? 85  LYS A HE3  1 
ATOM   1306 H  HZ1  . LYS A 1 85  ? -8.284  -9.605  -19.443 1.00 0.00 ? 85  LYS A HZ1  1 
ATOM   1307 H  HZ2  . LYS A 1 85  ? -7.506  -11.029 -19.173 1.00 0.00 ? 85  LYS A HZ2  1 
ATOM   1308 H  HZ3  . LYS A 1 85  ? -9.141  -10.942 -18.995 1.00 0.00 ? 85  LYS A HZ3  1 
ATOM   1309 N  N    . GLU A 1 86  ? -9.626  -5.317  -13.272 1.00 0.00 ? 86  GLU A N    1 
ATOM   1310 C  CA   . GLU A 1 86  ? -9.049  -3.999  -13.130 1.00 0.00 ? 86  GLU A CA   1 
ATOM   1311 C  C    . GLU A 1 86  ? -8.546  -3.795  -11.704 1.00 0.00 ? 86  GLU A C    1 
ATOM   1312 O  O    . GLU A 1 86  ? -7.603  -3.044  -11.494 1.00 0.00 ? 86  GLU A O    1 
ATOM   1313 C  CB   . GLU A 1 86  ? -10.084 -2.943  -13.525 1.00 0.00 ? 86  GLU A CB   1 
ATOM   1314 C  CG   . GLU A 1 86  ? -9.435  -1.955  -14.496 1.00 0.00 ? 86  GLU A CG   1 
ATOM   1315 C  CD   . GLU A 1 86  ? -10.263 -0.681  -14.667 1.00 0.00 ? 86  GLU A CD   1 
ATOM   1316 O  OE1  . GLU A 1 86  ? -11.502 -0.815  -14.786 1.00 0.00 ? 86  GLU A OE1  1 
ATOM   1317 O  OE2  . GLU A 1 86  ? -9.646  0.404   -14.690 1.00 0.00 ? 86  GLU A OE2  1 
ATOM   1318 H  H    . GLU A 1 86  ? -10.622 -5.378  -13.384 1.00 0.00 ? 86  GLU A H    1 
ATOM   1319 H  HA   . GLU A 1 86  ? -8.194  -3.929  -13.802 1.00 0.00 ? 86  GLU A HA   1 
ATOM   1320 H  HB2  . GLU A 1 86  ? -10.928 -3.429  -14.021 1.00 0.00 ? 86  GLU A HB2  1 
ATOM   1321 H  HB3  . GLU A 1 86  ? -10.440 -2.424  -12.635 1.00 0.00 ? 86  GLU A HB3  1 
ATOM   1322 H  HG2  . GLU A 1 86  ? -8.444  -1.707  -14.121 1.00 0.00 ? 86  GLU A HG2  1 
ATOM   1323 H  HG3  . GLU A 1 86  ? -9.321  -2.441  -15.468 1.00 0.00 ? 86  GLU A HG3  1 
ATOM   1324 N  N    . ALA A 1 87  ? -9.107  -4.507  -10.723 1.00 0.00 ? 87  ALA A N    1 
ATOM   1325 C  CA   . ALA A 1 87  ? -8.574  -4.478  -9.374  1.00 0.00 ? 87  ALA A CA   1 
ATOM   1326 C  C    . ALA A 1 87  ? -7.206  -5.174  -9.325  1.00 0.00 ? 87  ALA A C    1 
ATOM   1327 O  O    . ALA A 1 87  ? -6.299  -4.688  -8.652  1.00 0.00 ? 87  ALA A O    1 
ATOM   1328 C  CB   . ALA A 1 87  ? -9.589  -5.104  -8.417  1.00 0.00 ? 87  ALA A CB   1 
ATOM   1329 H  H    . ALA A 1 87  ? -9.910  -5.095  -10.906 1.00 0.00 ? 87  ALA A H    1 
ATOM   1330 H  HA   . ALA A 1 87  ? -8.436  -3.436  -9.082  1.00 0.00 ? 87  ALA A HA   1 
ATOM   1331 H  HB1  . ALA A 1 87  ? -9.252  -4.959  -7.393  1.00 0.00 ? 87  ALA A HB1  1 
ATOM   1332 H  HB2  . ALA A 1 87  ? -10.554 -4.609  -8.533  1.00 0.00 ? 87  ALA A HB2  1 
ATOM   1333 H  HB3  . ALA A 1 87  ? -9.706  -6.167  -8.628  1.00 0.00 ? 87  ALA A HB3  1 
ATOM   1334 N  N    . GLN A 1 88  ? -7.007  -6.268  -10.074 1.00 0.00 ? 88  GLN A N    1 
ATOM   1335 C  CA   . GLN A 1 88  ? -5.671  -6.860  -10.164 1.00 0.00 ? 88  GLN A CA   1 
ATOM   1336 C  C    . GLN A 1 88  ? -4.736  -5.948  -10.958 1.00 0.00 ? 88  GLN A C    1 
ATOM   1337 O  O    . GLN A 1 88  ? -3.557  -5.846  -10.644 1.00 0.00 ? 88  GLN A O    1 
ATOM   1338 C  CB   . GLN A 1 88  ? -5.678  -8.234  -10.850 1.00 0.00 ? 88  GLN A CB   1 
ATOM   1339 C  CG   . GLN A 1 88  ? -6.525  -9.295  -10.142 1.00 0.00 ? 88  GLN A CG   1 
ATOM   1340 C  CD   . GLN A 1 88  ? -6.388  -10.659 -10.815 1.00 0.00 ? 88  GLN A CD   1 
ATOM   1341 O  OE1  . GLN A 1 88  ? -6.211  -10.751 -12.025 1.00 0.00 ? 88  GLN A OE1  1 
ATOM   1342 N  NE2  . GLN A 1 88  ? -6.495  -11.736 -10.050 1.00 0.00 ? 88  GLN A NE2  1 
ATOM   1343 H  H    . GLN A 1 88  ? -7.767  -6.658  -10.622 1.00 0.00 ? 88  GLN A H    1 
ATOM   1344 H  HA   . GLN A 1 88  ? -5.268  -6.973  -9.157  1.00 0.00 ? 88  GLN A HA   1 
ATOM   1345 H  HB2  . GLN A 1 88  ? -6.023  -8.122  -11.878 1.00 0.00 ? 88  GLN A HB2  1 
ATOM   1346 H  HB3  . GLN A 1 88  ? -4.648  -8.596  -10.876 1.00 0.00 ? 88  GLN A HB3  1 
ATOM   1347 H  HG2  . GLN A 1 88  ? -6.223  -9.362  -9.100  1.00 0.00 ? 88  GLN A HG2  1 
ATOM   1348 H  HG3  . GLN A 1 88  ? -7.569  -9.013  -10.177 1.00 0.00 ? 88  GLN A HG3  1 
ATOM   1349 H  HE21 . GLN A 1 88  ? -6.610  -11.667 -9.051  1.00 0.00 ? 88  GLN A HE21 1 
ATOM   1350 H  HE22 . GLN A 1 88  ? -6.392  -12.648 -10.469 1.00 0.00 ? 88  GLN A HE22 1 
ATOM   1351 N  N    . ALA A 1 89  ? -5.232  -5.267  -11.991 1.00 0.00 ? 89  ALA A N    1 
ATOM   1352 C  CA   . ALA A 1 89  ? -4.374  -4.429  -12.811 1.00 0.00 ? 89  ALA A CA   1 
ATOM   1353 C  C    . ALA A 1 89  ? -3.916  -3.219  -12.001 1.00 0.00 ? 89  ALA A C    1 
ATOM   1354 O  O    . ALA A 1 89  ? -2.778  -2.777  -12.122 1.00 0.00 ? 89  ALA A O    1 
ATOM   1355 C  CB   . ALA A 1 89  ? -5.124  -3.996  -14.072 1.00 0.00 ? 89  ALA A CB   1 
ATOM   1356 H  H    . ALA A 1 89  ? -6.208  -5.357  -12.225 1.00 0.00 ? 89  ALA A H    1 
ATOM   1357 H  HA   . ALA A 1 89  ? -3.494  -5.003  -13.103 1.00 0.00 ? 89  ALA A HA   1 
ATOM   1358 H  HB1  . ALA A 1 89  ? -5.967  -3.359  -13.806 1.00 0.00 ? 89  ALA A HB1  1 
ATOM   1359 H  HB2  . ALA A 1 89  ? -4.446  -3.438  -14.719 1.00 0.00 ? 89  ALA A HB2  1 
ATOM   1360 H  HB3  . ALA A 1 89  ? -5.482  -4.877  -14.606 1.00 0.00 ? 89  ALA A HB3  1 
ATOM   1361 N  N    . ALA A 1 90  ? -4.776  -2.715  -11.117 1.00 0.00 ? 90  ALA A N    1 
ATOM   1362 C  CA   . ALA A 1 90  ? -4.396  -1.679  -10.183 1.00 0.00 ? 90  ALA A CA   1 
ATOM   1363 C  C    . ALA A 1 90  ? -3.278  -2.174  -9.273  1.00 0.00 ? 90  ALA A C    1 
ATOM   1364 O  O    . ALA A 1 90  ? -2.414  -1.375  -8.929  1.00 0.00 ? 90  ALA A O    1 
ATOM   1365 C  CB   . ALA A 1 90  ? -5.612  -1.207  -9.385  1.00 0.00 ? 90  ALA A CB   1 
ATOM   1366 H  H    . ALA A 1 90  ? -5.704  -3.104  -11.049 1.00 0.00 ? 90  ALA A H    1 
ATOM   1367 H  HA   . ALA A 1 90  ? -4.007  -0.830  -10.748 1.00 0.00 ? 90  ALA A HA   1 
ATOM   1368 H  HB1  . ALA A 1 90  ? -6.152  -2.059  -8.975  1.00 0.00 ? 90  ALA A HB1  1 
ATOM   1369 H  HB2  . ALA A 1 90  ? -5.283  -0.561  -8.570  1.00 0.00 ? 90  ALA A HB2  1 
ATOM   1370 H  HB3  . ALA A 1 90  ? -6.276  -0.639  -10.038 1.00 0.00 ? 90  ALA A HB3  1 
ATOM   1371 N  N    . ALA A 1 91  ? -3.214  -3.466  -8.928  1.00 0.00 ? 91  ALA A N    1 
ATOM   1372 C  CA   . ALA A 1 91  ? -2.085  -3.943  -8.140  1.00 0.00 ? 91  ALA A CA   1 
ATOM   1373 C  C    . ALA A 1 91  ? -0.754  -3.653  -8.826  1.00 0.00 ? 91  ALA A C    1 
ATOM   1374 O  O    . ALA A 1 91  ? 0.222   -3.444  -8.116  1.00 0.00 ? 91  ALA A O    1 
ATOM   1375 C  CB   . ALA A 1 91  ? -2.206  -5.420  -7.744  1.00 0.00 ? 91  ALA A CB   1 
ATOM   1376 H  H    . ALA A 1 91  ? -3.922  -4.122  -9.234  1.00 0.00 ? 91  ALA A H    1 
ATOM   1377 H  HA   . ALA A 1 91  ? -2.070  -3.379  -7.212  1.00 0.00 ? 91  ALA A HA   1 
ATOM   1378 H  HB1  . ALA A 1 91  ? -2.940  -5.518  -6.949  1.00 0.00 ? 91  ALA A HB1  1 
ATOM   1379 H  HB2  . ALA A 1 91  ? -2.493  -6.041  -8.586  1.00 0.00 ? 91  ALA A HB2  1 
ATOM   1380 H  HB3  . ALA A 1 91  ? -1.243  -5.778  -7.380  1.00 0.00 ? 91  ALA A HB3  1 
ATOM   1381 N  N    . GLU A 1 92  ? -0.682  -3.550  -10.158 1.00 0.00 ? 92  GLU A N    1 
ATOM   1382 C  CA   . GLU A 1 92  ? 0.552   -3.097  -10.791 1.00 0.00 ? 92  GLU A CA   1 
ATOM   1383 C  C    . GLU A 1 92  ? 0.925   -1.681  -10.358 1.00 0.00 ? 92  GLU A C    1 
ATOM   1384 O  O    . GLU A 1 92  ? 2.099   -1.382  -10.177 1.00 0.00 ? 92  GLU A O    1 
ATOM   1385 C  CB   . GLU A 1 92  ? 0.465   -3.131  -12.319 1.00 0.00 ? 92  GLU A CB   1 
ATOM   1386 C  CG   . GLU A 1 92  ? 0.288   -4.553  -12.861 1.00 0.00 ? 92  GLU A CG   1 
ATOM   1387 C  CD   . GLU A 1 92  ? 1.162   -4.772  -14.096 1.00 0.00 ? 92  GLU A CD   1 
ATOM   1388 O  OE1  . GLU A 1 92  ? 2.390   -4.913  -13.896 1.00 0.00 ? 92  GLU A OE1  1 
ATOM   1389 O  OE2  . GLU A 1 92  ? 0.600   -4.786  -15.213 1.00 0.00 ? 92  GLU A OE2  1 
ATOM   1390 H  H    . GLU A 1 92  ? -1.498  -3.716  -10.735 1.00 0.00 ? 92  GLU A H    1 
ATOM   1391 H  HA   . GLU A 1 92  ? 1.361   -3.762  -10.484 1.00 0.00 ? 92  GLU A HA   1 
ATOM   1392 H  HB2  . GLU A 1 92  ? -0.347  -2.492  -12.666 1.00 0.00 ? 92  GLU A HB2  1 
ATOM   1393 H  HB3  . GLU A 1 92  ? 1.395   -2.712  -12.705 1.00 0.00 ? 92  GLU A HB3  1 
ATOM   1394 H  HG2  . GLU A 1 92  ? 0.581   -5.276  -12.097 1.00 0.00 ? 92  GLU A HG2  1 
ATOM   1395 H  HG3  . GLU A 1 92  ? -0.763  -4.721  -13.103 1.00 0.00 ? 92  GLU A HG3  1 
ATOM   1396 N  N    . GLN A 1 93  ? -0.046  -0.781  -10.195 1.00 0.00 ? 93  GLN A N    1 
ATOM   1397 C  CA   . GLN A 1 93  ? 0.255   0.580   -9.775  1.00 0.00 ? 93  GLN A CA   1 
ATOM   1398 C  C    . GLN A 1 93  ? 0.756   0.615   -8.336  1.00 0.00 ? 93  GLN A C    1 
ATOM   1399 O  O    . GLN A 1 93  ? 1.804   1.209   -8.082  1.00 0.00 ? 93  GLN A O    1 
ATOM   1400 C  CB   . GLN A 1 93  ? -0.953  1.503   -9.930  1.00 0.00 ? 93  GLN A CB   1 
ATOM   1401 C  CG   . GLN A 1 93  ? -1.380  1.680   -11.388 1.00 0.00 ? 93  GLN A CG   1 
ATOM   1402 C  CD   . GLN A 1 93  ? -2.313  2.881   -11.538 1.00 0.00 ? 93  GLN A CD   1 
ATOM   1403 O  OE1  . GLN A 1 93  ? -2.845  3.406   -10.567 1.00 0.00 ? 93  GLN A OE1  1 
ATOM   1404 N  NE2  . GLN A 1 93  ? -2.507  3.363   -12.757 1.00 0.00 ? 93  GLN A NE2  1 
ATOM   1405 H  H    . GLN A 1 93  ? -1.006  -1.065  -10.324 1.00 0.00 ? 93  GLN A H    1 
ATOM   1406 H  HA   . GLN A 1 93  ? 1.054   0.961   -10.410 1.00 0.00 ? 93  GLN A HA   1 
ATOM   1407 H  HB2  . GLN A 1 93  ? -1.794  1.135   -9.341  1.00 0.00 ? 93  GLN A HB2  1 
ATOM   1408 H  HB3  . GLN A 1 93  ? -0.654  2.479   -9.552  1.00 0.00 ? 93  GLN A HB3  1 
ATOM   1409 H  HG2  . GLN A 1 93  ? -0.492  1.850   -11.997 1.00 0.00 ? 93  GLN A HG2  1 
ATOM   1410 H  HG3  . GLN A 1 93  ? -1.884  0.778   -11.736 1.00 0.00 ? 93  GLN A HG3  1 
ATOM   1411 H  HE21 . GLN A 1 93  ? -2.081  2.941   -13.566 1.00 0.00 ? 93  GLN A HE21 1 
ATOM   1412 H  HE22 . GLN A 1 93  ? -3.124  4.156   -12.833 1.00 0.00 ? 93  GLN A HE22 1 
ATOM   1413 N  N    . LEU A 1 94  ? 0.068   -0.044  -7.393  1.00 0.00 ? 94  LEU A N    1 
ATOM   1414 C  CA   . LEU A 1 94  ? 0.495   -0.043  -6.002  1.00 0.00 ? 94  LEU A CA   1 
ATOM   1415 C  C    . LEU A 1 94  ? 1.893   -0.638  -5.929  1.00 0.00 ? 94  LEU A C    1 
ATOM   1416 O  O    . LEU A 1 94  ? 2.764   -0.090  -5.265  1.00 0.00 ? 94  LEU A O    1 
ATOM   1417 C  CB   . LEU A 1 94  ? -0.492  -0.836  -5.125  1.00 0.00 ? 94  LEU A CB   1 
ATOM   1418 C  CG   . LEU A 1 94  ? -1.880  -0.170  -5.121  1.00 0.00 ? 94  LEU A CG   1 
ATOM   1419 C  CD1  . LEU A 1 94  ? -2.962  -0.950  -5.863  1.00 0.00 ? 94  LEU A CD1  1 
ATOM   1420 C  CD2  . LEU A 1 94  ? -2.480  0.062   -3.755  1.00 0.00 ? 94  LEU A CD2  1 
ATOM   1421 H  H    . LEU A 1 94  ? -0.801  -0.502  -7.617  1.00 0.00 ? 94  LEU A H    1 
ATOM   1422 H  HA   . LEU A 1 94  ? 0.536   0.989   -5.650  1.00 0.00 ? 94  LEU A HA   1 
ATOM   1423 H  HB2  . LEU A 1 94  ? -0.559  -1.864  -5.483  1.00 0.00 ? 94  LEU A HB2  1 
ATOM   1424 H  HB3  . LEU A 1 94  ? -0.102  -0.862  -4.108  1.00 0.00 ? 94  LEU A HB3  1 
ATOM   1425 H  HG   . LEU A 1 94  ? -1.792  0.812   -5.566  1.00 0.00 ? 94  LEU A HG   1 
ATOM   1426 H  HD11 . LEU A 1 94  ? -3.953  -0.724  -5.471  1.00 0.00 ? 94  LEU A HD11 1 
ATOM   1427 H  HD12 . LEU A 1 94  ? -2.963  -0.623  -6.890  1.00 0.00 ? 94  LEU A HD12 1 
ATOM   1428 H  HD13 . LEU A 1 94  ? -2.798  -2.021  -5.771  1.00 0.00 ? 94  LEU A HD13 1 
ATOM   1429 H  HD21 . LEU A 1 94  ? -1.798  0.545   -3.076  1.00 0.00 ? 94  LEU A HD21 1 
ATOM   1430 H  HD22 . LEU A 1 94  ? -3.287  0.766   -3.952  1.00 0.00 ? 94  LEU A HD22 1 
ATOM   1431 H  HD23 . LEU A 1 94  ? -2.845  -0.868  -3.323  1.00 0.00 ? 94  LEU A HD23 1 
ATOM   1432 N  N    . LYS A 1 95  ? 2.104   -1.730  -6.666  1.00 0.00 ? 95  LYS A N    1 
ATOM   1433 C  CA   . LYS A 1 95  ? 3.368   -2.436  -6.820  1.00 0.00 ? 95  LYS A CA   1 
ATOM   1434 C  C    . LYS A 1 95  ? 4.453   -1.591  -7.471  1.00 0.00 ? 95  LYS A C    1 
ATOM   1435 O  O    . LYS A 1 95  ? 5.633   -1.730  -7.142  1.00 0.00 ? 95  LYS A O    1 
ATOM   1436 C  CB   . LYS A 1 95  ? 3.113   -3.710  -7.609  1.00 0.00 ? 95  LYS A CB   1 
ATOM   1437 C  CG   . LYS A 1 95  ? 4.282   -4.683  -7.524  1.00 0.00 ? 95  LYS A CG   1 
ATOM   1438 C  CD   . LYS A 1 95  ? 4.048   -5.751  -8.586  1.00 0.00 ? 95  LYS A CD   1 
ATOM   1439 C  CE   . LYS A 1 95  ? 5.008   -6.912  -8.351  1.00 0.00 ? 95  LYS A CE   1 
ATOM   1440 N  NZ   . LYS A 1 95  ? 4.692   -8.055  -9.235  1.00 0.00 ? 95  LYS A NZ   1 
ATOM   1441 H  H    . LYS A 1 95  ? 1.316   -2.083  -7.192  1.00 0.00 ? 95  LYS A H    1 
ATOM   1442 H  HA   . LYS A 1 95  ? 3.716   -2.736  -5.851  1.00 0.00 ? 95  LYS A HA   1 
ATOM   1443 H  HB2  . LYS A 1 95  ? 2.250   -4.220  -7.179  1.00 0.00 ? 95  LYS A HB2  1 
ATOM   1444 H  HB3  . LYS A 1 95  ? 2.908   -3.454  -8.648  1.00 0.00 ? 95  LYS A HB3  1 
ATOM   1445 H  HG2  . LYS A 1 95  ? 5.232   -4.185  -7.708  1.00 0.00 ? 95  LYS A HG2  1 
ATOM   1446 H  HG3  . LYS A 1 95  ? 4.300   -5.138  -6.532  1.00 0.00 ? 95  LYS A HG3  1 
ATOM   1447 H  HD2  . LYS A 1 95  ? 3.017   -6.103  -8.519  1.00 0.00 ? 95  LYS A HD2  1 
ATOM   1448 H  HD3  . LYS A 1 95  ? 4.215   -5.312  -9.572  1.00 0.00 ? 95  LYS A HD3  1 
ATOM   1449 H  HE2  . LYS A 1 95  ? 6.028   -6.561  -8.530  1.00 0.00 ? 95  LYS A HE2  1 
ATOM   1450 H  HE3  . LYS A 1 95  ? 4.928   -7.224  -7.308  1.00 0.00 ? 95  LYS A HE3  1 
ATOM   1451 H  HZ1  . LYS A 1 95  ? 4.704   -7.760  -10.202 1.00 0.00 ? 95  LYS A HZ1  1 
ATOM   1452 H  HZ2  . LYS A 1 95  ? 5.372   -8.791  -9.106  1.00 0.00 ? 95  LYS A HZ2  1 
ATOM   1453 H  HZ3  . LYS A 1 95  ? 3.773   -8.435  -9.020  1.00 0.00 ? 95  LYS A HZ3  1 
ATOM   1454 N  N    . THR A 1 96  ? 4.080   -0.706  -8.388  1.00 0.00 ? 96  THR A N    1 
ATOM   1455 C  CA   . THR A 1 96  ? 5.044   0.162   -9.025  1.00 0.00 ? 96  THR A CA   1 
ATOM   1456 C  C    . THR A 1 96  ? 5.507   1.129   -7.963  1.00 0.00 ? 96  THR A C    1 
ATOM   1457 O  O    . THR A 1 96  ? 6.704   1.338   -7.839  1.00 0.00 ? 96  THR A O    1 
ATOM   1458 C  CB   . THR A 1 96  ? 4.428   0.860   -10.241 1.00 0.00 ? 96  THR A CB   1 
ATOM   1459 O  OG1  . THR A 1 96  ? 4.421   -0.043  -11.317 1.00 0.00 ? 96  THR A OG1  1 
ATOM   1460 C  CG2  . THR A 1 96  ? 5.198   2.094   -10.710 1.00 0.00 ? 96  THR A CG2  1 
ATOM   1461 H  H    . THR A 1 96  ? 3.100   -0.552  -8.581  1.00 0.00 ? 96  THR A H    1 
ATOM   1462 H  HA   . THR A 1 96  ? 5.903   -0.424  -9.354  1.00 0.00 ? 96  THR A HA   1 
ATOM   1463 H  HB   . THR A 1 96  ? 3.409   1.149   -10.005 1.00 0.00 ? 96  THR A HB   1 
ATOM   1464 H  HG1  . THR A 1 96  ? 3.524   -0.082  -11.658 1.00 0.00 ? 96  THR A HG1  1 
ATOM   1465 H  HG21 . THR A 1 96  ? 6.242   1.834   -10.885 1.00 0.00 ? 96  THR A HG21 1 
ATOM   1466 H  HG22 . THR A 1 96  ? 4.761   2.459   -11.640 1.00 0.00 ? 96  THR A HG22 1 
ATOM   1467 H  HG23 . THR A 1 96  ? 5.134   2.886   -9.963  1.00 0.00 ? 96  THR A HG23 1 
ATOM   1468 N  N    . THR A 1 97  ? 4.604   1.657   -7.136  1.00 0.00 ? 97  THR A N    1 
ATOM   1469 C  CA   . THR A 1 97  ? 5.022   2.496   -6.034  1.00 0.00 ? 97  THR A CA   1 
ATOM   1470 C  C    . THR A 1 97  ? 5.772   1.687   -4.976  1.00 0.00 ? 97  THR A C    1 
ATOM   1471 O  O    . THR A 1 97  ? 6.671   2.265   -4.367  1.00 0.00 ? 97  THR A O    1 
ATOM   1472 C  CB   . THR A 1 97  ? 3.809   3.212   -5.449  1.00 0.00 ? 97  THR A CB   1 
ATOM   1473 O  OG1  . THR A 1 97  ? 3.536   4.380   -6.175  1.00 0.00 ? 97  THR A OG1  1 
ATOM   1474 C  CG2  . THR A 1 97  ? 4.077   3.731   -4.030  1.00 0.00 ? 97  THR A CG2  1 
ATOM   1475 H  H    . THR A 1 97  ? 3.617   1.446   -7.226  1.00 0.00 ? 97  THR A H    1 
ATOM   1476 H  HA   . THR A 1 97  ? 5.707   3.254   -6.417  1.00 0.00 ? 97  THR A HA   1 
ATOM   1477 H  HB   . THR A 1 97  ? 2.951   2.540   -5.512  1.00 0.00 ? 97  THR A HB   1 
ATOM   1478 H  HG1  . THR A 1 97  ? 3.461   5.072   -5.508  1.00 0.00 ? 97  THR A HG1  1 
ATOM   1479 H  HG21 . THR A 1 97  ? 5.001   4.284   -4.023  1.00 0.00 ? 97  THR A HG21 1 
ATOM   1480 H  HG22 . THR A 1 97  ? 3.307   4.433   -3.722  1.00 0.00 ? 97  THR A HG22 1 
ATOM   1481 H  HG23 . THR A 1 97  ? 4.150   2.917   -3.312  1.00 0.00 ? 97  THR A HG23 1 
ATOM   1482 N  N    . CYS A 1 98  ? 5.470   0.389   -4.767  1.00 0.00 ? 98  CYS A N    1 
ATOM   1483 C  CA   . CYS A 1 98  ? 6.222   -0.432  -3.820  1.00 0.00 ? 98  CYS A CA   1 
ATOM   1484 C  C    . CYS A 1 98  ? 7.683   -0.279  -4.184  1.00 0.00 ? 98  CYS A C    1 
ATOM   1485 O  O    . CYS A 1 98  ? 8.498   0.102   -3.356  1.00 0.00 ? 98  CYS A O    1 
ATOM   1486 C  CB   . CYS A 1 98  ? 5.913   -1.930  -3.833  1.00 0.00 ? 98  CYS A CB   1 
ATOM   1487 S  SG   . CYS A 1 98  ? 4.217   -2.521  -3.514  1.00 0.00 ? 98  CYS A SG   1 
ATOM   1488 H  H    . CYS A 1 98  ? 4.719   -0.044  -5.280  1.00 0.00 ? 98  CYS A H    1 
ATOM   1489 H  HA   . CYS A 1 98  ? 6.066   0.001   -2.836  1.00 0.00 ? 98  CYS A HA   1 
ATOM   1490 H  HB2  . CYS A 1 98  ? 6.207   -2.360  -4.787  1.00 0.00 ? 98  CYS A HB2  1 
ATOM   1491 H  HB3  . CYS A 1 98  ? 6.552   -2.384  -3.074  1.00 0.00 ? 98  CYS A HB3  1 
ATOM   1492 N  N    . ASN A 1 99  ? 7.991   -0.587  -5.440  1.00 0.00 ? 99  ASN A N    1 
ATOM   1493 C  CA   . ASN A 1 99  ? 9.351   -0.617  -5.929  1.00 0.00 ? 99  ASN A CA   1 
ATOM   1494 C  C    . ASN A 1 99  ? 9.955   0.772   -6.125  1.00 0.00 ? 99  ASN A C    1 
ATOM   1495 O  O    . ASN A 1 99  ? 11.156  0.943   -5.939  1.00 0.00 ? 99  ASN A O    1 
ATOM   1496 C  CB   . ASN A 1 99  ? 9.389   -1.429  -7.224  1.00 0.00 ? 99  ASN A CB   1 
ATOM   1497 C  CG   . ASN A 1 99  ? 9.430   -2.915  -6.900  1.00 0.00 ? 99  ASN A CG   1 
ATOM   1498 O  OD1  . ASN A 1 99  ? 10.332  -3.386  -6.221  1.00 0.00 ? 99  ASN A OD1  1 
ATOM   1499 N  ND2  . ASN A 1 99  ? 8.447   -3.677  -7.356  1.00 0.00 ? 99  ASN A ND2  1 
ATOM   1500 H  H    . ASN A 1 99  ? 7.231   -0.861  -6.052  1.00 0.00 ? 99  ASN A H    1 
ATOM   1501 H  HA   . ASN A 1 99  ? 9.952   -1.123  -5.173  1.00 0.00 ? 99  ASN A HA   1 
ATOM   1502 H  HB2  . ASN A 1 99  ? 8.518   -1.202  -7.844  1.00 0.00 ? 99  ASN A HB2  1 
ATOM   1503 H  HB3  . ASN A 1 99  ? 10.289  -1.170  -7.777  1.00 0.00 ? 99  ASN A HB3  1 
ATOM   1504 H  HD21 . ASN A 1 99  ? 7.663   -3.284  -7.858  1.00 0.00 ? 99  ASN A HD21 1 
ATOM   1505 H  HD22 . ASN A 1 99  ? 8.502   -4.653  -7.129  1.00 0.00 ? 99  ASN A HD22 1 
ATOM   1506 N  N    . ALA A 1 100 ? 9.156   1.763   -6.524  1.00 0.00 ? 100 ALA A N    1 
ATOM   1507 C  CA   . ALA A 1 100 ? 9.660   3.097   -6.822  1.00 0.00 ? 100 ALA A CA   1 
ATOM   1508 C  C    . ALA A 1 100 ? 10.139  3.717   -5.523  1.00 0.00 ? 100 ALA A C    1 
ATOM   1509 O  O    . ALA A 1 100 ? 11.304  4.103   -5.417  1.00 0.00 ? 100 ALA A O    1 
ATOM   1510 C  CB   . ALA A 1 100 ? 8.615   3.997   -7.503  1.00 0.00 ? 100 ALA A CB   1 
ATOM   1511 H  H    . ALA A 1 100 ? 8.181   1.553   -6.646  1.00 0.00 ? 100 ALA A H    1 
ATOM   1512 H  HA   . ALA A 1 100 ? 10.514  2.991   -7.493  1.00 0.00 ? 100 ALA A HA   1 
ATOM   1513 H  HB1  . ALA A 1 100 ? 8.171   4.691   -6.789  1.00 0.00 ? 100 ALA A HB1  1 
ATOM   1514 H  HB2  . ALA A 1 100 ? 9.104   4.576   -8.286  1.00 0.00 ? 100 ALA A HB2  1 
ATOM   1515 H  HB3  . ALA A 1 100 ? 7.826   3.412   -7.965  1.00 0.00 ? 100 ALA A HB3  1 
ATOM   1516 N  N    . TYR A 1 101 ? 9.258   3.779   -4.518  1.00 0.00 ? 101 TYR A N    1 
ATOM   1517 C  CA   . TYR A 1 101 ? 9.725   4.153   -3.199  1.00 0.00 ? 101 TYR A CA   1 
ATOM   1518 C  C    . TYR A 1 101 ? 10.850  3.223   -2.746  1.00 0.00 ? 101 TYR A C    1 
ATOM   1519 O  O    . TYR A 1 101 ? 11.917  3.729   -2.431  1.00 0.00 ? 101 TYR A O    1 
ATOM   1520 C  CB   . TYR A 1 101 ? 8.575   4.251   -2.197  1.00 0.00 ? 101 TYR A CB   1 
ATOM   1521 C  CG   . TYR A 1 101 ? 7.859   5.585   -2.311  1.00 0.00 ? 101 TYR A CG   1 
ATOM   1522 C  CD1  . TYR A 1 101 ? 7.027   5.851   -3.412  1.00 0.00 ? 101 TYR A CD1  1 
ATOM   1523 C  CD2  . TYR A 1 101 ? 8.113   6.605   -1.380  1.00 0.00 ? 101 TYR A CD2  1 
ATOM   1524 C  CE1  . TYR A 1 101 ? 6.420   7.112   -3.565  1.00 0.00 ? 101 TYR A CE1  1 
ATOM   1525 C  CE2  . TYR A 1 101 ? 7.563   7.886   -1.554  1.00 0.00 ? 101 TYR A CE2  1 
ATOM   1526 C  CZ   . TYR A 1 101 ? 6.704   8.147   -2.643  1.00 0.00 ? 101 TYR A CZ   1 
ATOM   1527 O  OH   . TYR A 1 101 ? 6.158   9.388   -2.796  1.00 0.00 ? 101 TYR A OH   1 
ATOM   1528 H  H    . TYR A 1 101 ? 8.273   3.558   -4.645  1.00 0.00 ? 101 TYR A H    1 
ATOM   1529 H  HA   . TYR A 1 101 ? 10.152  5.152   -3.290  1.00 0.00 ? 101 TYR A HA   1 
ATOM   1530 H  HB2  . TYR A 1 101 ? 7.878   3.426   -2.346  1.00 0.00 ? 101 TYR A HB2  1 
ATOM   1531 H  HB3  . TYR A 1 101 ? 8.983   4.158   -1.191  1.00 0.00 ? 101 TYR A HB3  1 
ATOM   1532 H  HD1  . TYR A 1 101 ? 6.881   5.086   -4.153  1.00 0.00 ? 101 TYR A HD1  1 
ATOM   1533 H  HD2  . TYR A 1 101 ? 8.765   6.421   -0.543  1.00 0.00 ? 101 TYR A HD2  1 
ATOM   1534 H  HE1  . TYR A 1 101 ? 5.755   7.299   -4.394  1.00 0.00 ? 101 TYR A HE1  1 
ATOM   1535 H  HE2  . TYR A 1 101 ? 7.808   8.669   -0.852  1.00 0.00 ? 101 TYR A HE2  1 
ATOM   1536 H  HH   . TYR A 1 101 ? 6.548   10.010  -2.173  1.00 0.00 ? 101 TYR A HH   1 
ATOM   1537 N  N    . HIS A 1 102 ? 10.693  1.896   -2.761  1.00 0.00 ? 102 HIS A N    1 
ATOM   1538 C  CA   . HIS A 1 102 ? 11.729  0.962   -2.301  1.00 0.00 ? 102 HIS A CA   1 
ATOM   1539 C  C    . HIS A 1 102 ? 13.088  1.131   -2.999  1.00 0.00 ? 102 HIS A C    1 
ATOM   1540 O  O    . HIS A 1 102 ? 14.072  0.589   -2.515  1.00 0.00 ? 102 HIS A O    1 
ATOM   1541 C  CB   . HIS A 1 102 ? 11.306  -0.508  -2.480  1.00 0.00 ? 102 HIS A CB   1 
ATOM   1542 C  CG   . HIS A 1 102 ? 10.446  -1.177  -1.435  1.00 0.00 ? 102 HIS A CG   1 
ATOM   1543 N  ND1  . HIS A 1 102 ? 10.346  -2.537  -1.317  1.00 0.00 ? 102 HIS A ND1  1 
ATOM   1544 C  CD2  . HIS A 1 102 ? 9.656   -0.607  -0.471  1.00 0.00 ? 102 HIS A CD2  1 
ATOM   1545 C  CE1  . HIS A 1 102 ? 9.549   -2.802  -0.277  1.00 0.00 ? 102 HIS A CE1  1 
ATOM   1546 N  NE2  . HIS A 1 102 ? 9.124   -1.662  0.302   1.00 0.00 ? 102 HIS A NE2  1 
ATOM   1547 H  H    . HIS A 1 102 ? 9.804   1.516   -3.050  1.00 0.00 ? 102 HIS A H    1 
ATOM   1548 H  HA   . HIS A 1 102 ? 11.869  1.177   -1.243  1.00 0.00 ? 102 HIS A HA   1 
ATOM   1549 H  HB2  . HIS A 1 102 ? 10.834  -0.610  -3.445  1.00 0.00 ? 102 HIS A HB2  1 
ATOM   1550 H  HB3  . HIS A 1 102 ? 12.211  -1.116  -2.530  1.00 0.00 ? 102 HIS A HB3  1 
ATOM   1551 H  HD1  . HIS A 1 102 ? 10.760  -3.211  -1.946  1.00 0.00 ? 102 HIS A HD1  1 
ATOM   1552 H  HD2  . HIS A 1 102 ? 9.495   0.445   -0.377  1.00 0.00 ? 102 HIS A HD2  1 
ATOM   1553 H  HE1  . HIS A 1 102 ? 9.319   -3.815  -0.020  1.00 0.00 ? 102 HIS A HE1  1 
ATOM   1554 N  N    . GLN A 1 103 ? 13.191  1.837   -4.127  1.00 0.00 ? 103 GLN A N    1 
ATOM   1555 C  CA   . GLN A 1 103 ? 14.481  2.042   -4.772  1.00 0.00 ? 103 GLN A CA   1 
ATOM   1556 C  C    . GLN A 1 103 ? 15.355  3.054   -4.012  1.00 0.00 ? 103 GLN A C    1 
ATOM   1557 O  O    . GLN A 1 103 ? 16.563  3.094   -4.226  1.00 0.00 ? 103 GLN A O    1 
ATOM   1558 C  CB   . GLN A 1 103 ? 14.252  2.474   -6.233  1.00 0.00 ? 103 GLN A CB   1 
ATOM   1559 C  CG   . GLN A 1 103 ? 14.755  1.430   -7.247  1.00 0.00 ? 103 GLN A CG   1 
ATOM   1560 C  CD   . GLN A 1 103 ? 15.859  1.962   -8.162  1.00 0.00 ? 103 GLN A CD   1 
ATOM   1561 O  OE1  . GLN A 1 103 ? 16.628  2.847   -7.805  1.00 0.00 ? 103 GLN A OE1  1 
ATOM   1562 N  NE2  . GLN A 1 103 ? 15.960  1.438   -9.376  1.00 0.00 ? 103 GLN A NE2  1 
ATOM   1563 H  H    . GLN A 1 103 ? 12.359  2.190   -4.583  1.00 0.00 ? 103 GLN A H    1 
ATOM   1564 H  HA   . GLN A 1 103 ? 15.019  1.094   -4.749  1.00 0.00 ? 103 GLN A HA   1 
ATOM   1565 H  HB2  . GLN A 1 103 ? 13.187  2.616   -6.411  1.00 0.00 ? 103 GLN A HB2  1 
ATOM   1566 H  HB3  . GLN A 1 103 ? 14.720  3.443   -6.408  1.00 0.00 ? 103 GLN A HB3  1 
ATOM   1567 H  HG2  . GLN A 1 103 ? 15.123  0.541   -6.737  1.00 0.00 ? 103 GLN A HG2  1 
ATOM   1568 H  HG3  . GLN A 1 103 ? 13.905  1.121   -7.856  1.00 0.00 ? 103 GLN A HG3  1 
ATOM   1569 H  HE21 . GLN A 1 103 ? 15.346  0.706   -9.690  1.00 0.00 ? 103 GLN A HE21 1 
ATOM   1570 H  HE22 . GLN A 1 103 ? 16.702  1.794   -9.959  1.00 0.00 ? 103 GLN A HE22 1 
ATOM   1571 N  N    . LYS A 1 104 ? 14.772  3.861   -3.116  1.00 0.00 ? 104 LYS A N    1 
ATOM   1572 C  CA   . LYS A 1 104 ? 15.519  4.779   -2.248  1.00 0.00 ? 104 LYS A CA   1 
ATOM   1573 C  C    . LYS A 1 104 ? 15.130  4.663   -0.767  1.00 0.00 ? 104 LYS A C    1 
ATOM   1574 O  O    . LYS A 1 104 ? 15.981  4.817   0.107   1.00 0.00 ? 104 LYS A O    1 
ATOM   1575 C  CB   . LYS A 1 104 ? 15.335  6.247   -2.669  1.00 0.00 ? 104 LYS A CB   1 
ATOM   1576 C  CG   . LYS A 1 104 ? 15.475  6.575   -4.166  1.00 0.00 ? 104 LYS A CG   1 
ATOM   1577 C  CD   . LYS A 1 104 ? 14.086  6.749   -4.799  1.00 0.00 ? 104 LYS A CD   1 
ATOM   1578 C  CE   . LYS A 1 104 ? 14.124  7.185   -6.269  1.00 0.00 ? 104 LYS A CE   1 
ATOM   1579 N  NZ   . LYS A 1 104 ? 14.707  8.534   -6.453  1.00 0.00 ? 104 LYS A NZ   1 
ATOM   1580 H  H    . LYS A 1 104 ? 13.770  3.785   -3.048  1.00 0.00 ? 104 LYS A H    1 
ATOM   1581 H  HA   . LYS A 1 104 ? 16.576  4.530   -2.329  1.00 0.00 ? 104 LYS A HA   1 
ATOM   1582 H  HB2  . LYS A 1 104 ? 14.355  6.585   -2.327  1.00 0.00 ? 104 LYS A HB2  1 
ATOM   1583 H  HB3  . LYS A 1 104 ? 16.078  6.832   -2.125  1.00 0.00 ? 104 LYS A HB3  1 
ATOM   1584 H  HG2  . LYS A 1 104 ? 16.021  7.516   -4.258  1.00 0.00 ? 104 LYS A HG2  1 
ATOM   1585 H  HG3  . LYS A 1 104 ? 16.040  5.800   -4.681  1.00 0.00 ? 104 LYS A HG3  1 
ATOM   1586 H  HD2  . LYS A 1 104 ? 13.549  5.801   -4.734  1.00 0.00 ? 104 LYS A HD2  1 
ATOM   1587 H  HD3  . LYS A 1 104 ? 13.524  7.494   -4.233  1.00 0.00 ? 104 LYS A HD3  1 
ATOM   1588 H  HE2  . LYS A 1 104 ? 14.689  6.451   -6.849  1.00 0.00 ? 104 LYS A HE2  1 
ATOM   1589 H  HE3  . LYS A 1 104 ? 13.095  7.192   -6.638  1.00 0.00 ? 104 LYS A HE3  1 
ATOM   1590 H  HZ1  . LYS A 1 104 ? 15.708  8.503   -6.315  1.00 0.00 ? 104 LYS A HZ1  1 
ATOM   1591 H  HZ2  . LYS A 1 104 ? 14.518  8.864   -7.391  1.00 0.00 ? 104 LYS A HZ2  1 
ATOM   1592 H  HZ3  . LYS A 1 104 ? 14.301  9.185   -5.794  1.00 0.00 ? 104 LYS A HZ3  1 
ATOM   1593 N  N    . TYR A 1 105 ? 13.832  4.504   -0.497  1.00 0.00 ? 105 TYR A N    1 
ATOM   1594 C  CA   . TYR A 1 105 ? 13.168  4.558   0.801   1.00 0.00 ? 105 TYR A CA   1 
ATOM   1595 C  C    . TYR A 1 105 ? 13.244  3.268   1.592   1.00 0.00 ? 105 TYR A C    1 
ATOM   1596 O  O    . TYR A 1 105 ? 12.951  3.280   2.783   1.00 0.00 ? 105 TYR A O    1 
ATOM   1597 C  CB   . TYR A 1 105 ? 11.668  4.778   0.591   1.00 0.00 ? 105 TYR A CB   1 
ATOM   1598 C  CG   . TYR A 1 105 ? 11.284  6.198   0.285   1.00 0.00 ? 105 TYR A CG   1 
ATOM   1599 C  CD1  . TYR A 1 105 ? 11.400  6.739   -1.009  1.00 0.00 ? 105 TYR A CD1  1 
ATOM   1600 C  CD2  . TYR A 1 105 ? 10.771  6.972   1.332   1.00 0.00 ? 105 TYR A CD2  1 
ATOM   1601 C  CE1  . TYR A 1 105 ? 10.963  8.053   -1.253  1.00 0.00 ? 105 TYR A CE1  1 
ATOM   1602 C  CE2  . TYR A 1 105 ? 10.452  8.318   1.121   1.00 0.00 ? 105 TYR A CE2  1 
ATOM   1603 C  CZ   . TYR A 1 105 ? 10.511  8.855   -0.180  1.00 0.00 ? 105 TYR A CZ   1 
ATOM   1604 O  OH   . TYR A 1 105 ? 10.079  10.121  -0.416  1.00 0.00 ? 105 TYR A OH   1 
ATOM   1605 H  H    . TYR A 1 105 ? 13.212  4.470   -1.279  1.00 0.00 ? 105 TYR A H    1 
ATOM   1606 H  HA   . TYR A 1 105 ? 13.585  5.366   1.403   1.00 0.00 ? 105 TYR A HA   1 
ATOM   1607 H  HB2  . TYR A 1 105 ? 11.292  4.112   -0.177  1.00 0.00 ? 105 TYR A HB2  1 
ATOM   1608 H  HB3  . TYR A 1 105 ? 11.141  4.488   1.501   1.00 0.00 ? 105 TYR A HB3  1 
ATOM   1609 H  HD1  . TYR A 1 105 ? 11.769  6.140   -1.826  1.00 0.00 ? 105 TYR A HD1  1 
ATOM   1610 H  HD2  . TYR A 1 105 ? 10.637  6.523   2.304   1.00 0.00 ? 105 TYR A HD2  1 
ATOM   1611 H  HE1  . TYR A 1 105 ? 10.926  8.445   -2.259  1.00 0.00 ? 105 TYR A HE1  1 
ATOM   1612 H  HE2  . TYR A 1 105 ? 10.163  8.932   1.952   1.00 0.00 ? 105 TYR A HE2  1 
ATOM   1613 H  HH   . TYR A 1 105 ? 9.561   10.503  0.298   1.00 0.00 ? 105 TYR A HH   1 
ATOM   1614 N  N    . ARG A 1 106 ? 13.566  2.161   0.940   1.00 0.00 ? 106 ARG A N    1 
ATOM   1615 C  CA   . ARG A 1 106 ? 13.851  0.903   1.595   1.00 0.00 ? 106 ARG A CA   1 
ATOM   1616 C  C    . ARG A 1 106 ? 15.149  0.419   0.950   1.00 0.00 ? 106 ARG A C    1 
ATOM   1617 O  O    . ARG A 1 106 ? 15.780  -0.487  1.529   1.00 0.00 ? 106 ARG A O    1 
ATOM   1618 C  CB   . ARG A 1 106 ? 12.600  0.000   1.513   1.00 0.00 ? 106 ARG A CB   1 
ATOM   1619 C  CG   . ARG A 1 106 ? 12.748  -1.374  2.158   1.00 0.00 ? 106 ARG A CG   1 
ATOM   1620 C  CD   . ARG A 1 106 ? 13.731  -2.270  1.424   1.00 0.00 ? 106 ARG A CD   1 
ATOM   1621 N  NE   . ARG A 1 106 ? 13.190  -3.607  1.166   1.00 0.00 ? 106 ARG A NE   1 
ATOM   1622 C  CZ   . ARG A 1 106 ? 13.955  -4.692  1.018   1.00 0.00 ? 106 ARG A CZ   1 
ATOM   1623 N  NH1  . ARG A 1 106 ? 15.265  -4.631  1.262   1.00 0.00 ? 106 ARG A NH1  1 
ATOM   1624 N  NH2  . ARG A 1 106 ? 13.406  -5.832  0.604   1.00 0.00 ? 106 ARG A NH2  1 
ATOM   1625 O  OXT  . ARG A 1 106 ? 15.532  1.033   -0.069  1.00 0.00 ? 106 ARG A OXT  1 
ATOM   1626 H  H    . ARG A 1 106 ? 13.876  2.193   -0.024  1.00 0.00 ? 106 ARG A H    1 
ATOM   1627 H  HA   . ARG A 1 106 ? 14.069  1.086   2.646   1.00 0.00 ? 106 ARG A HA   1 
ATOM   1628 H  HB2  . ARG A 1 106 ? 11.809  0.518   2.054   1.00 0.00 ? 106 ARG A HB2  1 
ATOM   1629 H  HB3  . ARG A 1 106 ? 12.248  -0.135  0.490   1.00 0.00 ? 106 ARG A HB3  1 
ATOM   1630 H  HG2  . ARG A 1 106 ? 13.067  -1.266  3.195   1.00 0.00 ? 106 ARG A HG2  1 
ATOM   1631 H  HG3  . ARG A 1 106 ? 11.776  -1.855  2.118   1.00 0.00 ? 106 ARG A HG3  1 
ATOM   1632 H  HD2  . ARG A 1 106 ? 13.984  -1.824  0.464   1.00 0.00 ? 106 ARG A HD2  1 
ATOM   1633 H  HD3  . ARG A 1 106 ? 14.614  -2.350  2.054   1.00 0.00 ? 106 ARG A HD3  1 
ATOM   1634 H  HE   . ARG A 1 106 ? 12.191  -3.652  1.042   1.00 0.00 ? 106 ARG A HE   1 
ATOM   1635 H  HH11 . ARG A 1 106 ? 15.673  -3.756  1.567   1.00 0.00 ? 106 ARG A HH11 1 
ATOM   1636 H  HH12 . ARG A 1 106 ? 15.869  -5.435  1.210   1.00 0.00 ? 106 ARG A HH12 1 
ATOM   1637 H  HH21 . ARG A 1 106 ? 12.419  -5.884  0.403   1.00 0.00 ? 106 ARG A HH21 1 
ATOM   1638 H  HH22 . ARG A 1 106 ? 13.962  -6.661  0.470   1.00 0.00 ? 106 ARG A HH22 1 
HETATM 1639 FE FE   . HEB B 2 .   ? 7.906   -1.528  1.886   1.00 0.00 ? 107 HEB A FE   1 
HETATM 1640 C  CHA  . HEB B 2 .   ? 10.269  -2.925  3.961   1.00 0.00 ? 107 HEB A CHA  1 
HETATM 1641 C  CHB  . HEB B 2 .   ? 6.808   -4.680  0.994   1.00 0.00 ? 107 HEB A CHB  1 
HETATM 1642 C  CHC  . HEB B 2 .   ? 5.651   -0.079  -0.166  1.00 0.00 ? 107 HEB A CHC  1 
HETATM 1643 C  CHD  . HEB B 2 .   ? 8.961   1.693   2.933   1.00 0.00 ? 107 HEB A CHD  1 
HETATM 1644 N  NA   . HEB B 2 .   ? 8.466   -3.460  2.365   1.00 0.00 ? 107 HEB A NA   1 
HETATM 1645 C  C1A  . HEB B 2 .   ? 9.478   -3.775  3.205   1.00 0.00 ? 107 HEB A C1A  1 
HETATM 1646 C  C2A  . HEB B 2 .   ? 9.593   -5.210  3.237   1.00 0.00 ? 107 HEB A C2A  1 
HETATM 1647 C  C3A  . HEB B 2 .   ? 8.570   -5.720  2.464   1.00 0.00 ? 107 HEB A C3A  1 
HETATM 1648 C  C4A  . HEB B 2 .   ? 7.876   -4.592  1.886   1.00 0.00 ? 107 HEB A C4A  1 
HETATM 1649 C  CMA  . HEB B 2 .   ? 8.181   -7.169  2.303   1.00 0.00 ? 107 HEB A CMA  1 
HETATM 1650 C  CAA  . HEB B 2 .   ? 10.696  -5.959  3.948   1.00 0.00 ? 107 HEB A CAA  1 
HETATM 1651 C  CBA  . HEB B 2 .   ? 10.804  -5.714  5.464   1.00 0.00 ? 107 HEB A CBA  1 
HETATM 1652 C  CGA  . HEB B 2 .   ? 12.210  -5.269  5.849   1.00 0.00 ? 107 HEB A CGA  1 
HETATM 1653 O  O1A  . HEB B 2 .   ? 13.170  -5.840  5.288   1.00 0.00 ? 107 HEB A O1A  1 
HETATM 1654 O  O2A  . HEB B 2 .   ? 12.291  -4.330  6.663   1.00 0.00 ? 107 HEB A O2A  1 
HETATM 1655 N  NB   . HEB B 2 .   ? 6.548   -2.241  0.590   1.00 0.00 ? 107 HEB A NB   1 
HETATM 1656 C  C1B  . HEB B 2 .   ? 6.233   -3.556  0.397   1.00 0.00 ? 107 HEB A C1B  1 
HETATM 1657 C  C2B  . HEB B 2 .   ? 5.143   -3.599  -0.546  1.00 0.00 ? 107 HEB A C2B  1 
HETATM 1658 C  C3B  . HEB B 2 .   ? 4.862   -2.297  -0.902  1.00 0.00 ? 107 HEB A C3B  1 
HETATM 1659 C  C4B  . HEB B 2 .   ? 5.722   -1.454  -0.129  1.00 0.00 ? 107 HEB A C4B  1 
HETATM 1660 C  CMB  . HEB B 2 .   ? 4.428   -4.848  -0.990  1.00 0.00 ? 107 HEB A CMB  1 
HETATM 1661 C  CAB  . HEB B 2 .   ? 3.891   -1.783  -1.932  1.00 0.00 ? 107 HEB A CAB  1 
HETATM 1662 C  CBB  . HEB B 2 .   ? 2.443   -1.837  -1.491  1.00 0.00 ? 107 HEB A CBB  1 
HETATM 1663 N  NC   . HEB B 2 .   ? 7.397   0.435   1.470   1.00 0.00 ? 107 HEB A NC   1 
HETATM 1664 C  C1C  . HEB B 2 .   ? 6.452   0.754   0.559   1.00 0.00 ? 107 HEB A C1C  1 
HETATM 1665 C  C2C  . HEB B 2 .   ? 6.377   2.176   0.423   1.00 0.00 ? 107 HEB A C2C  1 
HETATM 1666 C  C3C  . HEB B 2 .   ? 7.318   2.682   1.286   1.00 0.00 ? 107 HEB A C3C  1 
HETATM 1667 C  C4C  . HEB B 2 .   ? 7.962   1.583   1.969   1.00 0.00 ? 107 HEB A C4C  1 
HETATM 1668 C  CMC  . HEB B 2 .   ? 5.417   2.887   -0.493  1.00 0.00 ? 107 HEB A CMC  1 
HETATM 1669 C  CAC  . HEB B 2 .   ? 7.673   4.144   1.431   1.00 0.00 ? 107 HEB A CAC  1 
HETATM 1670 C  CBC  . HEB B 2 .   ? 6.823   4.987   2.053   1.00 0.00 ? 107 HEB A CBC  1 
HETATM 1671 N  ND   . HEB B 2 .   ? 9.313   -0.759  3.246   1.00 0.00 ? 107 HEB A ND   1 
HETATM 1672 C  C1D  . HEB B 2 .   ? 9.549   0.566   3.523   1.00 0.00 ? 107 HEB A C1D  1 
HETATM 1673 C  C2D  . HEB B 2 .   ? 10.558  0.604   4.560   1.00 0.00 ? 107 HEB A C2D  1 
HETATM 1674 C  C3D  . HEB B 2 .   ? 10.929  -0.693  4.829   1.00 0.00 ? 107 HEB A C3D  1 
HETATM 1675 C  C4D  . HEB B 2 .   ? 10.136  -1.546  3.987   1.00 0.00 ? 107 HEB A C4D  1 
HETATM 1676 C  CMD  . HEB B 2 .   ? 11.136  1.828   5.218   1.00 0.00 ? 107 HEB A CMD  1 
HETATM 1677 C  CAD  . HEB B 2 .   ? 12.000  -1.145  5.798   1.00 0.00 ? 107 HEB A CAD  1 
HETATM 1678 C  CBD  . HEB B 2 .   ? 11.481  -1.303  7.226   1.00 0.00 ? 107 HEB A CBD  1 
HETATM 1679 C  CGD  . HEB B 2 .   ? 12.601  -1.410  8.251   1.00 0.00 ? 107 HEB A CGD  1 
HETATM 1680 O  O1D  . HEB B 2 .   ? 13.762  -1.145  7.867   1.00 0.00 ? 107 HEB A O1D  1 
HETATM 1681 O  O2D  . HEB B 2 .   ? 12.263  -1.670  9.425   1.00 0.00 ? 107 HEB A O2D  1 
HETATM 1682 H  HHA  . HEB B 2 .   ? 11.009  -3.362  4.600   1.00 0.00 ? 107 HEB A HHA  1 
HETATM 1683 H  HHB  . HEB B 2 .   ? 6.443   -5.655  0.722   1.00 0.00 ? 107 HEB A HHB  1 
HETATM 1684 H  HHC  . HEB B 2 .   ? 4.918   0.400   -0.780  1.00 0.00 ? 107 HEB A HHC  1 
HETATM 1685 H  HHD  . HEB B 2 .   ? 9.285   2.678   3.228   1.00 0.00 ? 107 HEB A HHD  1 
HETATM 1686 H  HMA1 . HEB B 2 .   ? 8.645   -7.785  3.072   1.00 0.00 ? 107 HEB A HMA1 1 
HETATM 1687 H  HMA2 . HEB B 2 .   ? 7.100   -7.264  2.405   1.00 0.00 ? 107 HEB A HMA2 1 
HETATM 1688 H  HMA3 . HEB B 2 .   ? 8.483   -7.524  1.318   1.00 0.00 ? 107 HEB A HMA3 1 
HETATM 1689 H  HAA1 . HEB B 2 .   ? 10.642  -7.031  3.765   1.00 0.00 ? 107 HEB A HAA1 1 
HETATM 1690 H  HAA2 . HEB B 2 .   ? 11.611  -5.590  3.489   1.00 0.00 ? 107 HEB A HAA2 1 
HETATM 1691 H  HBA1 . HEB B 2 .   ? 10.609  -6.626  6.005   1.00 0.00 ? 107 HEB A HBA1 1 
HETATM 1692 H  HBA2 . HEB B 2 .   ? 10.067  -4.985  5.811   1.00 0.00 ? 107 HEB A HBA2 1 
HETATM 1693 H  HMB1 . HEB B 2 .   ? 3.504   -4.595  -1.499  1.00 0.00 ? 107 HEB A HMB1 1 
HETATM 1694 H  HMB2 . HEB B 2 .   ? 5.069   -5.418  -1.664  1.00 0.00 ? 107 HEB A HMB2 1 
HETATM 1695 H  HMB3 . HEB B 2 .   ? 4.190   -5.454  -0.119  1.00 0.00 ? 107 HEB A HMB3 1 
HETATM 1696 H  HAB  . HEB B 2 .   ? 4.070   -0.747  -2.181  1.00 0.00 ? 107 HEB A HAB  1 
HETATM 1697 H  HBB1 . HEB B 2 .   ? 1.805   -1.498  -2.307  1.00 0.00 ? 107 HEB A HBB1 1 
HETATM 1698 H  HBB2 . HEB B 2 .   ? 2.159   -2.838  -1.177  1.00 0.00 ? 107 HEB A HBB2 1 
HETATM 1699 H  HBB3 . HEB B 2 .   ? 2.371   -1.142  -0.655  1.00 0.00 ? 107 HEB A HBB3 1 
HETATM 1700 H  HMC1 . HEB B 2 .   ? 4.404   2.488   -0.349  1.00 0.00 ? 107 HEB A HMC1 1 
HETATM 1701 H  HMC2 . HEB B 2 .   ? 5.434   3.951   -0.302  1.00 0.00 ? 107 HEB A HMC2 1 
HETATM 1702 H  HMC3 . HEB B 2 .   ? 5.709   2.700   -1.526  1.00 0.00 ? 107 HEB A HMC3 1 
HETATM 1703 H  HAC  . HEB B 2 .   ? 8.708   4.434   1.336   1.00 0.00 ? 107 HEB A HAC  1 
HETATM 1704 H  HBC1 . HEB B 2 .   ? 5.759   4.808   2.044   1.00 0.00 ? 107 HEB A HBC1 1 
HETATM 1705 H  HBC2 . HEB B 2 .   ? 7.200   5.886   2.510   1.00 0.00 ? 107 HEB A HBC2 1 
HETATM 1706 H  HMD1 . HEB B 2 .   ? 12.036  2.122   4.684   1.00 0.00 ? 107 HEB A HMD1 1 
HETATM 1707 H  HMD2 . HEB B 2 .   ? 10.421  2.649   5.222   1.00 0.00 ? 107 HEB A HMD2 1 
HETATM 1708 H  HMD3 . HEB B 2 .   ? 11.406  1.584   6.243   1.00 0.00 ? 107 HEB A HMD3 1 
HETATM 1709 H  HAD1 . HEB B 2 .   ? 12.427  -2.112  5.513   1.00 0.00 ? 107 HEB A HAD1 1 
HETATM 1710 H  HAD2 . HEB B 2 .   ? 12.798  -0.403  5.780   1.00 0.00 ? 107 HEB A HAD2 1 
HETATM 1711 H  HBD1 . HEB B 2 .   ? 10.906  -0.429  7.494   1.00 0.00 ? 107 HEB A HBD1 1 
HETATM 1712 H  HBD2 . HEB B 2 .   ? 10.853  -2.196  7.271   1.00 0.00 ? 107 HEB A HBD2 1 
# 
